data_8Q0P
#
_entry.id   8Q0P
#
_cell.length_a   174.329
_cell.length_b   84.422
_cell.length_c   120.095
_cell.angle_alpha   90.00
_cell.angle_beta   100.89
_cell.angle_gamma   90.00
#
_symmetry.space_group_name_H-M   'C 1 2 1'
#
loop_
_entity.id
_entity.type
_entity.pdbx_description
1 polymer 'Variant surface glycoprotein MITat 1.21'
2 water water
#
_entity_poly.entity_id   1
_entity_poly.type   'polypeptide(L)'
_entity_poly.pdbx_seq_one_letter_code
;MNYWIAATGALALAVAVTAQGTTLLHNAKAQVTTPCGASHYMRHITRQAESALQAGLKTAQSALETSNKLRVVASSKTGG
AATAASILAANLASEAAKAIETIKTETKNFLAGFAAAAELAGQQTIVSEIKSAQVQDVNTLTAAQAVTTPGIIQVKPKLT
IASTAACFNDDGSPVSDDEAAQPNQGEPTLKFFVVSANTPGTTHNELLTICGHGSTGTAPSTGCQNDATSIGIKGGDFLK
TAAVTTTRLASSAGKTYPAITSTTTIPNDKTLNKAVTAIRELETAVAALDAISDVSSPEDIAARPELTEAIAKALDGDKA
KVDSFAAETFGKESAIVKSTIVKDLKDLKPPKSAVGGSGEKKLETINDPKELADAQIYYTVKKFVDEQEQKKKNQASPSC
PTNTDKTTEPAKSADECKKHTTSDDCKDEKGCEFDEKKDPKCFPKVDTEKKDDKSFSSNVRVSVPQVFAALVLAAF
;
_entity_poly.pdbx_strand_id   A,B,C,D,E,F
#
# COMPACT_ATOMS: atom_id res chain seq x y z
N THR A 22 0.11 23.46 -46.69
CA THR A 22 0.52 22.83 -45.44
C THR A 22 -0.55 21.86 -44.94
N THR A 23 -0.13 20.77 -44.31
CA THR A 23 -1.04 19.74 -43.82
C THR A 23 -1.46 20.05 -42.40
N LEU A 24 -2.78 20.07 -42.16
CA LEU A 24 -3.33 20.41 -40.85
C LEU A 24 -3.52 19.12 -40.06
N LEU A 25 -2.54 18.80 -39.20
CA LEU A 25 -2.62 17.59 -38.39
C LEU A 25 -3.83 17.61 -37.48
N HIS A 26 -4.19 18.79 -36.96
CA HIS A 26 -5.24 18.93 -35.98
C HIS A 26 -6.55 19.32 -36.67
N ASN A 27 -7.65 18.77 -36.16
CA ASN A 27 -8.98 19.02 -36.71
C ASN A 27 -9.61 20.19 -35.95
N ALA A 28 -9.76 21.33 -36.63
CA ALA A 28 -10.33 22.51 -35.99
C ALA A 28 -11.82 22.36 -35.72
N LYS A 29 -12.52 21.58 -36.56
CA LYS A 29 -13.96 21.38 -36.42
C LYS A 29 -14.30 20.21 -35.51
N ALA A 30 -13.36 19.74 -34.70
CA ALA A 30 -13.59 18.66 -33.76
C ALA A 30 -13.78 19.23 -32.36
N GLN A 31 -14.86 18.85 -31.70
CA GLN A 31 -15.08 19.20 -30.31
C GLN A 31 -15.07 17.91 -29.50
N VAL A 32 -13.97 17.70 -28.77
CA VAL A 32 -13.76 16.48 -28.01
C VAL A 32 -14.52 16.62 -26.68
N THR A 33 -15.53 15.78 -26.48
CA THR A 33 -16.28 15.77 -25.24
C THR A 33 -16.48 14.37 -24.67
N THR A 34 -15.91 13.35 -25.30
CA THR A 34 -16.04 11.96 -24.85
C THR A 34 -14.73 11.25 -25.13
N PRO A 35 -14.43 10.19 -24.37
CA PRO A 35 -13.27 9.36 -24.70
C PRO A 35 -13.25 8.86 -26.14
N CYS A 36 -14.37 8.38 -26.68
CA CYS A 36 -14.35 7.95 -28.07
C CYS A 36 -14.02 9.13 -28.99
N GLY A 37 -14.50 10.32 -28.66
CA GLY A 37 -14.12 11.50 -29.43
C GLY A 37 -12.63 11.77 -29.38
N ALA A 38 -12.03 11.66 -28.19
CA ALA A 38 -10.59 11.85 -28.07
C ALA A 38 -9.81 10.84 -28.90
N SER A 39 -10.31 9.60 -28.98
CA SER A 39 -9.62 8.60 -29.78
C SER A 39 -9.69 8.92 -31.27
N HIS A 40 -10.85 9.36 -31.74
CA HIS A 40 -10.97 9.73 -33.16
C HIS A 40 -10.12 10.96 -33.49
N TYR A 41 -9.98 11.90 -32.56
CA TYR A 41 -9.11 13.05 -32.80
C TYR A 41 -7.67 12.61 -33.03
N MET A 42 -7.19 11.64 -32.22
CA MET A 42 -5.85 11.11 -32.39
C MET A 42 -5.69 10.37 -33.72
N ARG A 43 -6.70 9.59 -34.12
CA ARG A 43 -6.63 8.90 -35.40
C ARG A 43 -6.60 9.89 -36.56
N HIS A 44 -7.25 11.04 -36.40
CA HIS A 44 -7.20 12.09 -37.41
C HIS A 44 -5.78 12.61 -37.58
N ILE A 45 -5.04 12.73 -36.47
CA ILE A 45 -3.64 13.12 -36.56
C ILE A 45 -2.86 12.11 -37.40
N THR A 46 -3.09 10.81 -37.18
CA THR A 46 -2.34 9.82 -37.96
C THR A 46 -2.70 9.87 -39.43
N ARG A 47 -4.00 10.06 -39.75
CA ARG A 47 -4.40 10.17 -41.15
C ARG A 47 -3.73 11.37 -41.83
N GLN A 48 -3.73 12.52 -41.14
CA GLN A 48 -3.09 13.71 -41.71
C GLN A 48 -1.58 13.53 -41.82
N ALA A 49 -0.96 12.92 -40.82
CA ALA A 49 0.48 12.65 -40.88
C ALA A 49 0.83 11.77 -42.08
N GLU A 50 0.00 10.76 -42.35
CA GLU A 50 0.23 9.89 -43.48
C GLU A 50 0.15 10.64 -44.80
N SER A 51 -0.86 11.50 -44.96
CA SER A 51 -0.97 12.26 -46.20
C SER A 51 0.26 13.13 -46.43
N ALA A 52 0.82 13.71 -45.37
CA ALA A 52 2.03 14.53 -45.55
C ALA A 52 3.21 13.68 -45.99
N LEU A 53 3.33 12.46 -45.43
CA LEU A 53 4.40 11.57 -45.86
C LEU A 53 4.24 11.17 -47.32
N GLN A 54 3.01 10.84 -47.74
CA GLN A 54 2.79 10.44 -49.12
C GLN A 54 3.15 11.57 -50.09
N ALA A 55 2.74 12.80 -49.79
CA ALA A 55 3.04 13.92 -50.68
C ALA A 55 4.54 14.14 -50.80
N GLY A 56 5.27 14.02 -49.68
CA GLY A 56 6.72 14.07 -49.75
C GLY A 56 7.30 12.96 -50.60
N LEU A 57 6.77 11.74 -50.46
CA LEU A 57 7.18 10.62 -51.30
C LEU A 57 6.89 10.90 -52.78
N LYS A 58 5.71 11.46 -53.06
CA LYS A 58 5.34 11.74 -54.45
C LYS A 58 6.20 12.86 -55.02
N THR A 59 6.53 13.87 -54.20
CA THR A 59 7.40 14.94 -54.67
C THR A 59 8.77 14.41 -55.04
N ALA A 60 9.33 13.54 -54.20
CA ALA A 60 10.61 12.91 -54.55
C ALA A 60 10.47 12.01 -55.77
N GLN A 61 9.33 11.33 -55.90
CA GLN A 61 9.11 10.46 -57.06
C GLN A 61 8.99 11.26 -58.35
N SER A 62 8.33 12.42 -58.30
CA SER A 62 8.18 13.24 -59.49
C SER A 62 9.51 13.82 -59.93
N ALA A 63 10.45 14.02 -59.01
CA ALA A 63 11.77 14.54 -59.31
C ALA A 63 12.72 13.47 -59.84
N LEU A 64 12.19 12.37 -60.37
CA LEU A 64 13.04 11.30 -60.91
C LEU A 64 12.65 10.98 -62.35
N SER A 94 20.76 16.97 -57.03
CA SER A 94 19.39 16.84 -57.51
C SER A 94 18.40 17.09 -56.38
N GLU A 95 17.21 17.57 -56.73
CA GLU A 95 16.19 17.82 -55.71
C GLU A 95 15.68 16.53 -55.09
N ALA A 96 15.71 15.42 -55.84
CA ALA A 96 15.28 14.15 -55.26
C ALA A 96 16.24 13.68 -54.16
N ALA A 97 17.49 14.13 -54.21
CA ALA A 97 18.41 13.62 -53.17
C ALA A 97 18.08 14.29 -51.84
N LYS A 98 17.75 15.57 -51.88
CA LYS A 98 17.49 16.31 -50.62
C LYS A 98 16.10 15.94 -50.08
N ALA A 99 15.17 15.60 -50.97
CA ALA A 99 13.84 15.16 -50.50
C ALA A 99 14.05 13.87 -49.71
N ILE A 100 14.57 12.84 -50.37
CA ILE A 100 14.82 11.58 -49.67
C ILE A 100 15.58 11.83 -48.37
N GLU A 101 16.54 12.75 -48.40
CA GLU A 101 17.30 13.09 -47.19
C GLU A 101 16.40 13.64 -46.10
N THR A 102 15.44 14.50 -46.45
CA THR A 102 14.56 15.05 -45.43
C THR A 102 13.62 13.98 -44.88
N ILE A 103 13.07 13.14 -45.76
CA ILE A 103 12.20 12.06 -45.31
C ILE A 103 12.96 11.12 -44.38
N LYS A 104 14.17 10.75 -44.77
CA LYS A 104 14.92 9.77 -43.93
C LYS A 104 15.27 10.41 -42.58
N THR A 105 15.75 11.63 -42.61
CA THR A 105 16.20 12.30 -41.36
C THR A 105 15.02 12.48 -40.40
N GLU A 106 13.81 12.65 -40.93
CA GLU A 106 12.63 12.94 -40.09
C GLU A 106 11.83 11.68 -39.76
N THR A 107 12.24 10.53 -40.29
CA THR A 107 11.46 9.31 -40.11
C THR A 107 11.37 8.94 -38.64
N LYS A 108 12.48 9.04 -37.89
CA LYS A 108 12.48 8.71 -36.48
C LYS A 108 11.49 9.58 -35.70
N ASN A 109 11.49 10.88 -35.97
CA ASN A 109 10.54 11.77 -35.29
C ASN A 109 9.12 11.53 -35.77
N PHE A 110 8.95 11.31 -37.08
CA PHE A 110 7.63 11.05 -37.63
C PHE A 110 7.02 9.79 -37.00
N LEU A 111 7.77 8.69 -36.98
CA LEU A 111 7.20 7.43 -36.50
C LEU A 111 7.02 7.42 -34.99
N ALA A 112 7.88 8.11 -34.24
CA ALA A 112 7.71 8.14 -32.80
C ALA A 112 6.41 8.84 -32.41
N GLY A 113 6.11 9.97 -33.06
CA GLY A 113 4.88 10.67 -32.75
C GLY A 113 3.64 10.05 -33.38
N PHE A 114 3.81 9.41 -34.53
CA PHE A 114 2.74 8.63 -35.14
C PHE A 114 2.33 7.49 -34.21
N ALA A 115 3.33 6.77 -33.69
CA ALA A 115 3.06 5.72 -32.72
C ALA A 115 2.41 6.27 -31.46
N ALA A 116 2.83 7.46 -31.03
CA ALA A 116 2.27 8.01 -29.80
C ALA A 116 0.82 8.41 -29.97
N ALA A 117 0.48 9.01 -31.12
CA ALA A 117 -0.92 9.33 -31.39
C ALA A 117 -1.78 8.07 -31.41
N ALA A 118 -1.27 7.01 -32.05
CA ALA A 118 -2.00 5.74 -32.07
C ALA A 118 -2.13 5.16 -30.67
N GLU A 119 -1.05 5.20 -29.87
CA GLU A 119 -1.13 4.67 -28.50
C GLU A 119 -2.17 5.42 -27.69
N LEU A 120 -2.25 6.74 -27.86
CA LEU A 120 -3.22 7.54 -27.12
C LEU A 120 -4.64 7.20 -27.57
N ALA A 121 -4.85 6.97 -28.87
CA ALA A 121 -6.15 6.50 -29.35
C ALA A 121 -6.51 5.17 -28.71
N GLY A 122 -5.54 4.27 -28.59
CA GLY A 122 -5.81 3.00 -27.94
C GLY A 122 -6.22 3.16 -26.48
N GLN A 123 -5.47 3.98 -25.74
CA GLN A 123 -5.80 4.21 -24.33
C GLN A 123 -7.20 4.79 -24.17
N GLN A 124 -7.55 5.78 -24.98
CA GLN A 124 -8.88 6.38 -24.87
C GLN A 124 -9.98 5.39 -25.23
N THR A 125 -9.69 4.44 -26.11
CA THR A 125 -10.70 3.43 -26.45
C THR A 125 -11.02 2.55 -25.25
N ILE A 126 -9.99 2.16 -24.49
CA ILE A 126 -10.25 1.39 -23.27
C ILE A 126 -10.92 2.25 -22.22
N VAL A 127 -10.52 3.53 -22.10
CA VAL A 127 -11.18 4.42 -21.17
C VAL A 127 -12.66 4.52 -21.48
N SER A 128 -13.01 4.55 -22.78
CA SER A 128 -14.42 4.68 -23.13
C SER A 128 -15.23 3.43 -22.75
N GLU A 129 -14.59 2.26 -22.69
CA GLU A 129 -15.30 1.06 -22.30
C GLU A 129 -15.35 0.90 -20.79
N ILE A 130 -14.25 1.14 -20.09
CA ILE A 130 -14.17 0.87 -18.63
C ILE A 130 -14.96 1.89 -17.79
N LYS A 131 -15.21 3.08 -18.31
CA LYS A 131 -15.95 4.14 -17.55
C LYS A 131 -17.33 3.61 -17.16
N SER A 132 -17.85 2.64 -17.89
CA SER A 132 -19.18 2.05 -17.65
C SER A 132 -19.18 1.13 -16.42
N ALA A 133 -18.03 0.87 -15.81
CA ALA A 133 -18.00 -0.11 -14.72
C ALA A 133 -18.88 0.33 -13.56
N GLN A 134 -19.72 -0.61 -13.08
CA GLN A 134 -20.66 -0.30 -12.02
C GLN A 134 -20.72 -1.45 -11.02
N VAL A 135 -21.07 -1.09 -9.77
CA VAL A 135 -21.55 -2.03 -8.77
C VAL A 135 -23.08 -2.04 -8.85
N GLN A 136 -23.67 -3.23 -8.99
CA GLN A 136 -25.12 -3.32 -9.15
C GLN A 136 -25.83 -3.19 -7.81
N ASP A 137 -27.03 -2.60 -7.83
CA ASP A 137 -27.89 -2.68 -6.64
C ASP A 137 -28.26 -4.13 -6.38
N VAL A 138 -28.49 -4.44 -5.09
CA VAL A 138 -29.00 -5.74 -4.65
C VAL A 138 -30.13 -5.51 -3.66
N ASN A 139 -31.27 -6.16 -3.90
CA ASN A 139 -32.43 -6.03 -3.03
C ASN A 139 -32.11 -6.41 -1.59
N THR A 140 -32.73 -5.71 -0.64
CA THR A 140 -32.48 -6.02 0.76
C THR A 140 -32.96 -7.42 1.10
N LEU A 141 -32.30 -8.02 2.10
CA LEU A 141 -32.73 -9.30 2.64
C LEU A 141 -32.62 -9.27 4.16
N THR A 142 -33.59 -9.86 4.84
CA THR A 142 -33.53 -10.06 6.29
C THR A 142 -32.11 -10.37 6.75
N ALA A 143 -31.63 -9.61 7.75
CA ALA A 143 -30.18 -9.51 7.95
C ALA A 143 -29.56 -10.87 8.23
N ALA A 144 -30.24 -11.73 8.99
CA ALA A 144 -29.69 -13.04 9.35
C ALA A 144 -29.44 -13.91 8.12
N GLN A 145 -30.28 -13.77 7.08
CA GLN A 145 -30.09 -14.50 5.82
C GLN A 145 -29.18 -13.79 4.83
N ALA A 146 -28.87 -12.51 5.07
CA ALA A 146 -28.05 -11.73 4.15
C ALA A 146 -26.56 -12.05 4.24
N VAL A 147 -26.13 -12.81 5.24
CA VAL A 147 -24.70 -13.03 5.48
C VAL A 147 -24.28 -14.46 5.17
N THR A 148 -25.14 -15.27 4.55
CA THR A 148 -24.72 -16.64 4.24
C THR A 148 -25.55 -17.19 3.10
N THR A 149 -25.10 -18.34 2.57
CA THR A 149 -25.86 -19.03 1.54
C THR A 149 -27.23 -19.42 2.09
N PRO A 150 -28.27 -19.44 1.25
CA PRO A 150 -28.30 -19.11 -0.18
C PRO A 150 -28.54 -17.63 -0.49
N GLY A 151 -28.80 -16.79 0.52
CA GLY A 151 -29.17 -15.42 0.23
C GLY A 151 -28.10 -14.35 0.33
N ILE A 152 -26.82 -14.73 0.44
CA ILE A 152 -25.78 -13.77 0.79
C ILE A 152 -25.80 -12.61 -0.19
N ILE A 153 -25.80 -11.39 0.37
CA ILE A 153 -25.75 -10.19 -0.45
C ILE A 153 -24.37 -10.05 -1.06
N GLN A 154 -24.31 -9.91 -2.38
CA GLN A 154 -23.06 -9.87 -3.11
C GLN A 154 -22.75 -8.47 -3.63
N VAL A 155 -21.46 -8.13 -3.69
CA VAL A 155 -20.97 -6.98 -4.43
C VAL A 155 -20.81 -7.44 -5.87
N LYS A 156 -21.66 -6.96 -6.77
CA LYS A 156 -21.72 -7.48 -8.13
C LYS A 156 -21.07 -6.51 -9.12
N PRO A 157 -19.85 -6.78 -9.59
CA PRO A 157 -19.29 -5.97 -10.68
C PRO A 157 -20.08 -6.14 -11.96
N LYS A 158 -20.14 -5.08 -12.75
CA LYS A 158 -20.83 -5.15 -14.04
C LYS A 158 -20.15 -4.19 -15.01
N LEU A 159 -19.98 -4.64 -16.25
CA LEU A 159 -19.48 -3.80 -17.32
C LEU A 159 -20.54 -3.73 -18.42
N THR A 160 -20.45 -2.68 -19.22
CA THR A 160 -21.26 -2.50 -20.41
C THR A 160 -20.33 -2.61 -21.61
N ILE A 161 -20.44 -3.69 -22.35
CA ILE A 161 -19.52 -4.02 -23.43
C ILE A 161 -20.11 -3.59 -24.76
N ALA A 162 -19.33 -2.87 -25.56
CA ALA A 162 -19.77 -2.49 -26.89
C ALA A 162 -20.09 -3.73 -27.72
N SER A 163 -21.15 -3.64 -28.52
CA SER A 163 -21.52 -4.72 -29.43
C SER A 163 -20.85 -4.57 -30.79
N THR A 164 -20.10 -3.51 -30.98
CA THR A 164 -19.26 -3.29 -32.15
C THR A 164 -17.81 -3.20 -31.68
N ALA A 165 -16.90 -3.02 -32.62
CA ALA A 165 -15.60 -2.47 -32.26
C ALA A 165 -15.79 -1.16 -31.51
N ALA A 166 -15.18 -1.06 -30.32
CA ALA A 166 -15.41 0.10 -29.46
C ALA A 166 -15.06 1.38 -30.18
N CYS A 167 -15.98 2.34 -30.13
CA CYS A 167 -15.91 3.66 -30.78
C CYS A 167 -16.21 3.60 -32.27
N PHE A 168 -16.68 2.47 -32.79
CA PHE A 168 -16.96 2.36 -34.21
C PHE A 168 -18.35 1.75 -34.43
N ASN A 169 -18.94 2.08 -35.58
CA ASN A 169 -20.16 1.43 -36.01
C ASN A 169 -19.85 0.06 -36.61
N ASP A 170 -20.91 -0.70 -36.90
CA ASP A 170 -20.74 -2.00 -37.52
C ASP A 170 -20.19 -1.87 -38.93
N ASP A 171 -20.63 -0.84 -39.66
CA ASP A 171 -20.12 -0.61 -41.02
C ASP A 171 -18.69 -0.12 -41.02
N GLY A 172 -18.16 0.32 -39.88
CA GLY A 172 -16.78 0.74 -39.76
C GLY A 172 -16.59 2.24 -39.57
N SER A 173 -17.66 3.03 -39.60
CA SER A 173 -17.56 4.47 -39.45
C SER A 173 -17.38 4.84 -37.97
N PRO A 174 -16.71 5.96 -37.69
CA PRO A 174 -16.48 6.34 -36.30
C PRO A 174 -17.77 6.77 -35.60
N VAL A 175 -17.77 6.65 -34.27
CA VAL A 175 -18.77 7.28 -33.41
C VAL A 175 -18.06 7.90 -32.20
N SER A 176 -18.14 9.22 -32.06
CA SER A 176 -17.53 9.93 -30.96
C SER A 176 -18.39 9.86 -29.70
N GLY A 186 -5.55 29.37 -34.56
CA GLY A 186 -5.54 29.08 -33.14
C GLY A 186 -4.70 27.85 -32.80
N GLU A 187 -4.07 27.87 -31.64
CA GLU A 187 -3.23 26.76 -31.24
C GLU A 187 -4.09 25.55 -30.90
N PRO A 188 -3.63 24.33 -31.22
CA PRO A 188 -4.43 23.14 -30.93
C PRO A 188 -4.45 22.80 -29.45
N THR A 189 -5.48 22.06 -29.07
CA THR A 189 -5.63 21.52 -27.73
C THR A 189 -5.74 20.00 -27.81
N LEU A 190 -4.92 19.32 -27.02
CA LEU A 190 -5.04 17.87 -26.85
C LEU A 190 -5.85 17.63 -25.60
N LYS A 191 -6.95 16.88 -25.72
CA LYS A 191 -7.84 16.56 -24.62
C LYS A 191 -7.92 15.05 -24.46
N PHE A 192 -7.73 14.57 -23.24
CA PHE A 192 -7.85 13.15 -22.93
C PHE A 192 -8.74 12.99 -21.71
N PHE A 193 -9.38 11.82 -21.60
CA PHE A 193 -10.18 11.48 -20.44
C PHE A 193 -9.44 10.44 -19.62
N VAL A 194 -9.51 10.58 -18.29
CA VAL A 194 -8.80 9.72 -17.35
C VAL A 194 -9.78 9.24 -16.29
N VAL A 195 -9.51 8.07 -15.71
CA VAL A 195 -10.40 7.51 -14.68
C VAL A 195 -9.68 7.40 -13.34
N SER A 196 -10.46 7.43 -12.28
CA SER A 196 -9.97 7.15 -10.93
C SER A 196 -11.11 6.52 -10.14
N ALA A 197 -10.77 5.99 -8.96
CA ALA A 197 -11.78 5.35 -8.11
C ALA A 197 -12.85 6.36 -7.72
N ASN A 198 -14.11 5.95 -7.85
CA ASN A 198 -15.21 6.81 -7.45
C ASN A 198 -15.25 6.94 -5.93
N THR A 199 -15.96 7.97 -5.46
CA THR A 199 -16.10 8.21 -4.02
C THR A 199 -17.46 7.69 -3.55
N PRO A 200 -17.50 6.76 -2.60
CA PRO A 200 -18.80 6.25 -2.13
C PRO A 200 -19.52 7.25 -1.25
N GLY A 201 -20.82 7.01 -1.07
CA GLY A 201 -21.65 7.83 -0.23
C GLY A 201 -21.28 7.71 1.24
N THR A 202 -21.84 8.63 2.05
CA THR A 202 -21.51 8.72 3.46
C THR A 202 -22.73 8.61 4.37
N THR A 203 -23.91 8.30 3.83
CA THR A 203 -25.09 8.10 4.66
C THR A 203 -26.06 7.26 3.85
N HIS A 204 -27.17 6.87 4.49
CA HIS A 204 -28.11 5.96 3.84
C HIS A 204 -28.73 6.61 2.61
N ASN A 205 -29.00 5.76 1.61
CA ASN A 205 -29.59 6.15 0.32
C ASN A 205 -28.61 6.93 -0.56
N GLU A 206 -27.32 6.70 -0.40
CA GLU A 206 -26.30 7.27 -1.28
C GLU A 206 -25.53 6.12 -1.93
N LEU A 207 -24.87 6.42 -3.05
CA LEU A 207 -24.26 5.38 -3.86
C LEU A 207 -23.25 4.55 -3.05
N LEU A 208 -23.03 3.31 -3.51
CA LEU A 208 -21.92 2.48 -3.07
C LEU A 208 -21.93 2.27 -1.55
N THR A 209 -23.11 1.90 -1.01
CA THR A 209 -23.25 1.66 0.41
C THR A 209 -24.12 0.43 0.65
N ILE A 210 -23.99 -0.13 1.85
CA ILE A 210 -24.96 -1.10 2.32
C ILE A 210 -26.30 -0.40 2.51
N CYS A 211 -27.36 -1.00 1.97
CA CYS A 211 -28.69 -0.40 1.94
C CYS A 211 -29.57 -1.06 2.99
N GLY A 212 -30.07 -0.29 3.93
CA GLY A 212 -30.96 -0.79 4.96
C GLY A 212 -32.42 -0.53 4.60
N HIS A 213 -33.29 -1.45 5.00
CA HIS A 213 -34.72 -1.21 4.85
C HIS A 213 -35.48 -2.01 5.89
N GLY A 214 -36.62 -1.45 6.32
CA GLY A 214 -37.51 -2.16 7.23
C GLY A 214 -38.15 -3.38 6.60
N SER A 215 -38.26 -3.42 5.28
CA SER A 215 -38.96 -4.48 4.57
C SER A 215 -37.98 -5.27 3.72
N THR A 216 -37.84 -6.56 4.02
CA THR A 216 -37.01 -7.42 3.19
C THR A 216 -37.55 -7.46 1.76
N GLY A 217 -36.65 -7.62 0.79
CA GLY A 217 -37.05 -7.66 -0.59
C GLY A 217 -37.12 -6.32 -1.31
N THR A 218 -36.70 -5.24 -0.66
CA THR A 218 -36.86 -3.90 -1.25
C THR A 218 -35.71 -3.59 -2.19
N ALA A 219 -36.05 -3.07 -3.37
CA ALA A 219 -35.04 -2.58 -4.30
C ALA A 219 -34.45 -1.27 -3.79
N PRO A 220 -33.13 -1.15 -3.69
CA PRO A 220 -32.54 0.12 -3.22
C PRO A 220 -32.96 1.34 -4.03
N SER A 221 -33.31 1.17 -5.31
CA SER A 221 -33.77 2.30 -6.12
C SER A 221 -34.99 2.99 -5.53
N THR A 222 -35.77 2.30 -4.69
CA THR A 222 -36.93 2.95 -4.09
C THR A 222 -36.62 3.67 -2.78
N GLY A 223 -35.37 3.65 -2.33
CA GLY A 223 -35.01 4.44 -1.15
C GLY A 223 -34.54 3.63 0.04
N CYS A 224 -33.25 3.71 0.35
CA CYS A 224 -32.68 3.07 1.52
C CYS A 224 -33.01 3.86 2.77
N GLN A 225 -33.00 3.17 3.91
CA GLN A 225 -33.41 3.76 5.18
C GLN A 225 -32.33 3.52 6.23
N ASN A 226 -32.45 4.26 7.33
CA ASN A 226 -31.67 4.01 8.54
C ASN A 226 -32.35 2.89 9.34
N ASP A 227 -32.27 1.68 8.78
CA ASP A 227 -32.99 0.54 9.34
C ASP A 227 -32.28 -0.74 8.91
N ALA A 228 -31.82 -1.53 9.87
CA ALA A 228 -31.03 -2.71 9.56
C ALA A 228 -31.81 -4.02 9.64
N THR A 229 -33.14 -3.96 9.64
CA THR A 229 -33.95 -5.18 9.61
C THR A 229 -33.58 -6.03 8.40
N SER A 230 -33.47 -5.40 7.24
CA SER A 230 -32.97 -6.07 6.05
C SER A 230 -31.87 -5.20 5.45
N ILE A 231 -30.95 -5.84 4.74
CA ILE A 231 -29.82 -5.14 4.16
C ILE A 231 -29.62 -5.59 2.72
N GLY A 232 -29.27 -4.63 1.86
CA GLY A 232 -28.91 -4.91 0.50
C GLY A 232 -27.71 -4.06 0.13
N ILE A 233 -27.56 -3.74 -1.15
CA ILE A 233 -26.47 -2.88 -1.58
C ILE A 233 -27.03 -1.85 -2.55
N LYS A 234 -26.76 -0.58 -2.28
CA LYS A 234 -26.99 0.46 -3.27
C LYS A 234 -25.69 0.62 -4.06
N GLY A 235 -25.75 0.35 -5.36
CA GLY A 235 -24.57 0.34 -6.21
C GLY A 235 -24.20 1.71 -6.73
N GLY A 236 -23.59 1.74 -7.90
CA GLY A 236 -23.19 2.99 -8.52
C GLY A 236 -21.95 2.81 -9.37
N ASP A 237 -21.48 3.91 -9.92
CA ASP A 237 -20.28 3.89 -10.76
C ASP A 237 -19.07 3.50 -9.94
N PHE A 238 -18.28 2.55 -10.46
CA PHE A 238 -17.03 2.20 -9.80
C PHE A 238 -15.96 3.25 -10.06
N LEU A 239 -16.02 3.97 -11.18
CA LEU A 239 -14.99 4.94 -11.52
C LEU A 239 -15.57 6.34 -11.66
N LYS A 240 -14.69 7.31 -11.50
CA LYS A 240 -14.97 8.70 -11.83
C LYS A 240 -14.11 9.06 -13.04
N THR A 241 -14.70 9.73 -14.02
CA THR A 241 -14.04 10.10 -15.27
C THR A 241 -13.92 11.61 -15.34
N ALA A 242 -12.74 12.10 -15.71
CA ALA A 242 -12.49 13.52 -15.88
C ALA A 242 -11.63 13.75 -17.10
N ALA A 243 -11.68 14.97 -17.61
CA ALA A 243 -10.86 15.37 -18.75
C ALA A 243 -9.62 16.08 -18.24
N VAL A 244 -8.52 15.91 -18.97
CA VAL A 244 -7.32 16.73 -18.83
C VAL A 244 -7.01 17.28 -20.20
N THR A 245 -6.39 18.45 -20.24
CA THR A 245 -6.13 19.16 -21.50
C THR A 245 -4.76 19.82 -21.45
N THR A 246 -4.16 19.97 -22.63
CA THR A 246 -2.98 20.78 -22.78
C THR A 246 -3.11 21.54 -24.10
N THR A 247 -2.94 22.86 -24.06
CA THR A 247 -3.07 23.71 -25.23
C THR A 247 -1.70 24.21 -25.64
N ARG A 248 -1.30 23.91 -26.87
CA ARG A 248 0.00 24.34 -27.37
C ARG A 248 0.13 25.85 -27.28
N LEU A 249 1.36 26.33 -27.10
CA LEU A 249 1.64 27.76 -27.07
C LEU A 249 3.02 28.02 -27.67
N ALA A 250 3.20 29.23 -28.18
CA ALA A 250 4.48 29.64 -28.74
C ALA A 250 5.52 29.76 -27.65
N SER A 251 6.67 29.14 -27.87
CA SER A 251 7.77 29.16 -26.92
C SER A 251 8.93 29.94 -27.51
N SER A 252 9.96 30.18 -26.70
CA SER A 252 11.06 31.02 -27.15
C SER A 252 11.75 30.47 -28.39
N ALA A 253 11.72 29.15 -28.58
CA ALA A 253 12.36 28.52 -29.73
C ALA A 253 11.39 27.89 -30.72
N GLY A 254 10.10 27.83 -30.42
CA GLY A 254 9.15 27.20 -31.31
C GLY A 254 7.76 27.10 -30.71
N LYS A 255 7.25 25.88 -30.59
CA LYS A 255 5.96 25.63 -29.96
C LYS A 255 6.13 24.52 -28.95
N THR A 256 5.30 24.55 -27.90
CA THR A 256 5.46 23.62 -26.80
C THR A 256 4.10 23.38 -26.14
N TYR A 257 3.90 22.17 -25.60
CA TYR A 257 2.68 21.82 -24.85
C TYR A 257 2.95 21.92 -23.36
N PRO A 258 2.17 22.67 -22.59
CA PRO A 258 2.31 22.61 -21.12
C PRO A 258 2.06 21.19 -20.61
N ALA A 259 2.65 20.90 -19.46
CA ALA A 259 2.51 19.56 -18.89
C ALA A 259 1.08 19.33 -18.41
N ILE A 260 0.65 18.09 -18.52
CA ILE A 260 -0.60 17.65 -17.90
C ILE A 260 -0.30 17.31 -16.45
N THR A 261 -1.19 17.71 -15.55
CA THR A 261 -1.11 17.33 -14.13
C THR A 261 -2.25 16.34 -13.85
N SER A 262 -1.89 15.10 -13.59
CA SER A 262 -2.85 14.04 -13.27
C SER A 262 -2.12 12.86 -12.65
N THR A 263 -1.83 12.94 -11.36
CA THR A 263 -0.94 11.98 -10.72
C THR A 263 -1.62 10.71 -10.26
N THR A 264 -2.93 10.72 -10.04
CA THR A 264 -3.63 9.58 -9.46
C THR A 264 -4.74 9.08 -10.36
N THR A 265 -4.49 8.97 -11.66
CA THR A 265 -5.52 8.55 -12.61
C THR A 265 -4.95 7.53 -13.58
N ILE A 266 -5.83 6.94 -14.36
CA ILE A 266 -5.47 5.99 -15.41
C ILE A 266 -6.02 6.54 -16.72
N PRO A 267 -5.18 6.88 -17.70
CA PRO A 267 -3.71 6.94 -17.58
C PRO A 267 -3.27 8.10 -16.67
N ASN A 268 -2.01 8.09 -16.20
CA ASN A 268 -1.50 9.15 -15.36
C ASN A 268 -0.75 10.17 -16.23
N ASP A 269 -0.27 11.24 -15.59
CA ASP A 269 0.30 12.34 -16.39
C ASP A 269 1.68 12.00 -16.93
N LYS A 270 2.43 11.13 -16.25
CA LYS A 270 3.70 10.68 -16.82
C LYS A 270 3.49 9.95 -18.14
N THR A 271 2.46 9.12 -18.21
CA THR A 271 2.13 8.44 -19.45
C THR A 271 1.66 9.42 -20.52
N LEU A 272 0.84 10.40 -20.13
CA LEU A 272 0.32 11.36 -21.09
C LEU A 272 1.41 12.32 -21.57
N ASN A 273 2.23 12.83 -20.64
CA ASN A 273 3.25 13.81 -21.03
C ASN A 273 4.29 13.18 -21.94
N LYS A 274 4.61 11.90 -21.71
CA LYS A 274 5.55 11.22 -22.58
C LYS A 274 5.02 11.15 -24.02
N ALA A 275 3.72 10.88 -24.17
CA ALA A 275 3.13 10.77 -25.50
C ALA A 275 2.99 12.13 -26.17
N VAL A 276 2.66 13.17 -25.40
CA VAL A 276 2.49 14.50 -25.98
C VAL A 276 3.83 15.00 -26.52
N THR A 277 4.90 14.84 -25.73
CA THR A 277 6.24 15.16 -26.20
C THR A 277 6.51 14.54 -27.57
N ALA A 278 6.13 13.28 -27.76
CA ALA A 278 6.36 12.65 -29.06
C ALA A 278 5.42 13.16 -30.12
N ILE A 279 4.20 13.55 -29.76
CA ILE A 279 3.32 14.15 -30.74
C ILE A 279 3.93 15.46 -31.27
N ARG A 280 4.56 16.24 -30.38
CA ARG A 280 5.20 17.47 -30.81
C ARG A 280 6.30 17.20 -31.83
N GLU A 281 7.07 16.12 -31.62
CA GLU A 281 8.08 15.75 -32.59
C GLU A 281 7.46 15.31 -33.92
N LEU A 282 6.25 14.74 -33.88
CA LEU A 282 5.57 14.44 -35.14
C LEU A 282 5.20 15.72 -35.88
N GLU A 283 4.76 16.74 -35.14
CA GLU A 283 4.34 17.98 -35.78
C GLU A 283 5.50 18.67 -36.48
N THR A 284 6.67 18.73 -35.84
CA THR A 284 7.83 19.30 -36.52
C THR A 284 8.28 18.43 -37.68
N ALA A 285 8.13 17.10 -37.56
CA ALA A 285 8.50 16.22 -38.66
C ALA A 285 7.59 16.47 -39.86
N VAL A 286 6.30 16.69 -39.60
CA VAL A 286 5.34 16.94 -40.67
C VAL A 286 5.60 18.30 -41.32
N ALA A 287 5.92 19.32 -40.51
CA ALA A 287 6.27 20.62 -41.08
C ALA A 287 7.49 20.51 -41.99
N ALA A 288 8.51 19.77 -41.56
CA ALA A 288 9.67 19.54 -42.41
C ALA A 288 9.29 18.78 -43.68
N LEU A 289 8.31 17.88 -43.57
CA LEU A 289 7.85 17.14 -44.75
C LEU A 289 7.12 18.07 -45.72
N ASP A 290 6.35 19.02 -45.19
CA ASP A 290 5.64 19.97 -46.05
C ASP A 290 6.60 20.91 -46.75
N ALA A 291 7.74 21.22 -46.12
CA ALA A 291 8.73 22.09 -46.73
C ALA A 291 9.34 21.49 -47.99
N ILE A 292 9.28 20.16 -48.14
CA ILE A 292 9.79 19.52 -49.35
C ILE A 292 9.05 20.03 -50.57
N SER A 293 7.72 20.00 -50.53
CA SER A 293 6.89 20.45 -51.64
C SER A 293 6.60 21.94 -51.59
N ASP A 294 7.47 22.72 -50.95
CA ASP A 294 7.28 24.17 -50.86
C ASP A 294 8.60 24.90 -51.03
N THR B 23 14.05 -8.38 -41.91
CA THR B 23 13.47 -7.76 -40.72
C THR B 23 12.50 -8.71 -40.03
N LEU B 24 12.76 -8.97 -38.74
CA LEU B 24 11.95 -9.87 -37.93
C LEU B 24 11.07 -9.05 -37.02
N LEU B 25 9.82 -8.82 -37.45
CA LEU B 25 8.89 -8.00 -36.66
C LEU B 25 8.57 -8.62 -35.31
N HIS B 26 8.64 -9.94 -35.21
CA HIS B 26 8.15 -10.67 -34.04
C HIS B 26 9.31 -11.13 -33.19
N ASN B 27 9.35 -10.67 -31.94
CA ASN B 27 10.36 -11.11 -30.98
C ASN B 27 10.12 -12.57 -30.63
N ALA B 28 10.90 -13.46 -31.25
CA ALA B 28 10.71 -14.90 -31.04
C ALA B 28 11.04 -15.31 -29.61
N LYS B 29 11.96 -14.61 -28.95
CA LYS B 29 12.37 -14.93 -27.59
C LYS B 29 11.57 -14.15 -26.54
N ALA B 30 10.38 -13.66 -26.89
CA ALA B 30 9.53 -12.96 -25.94
C ALA B 30 8.58 -13.96 -25.26
N GLN B 31 8.43 -13.83 -23.95
CA GLN B 31 7.54 -14.65 -23.15
C GLN B 31 6.50 -13.72 -22.55
N VAL B 32 5.46 -13.42 -23.33
CA VAL B 32 4.43 -12.47 -22.93
C VAL B 32 3.52 -13.14 -21.90
N THR B 33 3.65 -12.73 -20.63
CA THR B 33 2.83 -13.24 -19.54
C THR B 33 2.06 -12.16 -18.78
N THR B 34 2.25 -10.88 -19.11
CA THR B 34 1.55 -9.79 -18.46
C THR B 34 1.08 -8.79 -19.50
N PRO B 35 0.07 -7.97 -19.15
CA PRO B 35 -0.34 -6.91 -20.09
C PRO B 35 0.78 -5.94 -20.44
N CYS B 36 1.65 -5.57 -19.50
CA CYS B 36 2.74 -4.69 -19.85
C CYS B 36 3.72 -5.38 -20.79
N GLY B 37 3.96 -6.68 -20.58
CA GLY B 37 4.76 -7.43 -21.53
C GLY B 37 4.12 -7.48 -22.90
N ALA B 38 2.79 -7.60 -22.94
CA ALA B 38 2.07 -7.57 -24.21
C ALA B 38 2.23 -6.21 -24.90
N SER B 39 2.21 -5.13 -24.13
CA SER B 39 2.37 -3.82 -24.75
C SER B 39 3.78 -3.67 -25.33
N HIS B 40 4.79 -4.16 -24.62
CA HIS B 40 6.16 -4.06 -25.11
C HIS B 40 6.39 -4.94 -26.34
N TYR B 41 5.71 -6.07 -26.44
CA TYR B 41 5.80 -6.86 -27.66
C TYR B 41 5.29 -6.07 -28.85
N MET B 42 4.17 -5.37 -28.66
CA MET B 42 3.59 -4.54 -29.70
C MET B 42 4.55 -3.43 -30.11
N ARG B 43 5.29 -2.87 -29.15
CA ARG B 43 6.25 -1.81 -29.44
C ARG B 43 7.49 -2.36 -30.13
N HIS B 44 7.88 -3.60 -29.81
CA HIS B 44 8.94 -4.26 -30.57
C HIS B 44 8.57 -4.36 -32.05
N ILE B 45 7.29 -4.66 -32.34
CA ILE B 45 6.83 -4.68 -33.72
C ILE B 45 7.03 -3.33 -34.39
N THR B 46 6.72 -2.24 -33.68
CA THR B 46 6.85 -0.92 -34.30
C THR B 46 8.31 -0.55 -34.50
N ARG B 47 9.18 -0.90 -33.54
CA ARG B 47 10.60 -0.61 -33.70
C ARG B 47 11.18 -1.37 -34.88
N GLN B 48 10.85 -2.66 -35.01
CA GLN B 48 11.31 -3.43 -36.15
C GLN B 48 10.74 -2.87 -37.46
N ALA B 49 9.46 -2.50 -37.47
CA ALA B 49 8.88 -1.92 -38.67
C ALA B 49 9.62 -0.64 -39.08
N GLU B 50 10.02 0.17 -38.11
CA GLU B 50 10.76 1.39 -38.44
C GLU B 50 12.09 1.07 -39.11
N SER B 51 12.82 0.08 -38.58
CA SER B 51 14.11 -0.27 -39.15
C SER B 51 13.98 -0.73 -40.60
N ALA B 52 12.88 -1.41 -40.94
CA ALA B 52 12.70 -1.82 -42.33
C ALA B 52 12.54 -0.62 -43.26
N LEU B 53 11.76 0.38 -42.85
CA LEU B 53 11.57 1.59 -43.69
C LEU B 53 12.88 2.38 -43.75
N GLN B 54 13.57 2.52 -42.64
CA GLN B 54 14.86 3.26 -42.61
C GLN B 54 15.82 2.60 -43.59
N ALA B 55 16.00 1.29 -43.50
CA ALA B 55 16.87 0.58 -44.45
C ALA B 55 16.37 0.87 -45.86
N GLY B 56 15.08 0.73 -46.08
CA GLY B 56 14.54 0.99 -47.40
C GLY B 56 14.84 2.40 -47.89
N LEU B 57 14.86 3.37 -46.97
CA LEU B 57 15.22 4.73 -47.33
C LEU B 57 16.73 4.88 -47.54
N LYS B 58 17.52 4.13 -46.79
CA LYS B 58 18.99 4.22 -46.93
C LYS B 58 19.37 3.70 -48.32
N THR B 59 18.73 2.63 -48.75
CA THR B 59 18.98 2.06 -50.09
C THR B 59 18.60 3.11 -51.12
N ALA B 60 17.44 3.74 -50.95
CA ALA B 60 16.98 4.75 -51.93
C ALA B 60 17.97 5.92 -51.97
N GLN B 61 18.46 6.34 -50.80
CA GLN B 61 19.47 7.42 -50.76
C GLN B 61 20.58 7.03 -51.72
N SER B 62 21.11 5.81 -51.59
CA SER B 62 22.11 5.33 -52.58
C SER B 62 21.50 5.44 -53.98
N ALA B 63 22.00 6.36 -54.82
CA ALA B 63 21.42 6.65 -56.15
C ALA B 63 20.15 7.50 -55.97
N SER B 94 17.06 4.42 -61.91
CA SER B 94 15.83 3.60 -62.04
C SER B 94 15.72 2.75 -60.78
N GLU B 95 16.86 2.33 -60.21
CA GLU B 95 16.83 1.59 -58.93
C GLU B 95 16.32 2.54 -57.86
N ALA B 96 16.91 3.72 -57.75
CA ALA B 96 16.40 4.72 -56.80
C ALA B 96 14.90 4.87 -57.03
N ALA B 97 14.48 4.90 -58.30
CA ALA B 97 13.05 5.07 -58.62
C ALA B 97 12.26 3.83 -58.18
N LYS B 98 12.87 2.65 -58.24
CA LYS B 98 12.14 1.42 -57.87
C LYS B 98 11.81 1.48 -56.37
N ALA B 99 12.84 1.67 -55.54
CA ALA B 99 12.63 1.78 -54.09
C ALA B 99 11.51 2.79 -53.81
N ILE B 100 11.64 4.00 -54.34
CA ILE B 100 10.63 5.05 -54.00
C ILE B 100 9.25 4.49 -54.35
N GLU B 101 9.11 3.88 -55.51
CA GLU B 101 7.78 3.40 -55.93
C GLU B 101 7.26 2.41 -54.87
N THR B 102 8.12 1.49 -54.44
CA THR B 102 7.74 0.51 -53.40
C THR B 102 7.37 1.27 -52.12
N ILE B 103 8.36 1.92 -51.51
CA ILE B 103 8.13 2.67 -50.25
C ILE B 103 6.80 3.38 -50.32
N LYS B 104 6.40 3.84 -51.50
CA LYS B 104 5.16 4.65 -51.58
C LYS B 104 3.93 3.74 -51.65
N THR B 105 3.99 2.71 -52.49
CA THR B 105 2.81 1.82 -52.67
C THR B 105 2.52 1.08 -51.37
N GLU B 106 3.52 0.89 -50.54
CA GLU B 106 3.34 0.12 -49.32
C GLU B 106 3.16 0.99 -48.08
N THR B 107 3.30 2.31 -48.22
CA THR B 107 3.13 3.22 -47.07
C THR B 107 1.75 3.06 -46.45
N LYS B 108 0.70 2.92 -47.28
CA LYS B 108 -0.66 2.86 -46.74
C LYS B 108 -0.84 1.63 -45.85
N ASN B 109 -0.47 0.45 -46.36
CA ASN B 109 -0.52 -0.75 -45.54
C ASN B 109 0.45 -0.68 -44.37
N PHE B 110 1.60 -0.04 -44.56
CA PHE B 110 2.60 0.04 -43.50
C PHE B 110 2.08 0.86 -42.32
N LEU B 111 1.60 2.09 -42.59
CA LEU B 111 1.16 2.95 -41.50
C LEU B 111 -0.13 2.44 -40.87
N ALA B 112 -0.96 1.72 -41.62
CA ALA B 112 -2.20 1.18 -41.05
C ALA B 112 -1.90 0.11 -40.01
N GLY B 113 -0.99 -0.81 -40.33
CA GLY B 113 -0.60 -1.82 -39.36
C GLY B 113 0.28 -1.29 -38.26
N PHE B 114 1.14 -0.32 -38.59
CA PHE B 114 1.94 0.37 -37.58
C PHE B 114 1.04 1.05 -36.55
N ALA B 115 0.02 1.77 -37.02
CA ALA B 115 -0.91 2.41 -36.08
C ALA B 115 -1.67 1.37 -35.27
N ALA B 116 -2.05 0.25 -35.88
CA ALA B 116 -2.79 -0.77 -35.14
C ALA B 116 -1.93 -1.40 -34.06
N ALA B 117 -0.65 -1.66 -34.36
CA ALA B 117 0.24 -2.22 -33.34
C ALA B 117 0.39 -1.26 -32.16
N ALA B 118 0.58 0.03 -32.45
CA ALA B 118 0.73 1.01 -31.39
C ALA B 118 -0.59 1.21 -30.64
N GLU B 119 -1.72 1.17 -31.35
CA GLU B 119 -3.03 1.21 -30.68
C GLU B 119 -3.16 0.05 -29.69
N LEU B 120 -2.86 -1.17 -30.14
CA LEU B 120 -2.93 -2.31 -29.22
C LEU B 120 -2.01 -2.11 -28.02
N ALA B 121 -0.83 -1.52 -28.26
CA ALA B 121 0.08 -1.22 -27.16
C ALA B 121 -0.56 -0.27 -26.17
N GLY B 122 -1.24 0.77 -26.67
CA GLY B 122 -1.94 1.68 -25.78
C GLY B 122 -3.03 0.97 -24.99
N GLN B 123 -3.80 0.10 -25.65
CA GLN B 123 -4.86 -0.64 -24.95
C GLN B 123 -4.30 -1.53 -23.86
N GLN B 124 -3.19 -2.21 -24.13
CA GLN B 124 -2.63 -3.10 -23.13
C GLN B 124 -2.04 -2.32 -21.96
N THR B 125 -1.58 -1.09 -22.22
CA THR B 125 -1.08 -0.25 -21.13
C THR B 125 -2.19 0.07 -20.12
N ILE B 126 -3.39 0.39 -20.61
CA ILE B 126 -4.47 0.68 -19.68
C ILE B 126 -4.95 -0.60 -18.99
N VAL B 127 -5.05 -1.70 -19.75
CA VAL B 127 -5.40 -2.98 -19.13
C VAL B 127 -4.47 -3.29 -17.96
N SER B 128 -3.16 -3.03 -18.14
CA SER B 128 -2.20 -3.31 -17.06
C SER B 128 -2.45 -2.45 -15.83
N GLU B 129 -3.06 -1.26 -15.98
CA GLU B 129 -3.35 -0.40 -14.84
C GLU B 129 -4.68 -0.75 -14.19
N ILE B 130 -5.74 -0.92 -14.99
CA ILE B 130 -7.06 -1.13 -14.42
C ILE B 130 -7.22 -2.54 -13.83
N LYS B 131 -6.40 -3.51 -14.27
CA LYS B 131 -6.52 -4.84 -13.70
C LYS B 131 -6.30 -4.85 -12.20
N SER B 132 -5.81 -3.75 -11.62
CA SER B 132 -5.62 -3.62 -10.18
C SER B 132 -6.91 -3.27 -9.43
N ALA B 133 -8.01 -3.04 -10.14
CA ALA B 133 -9.22 -2.52 -9.50
C ALA B 133 -9.75 -3.52 -8.48
N GLN B 134 -10.08 -3.02 -7.29
CA GLN B 134 -10.63 -3.91 -6.28
C GLN B 134 -11.65 -3.18 -5.44
N VAL B 135 -12.54 -3.97 -4.84
CA VAL B 135 -13.39 -3.53 -3.74
C VAL B 135 -12.64 -3.82 -2.45
N GLN B 136 -12.49 -2.81 -1.60
CA GLN B 136 -11.71 -2.98 -0.39
C GLN B 136 -12.49 -3.76 0.66
N ASP B 137 -11.76 -4.52 1.49
CA ASP B 137 -12.32 -5.08 2.71
C ASP B 137 -12.74 -3.94 3.64
N VAL B 138 -13.86 -4.12 4.34
CA VAL B 138 -14.30 -3.16 5.34
C VAL B 138 -14.63 -3.89 6.64
N ASN B 139 -14.03 -3.44 7.75
CA ASN B 139 -14.25 -4.05 9.04
C ASN B 139 -15.73 -4.03 9.40
N THR B 140 -16.17 -5.07 10.11
CA THR B 140 -17.58 -5.18 10.46
C THR B 140 -17.97 -4.11 11.48
N LEU B 141 -19.26 -3.79 11.49
CA LEU B 141 -19.78 -2.84 12.46
C LEU B 141 -21.18 -3.27 12.86
N THR B 142 -21.50 -3.12 14.15
CA THR B 142 -22.83 -3.41 14.66
C THR B 142 -23.91 -2.97 13.68
N ALA B 143 -24.82 -3.90 13.36
CA ALA B 143 -25.64 -3.74 12.16
C ALA B 143 -26.44 -2.44 12.17
N ALA B 144 -26.93 -2.02 13.35
CA ALA B 144 -27.77 -0.82 13.39
C ALA B 144 -26.98 0.43 13.02
N GLN B 145 -25.68 0.48 13.32
CA GLN B 145 -24.85 1.62 12.97
C GLN B 145 -24.25 1.52 11.57
N ALA B 146 -24.32 0.35 10.96
CA ALA B 146 -23.75 0.05 9.65
C ALA B 146 -24.58 0.55 8.48
N VAL B 147 -25.80 1.04 8.71
CA VAL B 147 -26.68 1.43 7.62
C VAL B 147 -26.87 2.93 7.52
N THR B 148 -26.14 3.71 8.32
CA THR B 148 -26.34 5.16 8.30
C THR B 148 -25.08 5.88 8.74
N THR B 149 -25.07 7.21 8.56
CA THR B 149 -23.93 8.01 8.97
C THR B 149 -23.80 7.99 10.49
N PRO B 150 -22.57 7.97 11.03
CA PRO B 150 -21.30 8.02 10.31
C PRO B 150 -20.66 6.66 10.03
N GLY B 151 -21.22 5.59 10.57
CA GLY B 151 -20.56 4.31 10.42
C GLY B 151 -20.88 3.55 9.15
N ILE B 152 -21.64 4.13 8.21
CA ILE B 152 -22.19 3.37 7.09
C ILE B 152 -21.10 2.58 6.40
N ILE B 153 -21.37 1.31 6.15
CA ILE B 153 -20.45 0.41 5.46
C ILE B 153 -20.50 0.73 3.97
N GLN B 154 -19.33 0.99 3.38
CA GLN B 154 -19.25 1.46 2.01
C GLN B 154 -18.62 0.41 1.12
N VAL B 155 -19.10 0.34 -0.13
CA VAL B 155 -18.39 -0.39 -1.19
C VAL B 155 -17.32 0.58 -1.70
N LYS B 156 -16.04 0.28 -1.42
CA LYS B 156 -14.97 1.23 -1.63
C LYS B 156 -14.14 0.87 -2.86
N PRO B 157 -14.32 1.55 -4.00
CA PRO B 157 -13.41 1.32 -5.13
C PRO B 157 -11.97 1.64 -4.77
N LYS B 158 -11.05 0.89 -5.37
CA LYS B 158 -9.64 1.13 -5.14
C LYS B 158 -8.86 0.76 -6.39
N LEU B 159 -7.94 1.63 -6.78
CA LEU B 159 -7.02 1.38 -7.87
C LEU B 159 -5.60 1.47 -7.35
N THR B 160 -4.67 0.87 -8.08
CA THR B 160 -3.25 1.02 -7.84
C THR B 160 -2.69 1.80 -9.04
N ILE B 161 -2.21 3.01 -8.79
CA ILE B 161 -1.72 3.91 -9.83
C ILE B 161 -0.20 3.81 -9.90
N ALA B 162 0.33 3.52 -11.09
CA ALA B 162 1.77 3.54 -11.30
C ALA B 162 2.36 4.89 -10.90
N SER B 163 3.53 4.85 -10.27
CA SER B 163 4.24 6.08 -9.92
C SER B 163 5.18 6.54 -11.02
N THR B 164 5.33 5.76 -12.08
CA THR B 164 6.07 6.09 -13.28
C THR B 164 5.08 6.14 -14.43
N ALA B 165 5.59 6.33 -15.65
CA ALA B 165 4.81 6.01 -16.82
C ALA B 165 4.53 4.51 -16.82
N ALA B 166 3.26 4.13 -17.00
CA ALA B 166 2.86 2.74 -16.86
C ALA B 166 3.59 1.86 -17.87
N CYS B 167 4.19 0.78 -17.35
CA CYS B 167 4.95 -0.22 -18.10
C CYS B 167 6.37 0.26 -18.38
N PHE B 168 6.81 1.35 -17.76
CA PHE B 168 8.18 1.84 -17.91
C PHE B 168 8.75 2.17 -16.54
N ASN B 169 10.08 2.13 -16.46
CA ASN B 169 10.75 2.57 -15.23
C ASN B 169 11.00 4.07 -15.38
N ASP B 170 11.48 4.73 -14.33
CA ASP B 170 11.74 6.19 -14.40
C ASP B 170 12.72 6.52 -15.53
N ASP B 171 13.77 5.71 -15.69
CA ASP B 171 14.80 5.96 -16.73
C ASP B 171 14.17 5.90 -18.12
N GLY B 172 12.99 5.32 -18.23
CA GLY B 172 12.34 5.15 -19.52
C GLY B 172 12.54 3.80 -20.17
N SER B 173 13.32 2.92 -19.56
CA SER B 173 13.46 1.57 -20.05
C SER B 173 12.18 0.77 -19.74
N PRO B 174 11.89 -0.27 -20.51
CA PRO B 174 10.70 -1.08 -20.22
C PRO B 174 10.85 -1.82 -18.91
N VAL B 175 9.71 -2.12 -18.29
CA VAL B 175 9.70 -2.79 -17.00
C VAL B 175 9.83 -4.30 -17.16
N GLY B 186 9.05 -20.59 -36.22
CA GLY B 186 7.65 -20.99 -36.29
C GLY B 186 6.72 -19.84 -36.63
N GLU B 187 5.41 -20.09 -36.55
CA GLU B 187 4.45 -19.04 -36.85
C GLU B 187 4.25 -18.15 -35.62
N PRO B 188 4.18 -16.82 -35.82
CA PRO B 188 4.07 -15.91 -34.68
C PRO B 188 2.74 -16.01 -33.96
N THR B 189 2.75 -15.64 -32.69
CA THR B 189 1.56 -15.60 -31.87
C THR B 189 1.39 -14.19 -31.32
N LEU B 190 0.20 -13.63 -31.46
CA LEU B 190 -0.16 -12.35 -30.85
C LEU B 190 -0.96 -12.63 -29.59
N LYS B 191 -0.49 -12.11 -28.45
CA LYS B 191 -1.12 -12.33 -27.16
C LYS B 191 -1.55 -10.99 -26.58
N PHE B 192 -2.80 -10.92 -26.10
CA PHE B 192 -3.35 -9.71 -25.49
C PHE B 192 -4.12 -10.10 -24.25
N PHE B 193 -4.15 -9.20 -23.27
CA PHE B 193 -4.91 -9.44 -22.05
C PHE B 193 -6.18 -8.58 -22.08
N VAL B 194 -7.26 -9.16 -21.58
CA VAL B 194 -8.58 -8.55 -21.59
C VAL B 194 -9.19 -8.67 -20.21
N VAL B 195 -10.09 -7.76 -19.86
CA VAL B 195 -10.72 -7.79 -18.54
C VAL B 195 -12.21 -8.02 -18.69
N SER B 196 -12.80 -8.60 -17.65
CA SER B 196 -14.24 -8.78 -17.57
C SER B 196 -14.65 -8.64 -16.11
N ALA B 197 -15.96 -8.54 -15.88
CA ALA B 197 -16.47 -8.41 -14.52
C ALA B 197 -16.13 -9.66 -13.71
N ASN B 198 -15.64 -9.47 -12.50
CA ASN B 198 -15.36 -10.63 -11.65
C ASN B 198 -16.66 -11.21 -11.10
N THR B 199 -16.58 -12.47 -10.67
CA THR B 199 -17.72 -13.24 -10.19
C THR B 199 -17.75 -13.22 -8.67
N PRO B 200 -18.82 -12.77 -8.03
CA PRO B 200 -18.88 -12.75 -6.56
C PRO B 200 -19.03 -14.16 -5.98
N GLY B 201 -18.62 -14.28 -4.72
CA GLY B 201 -18.80 -15.53 -4.00
C GLY B 201 -20.26 -15.79 -3.67
N THR B 202 -20.52 -17.01 -3.19
CA THR B 202 -21.89 -17.44 -2.94
C THR B 202 -22.16 -17.84 -1.49
N THR B 203 -21.20 -17.71 -0.59
CA THR B 203 -21.47 -17.94 0.83
C THR B 203 -20.48 -17.13 1.64
N HIS B 204 -20.64 -17.18 2.97
CA HIS B 204 -19.84 -16.33 3.83
C HIS B 204 -18.36 -16.64 3.68
N ASN B 205 -17.55 -15.58 3.77
CA ASN B 205 -16.10 -15.59 3.65
C ASN B 205 -15.61 -15.86 2.23
N GLU B 206 -16.49 -15.75 1.24
CA GLU B 206 -16.08 -15.75 -0.16
C GLU B 206 -16.04 -14.31 -0.65
N LEU B 207 -15.25 -14.07 -1.71
CA LEU B 207 -14.97 -12.71 -2.16
C LEU B 207 -16.25 -11.99 -2.60
N LEU B 208 -16.24 -10.65 -2.43
CA LEU B 208 -17.28 -9.78 -2.98
C LEU B 208 -18.65 -10.09 -2.38
N THR B 209 -18.71 -10.09 -1.06
CA THR B 209 -19.95 -10.35 -0.33
C THR B 209 -19.97 -9.49 0.93
N ILE B 210 -21.17 -9.34 1.50
CA ILE B 210 -21.30 -8.77 2.83
C ILE B 210 -20.71 -9.74 3.84
N CYS B 211 -19.95 -9.21 4.79
CA CYS B 211 -19.22 -10.01 5.77
C CYS B 211 -19.91 -9.92 7.13
N GLY B 212 -20.47 -11.05 7.59
CA GLY B 212 -21.05 -11.10 8.93
C GLY B 212 -20.00 -11.50 9.96
N HIS B 213 -20.20 -11.00 11.19
CA HIS B 213 -19.38 -11.48 12.29
C HIS B 213 -20.10 -11.20 13.61
N GLY B 214 -19.88 -12.07 14.58
CA GLY B 214 -20.43 -11.87 15.91
C GLY B 214 -19.83 -10.70 16.65
N SER B 215 -18.59 -10.33 16.32
CA SER B 215 -17.87 -9.28 17.04
C SER B 215 -17.75 -8.05 16.15
N THR B 216 -18.26 -6.92 16.63
CA THR B 216 -18.13 -5.67 15.89
C THR B 216 -16.66 -5.25 15.80
N GLY B 217 -16.31 -4.65 14.67
CA GLY B 217 -14.96 -4.17 14.48
C GLY B 217 -13.97 -5.21 14.00
N THR B 218 -14.46 -6.34 13.48
CA THR B 218 -13.60 -7.45 13.06
C THR B 218 -13.22 -7.31 11.59
N ALA B 219 -11.94 -7.49 11.30
CA ALA B 219 -11.49 -7.49 9.92
C ALA B 219 -11.98 -8.74 9.20
N PRO B 220 -12.52 -8.61 7.98
CA PRO B 220 -12.97 -9.79 7.24
C PRO B 220 -11.88 -10.83 7.00
N SER B 221 -10.60 -10.44 7.03
CA SER B 221 -9.53 -11.42 6.90
C SER B 221 -9.48 -12.40 8.07
N THR B 222 -10.15 -12.11 9.18
CA THR B 222 -10.26 -13.07 10.28
C THR B 222 -11.27 -14.18 9.98
N GLY B 223 -12.07 -14.03 8.93
CA GLY B 223 -13.05 -15.05 8.59
C GLY B 223 -14.47 -14.62 8.89
N CYS B 224 -15.25 -14.38 7.85
CA CYS B 224 -16.65 -14.02 8.03
C CYS B 224 -17.45 -15.23 8.52
N GLN B 225 -18.53 -14.95 9.23
CA GLN B 225 -19.34 -16.00 9.84
C GLN B 225 -20.80 -15.83 9.44
N ASN B 226 -21.55 -16.91 9.60
CA ASN B 226 -23.01 -16.89 9.52
C ASN B 226 -23.54 -16.24 10.79
N ASP B 227 -23.42 -14.91 10.86
CA ASP B 227 -23.80 -14.16 12.05
C ASP B 227 -23.91 -12.69 11.67
N ALA B 228 -25.08 -12.09 11.84
CA ALA B 228 -25.32 -10.74 11.36
C ALA B 228 -25.30 -9.69 12.47
N THR B 229 -24.68 -10.00 13.62
CA THR B 229 -24.58 -9.01 14.69
C THR B 229 -23.85 -7.76 14.21
N SER B 230 -22.70 -7.94 13.58
CA SER B 230 -21.99 -6.88 12.89
C SER B 230 -21.86 -7.25 11.42
N ILE B 231 -21.72 -6.25 10.55
CA ILE B 231 -21.61 -6.49 9.13
C ILE B 231 -20.53 -5.59 8.55
N GLY B 232 -19.81 -6.12 7.57
CA GLY B 232 -18.75 -5.41 6.89
C GLY B 232 -18.78 -5.84 5.45
N ILE B 233 -17.68 -5.67 4.72
CA ILE B 233 -17.62 -6.08 3.31
C ILE B 233 -16.38 -6.94 3.13
N LYS B 234 -16.57 -8.10 2.51
CA LYS B 234 -15.46 -8.94 2.07
C LYS B 234 -15.19 -8.58 0.62
N GLY B 235 -14.06 -7.92 0.37
CA GLY B 235 -13.79 -7.33 -0.92
C GLY B 235 -13.17 -8.34 -1.88
N GLY B 236 -12.45 -7.81 -2.84
CA GLY B 236 -11.77 -8.63 -3.82
C GLY B 236 -11.59 -7.86 -5.11
N ASP B 237 -11.05 -8.56 -6.10
CA ASP B 237 -10.81 -7.93 -7.39
C ASP B 237 -12.14 -7.61 -8.09
N PHE B 238 -12.23 -6.40 -8.65
CA PHE B 238 -13.41 -6.02 -9.39
C PHE B 238 -13.48 -6.70 -10.75
N LEU B 239 -12.32 -7.02 -11.34
CA LEU B 239 -12.21 -7.57 -12.67
C LEU B 239 -11.47 -8.91 -12.61
N LYS B 240 -11.70 -9.75 -13.59
CA LYS B 240 -10.81 -10.87 -13.87
C LYS B 240 -10.09 -10.56 -15.18
N THR B 241 -8.82 -10.94 -15.24
CA THR B 241 -7.97 -10.63 -16.37
C THR B 241 -7.50 -11.95 -16.96
N ALA B 242 -7.69 -12.14 -18.27
CA ALA B 242 -7.26 -13.36 -18.95
C ALA B 242 -6.58 -12.99 -20.25
N ALA B 243 -5.77 -13.91 -20.77
CA ALA B 243 -5.08 -13.69 -22.02
C ALA B 243 -5.89 -14.28 -23.17
N VAL B 244 -5.86 -13.62 -24.32
CA VAL B 244 -6.37 -14.16 -25.57
C VAL B 244 -5.19 -14.23 -26.53
N THR B 245 -5.20 -15.20 -27.43
CA THR B 245 -4.10 -15.33 -28.38
C THR B 245 -4.63 -15.68 -29.75
N THR B 246 -3.81 -15.41 -30.77
CA THR B 246 -4.09 -15.93 -32.11
C THR B 246 -2.76 -16.22 -32.80
N THR B 247 -2.62 -17.42 -33.34
CA THR B 247 -1.39 -17.87 -33.98
C THR B 247 -1.58 -17.88 -35.48
N ARG B 248 -0.67 -17.26 -36.21
CA ARG B 248 -0.77 -17.23 -37.66
C ARG B 248 -0.80 -18.65 -38.22
N LEU B 249 -1.72 -18.89 -39.14
CA LEU B 249 -2.05 -20.23 -39.61
C LEU B 249 -1.91 -20.31 -41.13
N ALA B 250 -1.22 -21.34 -41.60
CA ALA B 250 -1.09 -21.60 -43.03
C ALA B 250 -2.32 -22.34 -43.53
N SER B 251 -2.93 -21.81 -44.59
CA SER B 251 -4.10 -22.44 -45.20
C SER B 251 -4.15 -22.01 -46.66
N SER B 252 -5.20 -22.47 -47.36
CA SER B 252 -5.38 -22.05 -48.75
C SER B 252 -5.64 -20.54 -48.84
N ALA B 253 -5.95 -19.88 -47.73
CA ALA B 253 -6.02 -18.44 -47.68
C ALA B 253 -4.66 -17.78 -47.52
N GLY B 254 -3.57 -18.55 -47.52
CA GLY B 254 -2.26 -17.97 -47.33
C GLY B 254 -1.78 -18.17 -45.91
N LYS B 255 -1.45 -17.09 -45.23
CA LYS B 255 -1.12 -17.10 -43.81
C LYS B 255 -1.95 -16.02 -43.14
N THR B 256 -2.82 -16.40 -42.21
CA THR B 256 -3.76 -15.46 -41.61
C THR B 256 -3.94 -15.81 -40.14
N TYR B 257 -4.30 -14.78 -39.36
CA TYR B 257 -4.56 -15.02 -37.94
C TYR B 257 -6.02 -15.39 -37.75
N PRO B 258 -6.32 -16.47 -37.04
CA PRO B 258 -7.71 -16.84 -36.78
C PRO B 258 -8.42 -15.79 -35.94
N ALA B 259 -9.72 -15.68 -36.15
CA ALA B 259 -10.52 -14.72 -35.42
C ALA B 259 -10.55 -15.07 -33.93
N ILE B 260 -10.34 -14.07 -33.10
CA ILE B 260 -10.57 -14.22 -31.67
C ILE B 260 -12.06 -14.11 -31.39
N THR B 261 -12.56 -14.90 -30.45
CA THR B 261 -13.92 -14.78 -29.96
C THR B 261 -13.84 -14.37 -28.49
N SER B 262 -14.42 -13.21 -28.17
CA SER B 262 -14.39 -12.66 -26.82
C SER B 262 -15.37 -11.50 -26.73
N THR B 263 -16.64 -11.80 -26.48
CA THR B 263 -17.70 -10.80 -26.63
C THR B 263 -18.08 -10.11 -25.33
N THR B 264 -17.42 -10.41 -24.22
CA THR B 264 -17.82 -9.90 -22.91
C THR B 264 -16.69 -9.18 -22.18
N THR B 265 -15.64 -8.82 -22.91
CA THR B 265 -14.39 -8.35 -22.33
C THR B 265 -14.01 -6.99 -22.90
N ILE B 266 -13.08 -6.33 -22.21
CA ILE B 266 -12.51 -5.06 -22.64
C ILE B 266 -11.00 -5.26 -22.82
N PRO B 267 -10.45 -5.11 -24.04
CA PRO B 267 -11.17 -4.90 -25.31
C PRO B 267 -11.96 -6.13 -25.74
N ASN B 268 -12.90 -5.97 -26.66
CA ASN B 268 -13.64 -7.13 -27.15
C ASN B 268 -12.98 -7.66 -28.42
N ASP B 269 -13.55 -8.74 -28.97
CA ASP B 269 -12.92 -9.39 -30.12
C ASP B 269 -13.00 -8.53 -31.37
N LYS B 270 -14.07 -7.76 -31.54
CA LYS B 270 -14.19 -6.93 -32.72
C LYS B 270 -13.09 -5.86 -32.77
N THR B 271 -12.78 -5.26 -31.62
CA THR B 271 -11.64 -4.36 -31.53
C THR B 271 -10.34 -5.09 -31.84
N LEU B 272 -10.12 -6.26 -31.24
CA LEU B 272 -8.87 -6.98 -31.42
C LEU B 272 -8.72 -7.50 -32.85
N ASN B 273 -9.77 -8.13 -33.38
CA ASN B 273 -9.66 -8.74 -34.70
C ASN B 273 -9.38 -7.70 -35.78
N LYS B 274 -9.95 -6.50 -35.64
CA LYS B 274 -9.69 -5.45 -36.60
C LYS B 274 -8.21 -5.05 -36.58
N ALA B 275 -7.63 -4.90 -35.40
CA ALA B 275 -6.23 -4.54 -35.30
C ALA B 275 -5.33 -5.66 -35.84
N VAL B 276 -5.65 -6.91 -35.52
CA VAL B 276 -4.84 -8.05 -35.96
C VAL B 276 -4.79 -8.11 -37.49
N THR B 277 -5.94 -7.93 -38.14
CA THR B 277 -5.97 -7.92 -39.60
C THR B 277 -5.01 -6.87 -40.15
N ALA B 278 -4.94 -5.71 -39.50
CA ALA B 278 -4.04 -4.65 -39.95
C ALA B 278 -2.57 -5.00 -39.67
N ILE B 279 -2.30 -5.70 -38.57
CA ILE B 279 -0.93 -6.13 -38.29
C ILE B 279 -0.44 -7.08 -39.38
N ARG B 280 -1.31 -7.98 -39.83
CA ARG B 280 -0.94 -8.86 -40.95
C ARG B 280 -0.57 -8.06 -42.19
N GLU B 281 -1.25 -6.94 -42.42
CA GLU B 281 -0.90 -6.09 -43.56
C GLU B 281 0.45 -5.41 -43.35
N LEU B 282 0.78 -5.08 -42.10
CA LEU B 282 2.10 -4.55 -41.81
C LEU B 282 3.18 -5.57 -42.16
N GLU B 283 3.01 -6.82 -41.69
CA GLU B 283 3.95 -7.89 -42.00
C GLU B 283 4.19 -8.00 -43.50
N THR B 284 3.13 -7.90 -44.29
CA THR B 284 3.27 -7.95 -45.74
C THR B 284 4.02 -6.73 -46.26
N ALA B 285 3.82 -5.57 -45.62
CA ALA B 285 4.52 -4.37 -46.05
C ALA B 285 6.00 -4.41 -45.70
N VAL B 286 6.33 -4.88 -44.48
CA VAL B 286 7.72 -5.00 -44.09
C VAL B 286 8.46 -5.97 -45.00
N ALA B 287 7.79 -7.04 -45.44
CA ALA B 287 8.45 -7.99 -46.33
C ALA B 287 8.74 -7.36 -47.68
N ALA B 288 7.81 -6.58 -48.23
CA ALA B 288 8.08 -5.90 -49.49
C ALA B 288 9.14 -4.83 -49.33
N LEU B 289 9.20 -4.16 -48.18
CA LEU B 289 10.26 -3.19 -47.92
C LEU B 289 11.63 -3.86 -47.83
N ASP B 290 11.68 -5.11 -47.36
CA ASP B 290 12.96 -5.81 -47.24
C ASP B 290 13.53 -6.16 -48.61
N ALA B 291 12.68 -6.43 -49.60
CA ALA B 291 13.16 -6.84 -50.91
C ALA B 291 14.00 -5.74 -51.57
N ILE B 292 13.69 -4.48 -51.30
CA ILE B 292 14.45 -3.38 -51.88
C ILE B 292 15.58 -2.98 -50.93
N THR C 22 -16.63 1.79 19.88
CA THR C 22 -15.54 2.42 20.61
C THR C 22 -14.76 3.37 19.72
N THR C 23 -14.55 4.59 20.21
CA THR C 23 -13.80 5.59 19.46
C THR C 23 -12.31 5.35 19.64
N LEU C 24 -11.58 5.24 18.52
CA LEU C 24 -10.13 5.09 18.55
C LEU C 24 -9.51 6.47 18.36
N LEU C 25 -9.09 7.09 19.47
CA LEU C 25 -8.54 8.44 19.40
C LEU C 25 -7.20 8.46 18.67
N HIS C 26 -6.42 7.38 18.84
CA HIS C 26 -5.04 7.37 18.30
C HIS C 26 -4.98 6.74 16.91
N ASN C 27 -4.13 7.30 16.04
CA ASN C 27 -3.97 6.78 14.65
C ASN C 27 -2.84 5.75 14.66
N ALA C 28 -3.18 4.47 14.68
CA ALA C 28 -2.13 3.41 14.77
C ALA C 28 -1.40 3.27 13.43
N LYS C 29 -1.99 3.76 12.33
CA LYS C 29 -1.31 3.68 11.04
C LYS C 29 -0.50 4.95 10.73
N ALA C 30 -0.34 5.83 11.71
CA ALA C 30 0.41 7.07 11.52
C ALA C 30 1.87 6.86 11.93
N GLN C 31 2.79 7.24 11.05
CA GLN C 31 4.22 7.17 11.32
C GLN C 31 4.71 8.60 11.49
N VAL C 32 4.68 9.09 12.73
CA VAL C 32 5.06 10.47 13.03
C VAL C 32 6.58 10.61 12.92
N THR C 33 7.03 11.32 11.89
CA THR C 33 8.46 11.50 11.68
C THR C 33 8.88 12.96 11.55
N THR C 34 7.94 13.90 11.59
CA THR C 34 8.22 15.33 11.44
C THR C 34 7.36 16.10 12.42
N PRO C 35 7.72 17.35 12.73
CA PRO C 35 6.81 18.16 13.54
C PRO C 35 5.44 18.30 12.91
N CYS C 36 5.34 18.48 11.58
CA CYS C 36 4.02 18.61 10.98
C CYS C 36 3.21 17.32 11.18
N GLY C 37 3.83 16.16 10.97
CA GLY C 37 3.15 14.90 11.28
C GLY C 37 2.68 14.83 12.72
N ALA C 38 3.52 15.24 13.66
CA ALA C 38 3.10 15.26 15.06
C ALA C 38 1.88 16.14 15.26
N SER C 39 1.85 17.32 14.61
CA SER C 39 0.69 18.18 14.75
C SER C 39 -0.56 17.53 14.15
N HIS C 40 -0.41 16.84 13.01
CA HIS C 40 -1.56 16.18 12.41
C HIS C 40 -2.03 14.99 13.25
N TYR C 41 -1.13 14.37 14.00
CA TYR C 41 -1.55 13.32 14.93
C TYR C 41 -2.44 13.89 16.03
N MET C 42 -2.03 15.04 16.58
CA MET C 42 -2.84 15.71 17.60
C MET C 42 -4.21 16.09 17.04
N ARG C 43 -4.25 16.58 15.80
CA ARG C 43 -5.53 16.95 15.20
C ARG C 43 -6.41 15.74 14.93
N HIS C 44 -5.81 14.58 14.64
CA HIS C 44 -6.60 13.36 14.53
C HIS C 44 -7.29 13.02 15.86
N ILE C 45 -6.59 13.21 16.97
CA ILE C 45 -7.17 13.03 18.30
C ILE C 45 -8.41 13.91 18.46
N THR C 46 -8.29 15.19 18.11
CA THR C 46 -9.42 16.11 18.30
C THR C 46 -10.60 15.74 17.39
N ARG C 47 -10.33 15.28 16.16
CA ARG C 47 -11.41 14.85 15.27
C ARG C 47 -12.12 13.60 15.80
N GLN C 48 -11.34 12.64 16.33
CA GLN C 48 -11.96 11.44 16.87
C GLN C 48 -12.73 11.76 18.15
N ALA C 49 -12.22 12.69 18.96
CA ALA C 49 -12.94 13.09 20.16
C ALA C 49 -14.28 13.71 19.81
N GLU C 50 -14.31 14.51 18.75
CA GLU C 50 -15.59 15.07 18.31
C GLU C 50 -16.58 13.99 17.89
N SER C 51 -16.09 12.95 17.20
N SER C 51 -16.09 12.96 17.18
CA SER C 51 -16.99 11.90 16.75
CA SER C 51 -16.99 11.88 16.76
C SER C 51 -17.60 11.15 17.93
C SER C 51 -17.61 11.18 17.95
N ALA C 52 -16.87 11.06 19.05
CA ALA C 52 -17.43 10.46 20.25
C ALA C 52 -18.51 11.35 20.87
N LEU C 53 -18.34 12.67 20.83
CA LEU C 53 -19.36 13.54 21.39
C LEU C 53 -20.60 13.59 20.50
N GLN C 54 -20.40 13.62 19.19
CA GLN C 54 -21.55 13.58 18.28
C GLN C 54 -22.35 12.30 18.47
N ALA C 55 -21.65 11.16 18.63
CA ALA C 55 -22.36 9.90 18.82
C ALA C 55 -23.16 9.91 20.12
N GLY C 56 -22.56 10.43 21.20
CA GLY C 56 -23.27 10.51 22.47
C GLY C 56 -24.51 11.39 22.38
N LEU C 57 -24.40 12.53 21.69
CA LEU C 57 -25.56 13.42 21.55
C LEU C 57 -26.61 12.83 20.62
N LYS C 58 -26.19 12.10 19.59
CA LYS C 58 -27.15 11.43 18.71
C LYS C 58 -27.96 10.39 19.47
N THR C 59 -27.29 9.61 20.32
CA THR C 59 -27.99 8.64 21.16
C THR C 59 -28.93 9.33 22.15
N ALA C 60 -28.47 10.43 22.76
CA ALA C 60 -29.35 11.16 23.67
C ALA C 60 -30.57 11.70 22.93
N GLN C 61 -30.37 12.20 21.72
CA GLN C 61 -31.50 12.73 20.95
C GLN C 61 -32.46 11.62 20.54
N SER C 62 -31.93 10.47 20.14
CA SER C 62 -32.79 9.36 19.74
C SER C 62 -33.69 8.91 20.88
N ALA C 63 -33.14 8.81 22.10
CA ALA C 63 -33.94 8.39 23.25
C ALA C 63 -34.96 9.44 23.66
N LEU C 64 -34.81 10.68 23.19
CA LEU C 64 -35.74 11.75 23.52
C LEU C 64 -37.03 11.63 22.71
N SER C 94 -35.74 8.86 30.64
CA SER C 94 -34.72 8.54 31.65
C SER C 94 -33.44 8.02 31.01
N GLU C 95 -33.59 7.29 29.90
CA GLU C 95 -32.42 6.87 29.14
C GLU C 95 -31.71 8.08 28.54
N ALA C 96 -32.48 9.08 28.11
CA ALA C 96 -31.89 10.35 27.70
C ALA C 96 -31.35 11.12 28.91
N ALA C 97 -31.95 10.94 30.08
CA ALA C 97 -31.46 11.61 31.28
C ALA C 97 -30.09 11.08 31.70
N LYS C 98 -29.89 9.77 31.63
CA LYS C 98 -28.58 9.20 31.93
C LYS C 98 -27.54 9.64 30.91
N ALA C 99 -27.93 9.71 29.62
CA ALA C 99 -26.99 10.12 28.60
C ALA C 99 -26.52 11.55 28.81
N ILE C 100 -27.41 12.44 29.23
CA ILE C 100 -27.04 13.83 29.40
C ILE C 100 -26.22 14.03 30.66
N GLU C 101 -26.59 13.34 31.75
CA GLU C 101 -25.75 13.35 32.93
C GLU C 101 -24.31 12.97 32.59
N THR C 102 -24.14 11.91 31.79
CA THR C 102 -22.80 11.48 31.41
C THR C 102 -22.09 12.55 30.57
N ILE C 103 -22.78 13.11 29.58
CA ILE C 103 -22.15 14.12 28.73
C ILE C 103 -21.77 15.34 29.55
N LYS C 104 -22.67 15.80 30.41
CA LYS C 104 -22.37 16.99 31.23
C LYS C 104 -21.26 16.70 32.23
N THR C 105 -21.29 15.52 32.87
CA THR C 105 -20.26 15.17 33.84
C THR C 105 -18.89 15.08 33.20
N GLU C 106 -18.82 14.74 31.91
CA GLU C 106 -17.55 14.52 31.24
C GLU C 106 -17.08 15.72 30.43
N THR C 107 -17.85 16.81 30.42
CA THR C 107 -17.49 17.96 29.58
C THR C 107 -16.16 18.59 30.05
N LYS C 108 -15.97 18.75 31.36
CA LYS C 108 -14.75 19.37 31.86
C LYS C 108 -13.51 18.58 31.44
N ASN C 109 -13.53 17.26 31.65
CA ASN C 109 -12.39 16.44 31.24
C ASN C 109 -12.27 16.39 29.72
N PHE C 110 -13.40 16.32 29.01
CA PHE C 110 -13.36 16.29 27.55
C PHE C 110 -12.69 17.53 26.99
N LEU C 111 -13.16 18.71 27.39
CA LEU C 111 -12.68 19.95 26.81
C LEU C 111 -11.26 20.27 27.26
N ALA C 112 -10.87 19.87 28.48
CA ALA C 112 -9.50 20.10 28.94
C ALA C 112 -8.50 19.32 28.08
N GLY C 113 -8.80 18.06 27.79
CA GLY C 113 -7.91 17.28 26.92
C GLY C 113 -8.05 17.66 25.47
N PHE C 114 -9.25 18.05 25.06
CA PHE C 114 -9.44 18.57 23.72
C PHE C 114 -8.59 19.82 23.50
N ALA C 115 -8.58 20.73 24.48
CA ALA C 115 -7.75 21.92 24.38
C ALA C 115 -6.26 21.57 24.37
N ALA C 116 -5.84 20.63 25.22
CA ALA C 116 -4.43 20.28 25.25
C ALA C 116 -3.98 19.68 23.94
N ALA C 117 -4.81 18.82 23.33
CA ALA C 117 -4.44 18.26 22.04
C ALA C 117 -4.30 19.34 20.97
N ALA C 118 -5.24 20.29 20.94
CA ALA C 118 -5.10 21.41 20.02
C ALA C 118 -3.87 22.25 20.34
N GLU C 119 -3.61 22.50 21.63
CA GLU C 119 -2.46 23.30 22.02
C GLU C 119 -1.16 22.65 21.57
N LEU C 120 -1.07 21.32 21.72
CA LEU C 120 0.10 20.59 21.23
C LEU C 120 0.21 20.66 19.72
N ALA C 121 -0.92 20.65 19.01
CA ALA C 121 -0.89 20.83 17.56
C ALA C 121 -0.31 22.18 17.19
N GLY C 122 -0.76 23.25 17.87
CA GLY C 122 -0.21 24.57 17.60
C GLY C 122 1.27 24.66 17.91
N GLN C 123 1.68 24.06 19.03
CA GLN C 123 3.10 24.03 19.40
C GLN C 123 3.93 23.38 18.31
N GLN C 124 3.53 22.18 17.87
CA GLN C 124 4.29 21.47 16.86
C GLN C 124 4.28 22.19 15.52
N THR C 125 3.23 22.97 15.23
CA THR C 125 3.21 23.75 14.00
C THR C 125 4.32 24.80 14.01
N ILE C 126 4.49 25.52 15.12
CA ILE C 126 5.58 26.47 15.21
C ILE C 126 6.93 25.77 15.18
N VAL C 127 7.04 24.59 15.79
CA VAL C 127 8.30 23.87 15.75
C VAL C 127 8.68 23.56 14.30
N SER C 128 7.71 23.14 13.49
CA SER C 128 8.02 22.80 12.10
C SER C 128 8.49 24.01 11.30
N GLU C 129 8.06 25.22 11.69
CA GLU C 129 8.50 26.41 10.98
C GLU C 129 9.86 26.88 11.46
N ILE C 130 10.07 26.90 12.78
CA ILE C 130 11.29 27.49 13.33
C ILE C 130 12.49 26.57 13.22
N LYS C 131 12.28 25.26 13.08
CA LYS C 131 13.40 24.32 13.15
C LYS C 131 14.41 24.53 12.02
N SER C 132 13.99 25.14 10.91
CA SER C 132 14.90 25.35 9.78
C SER C 132 15.60 26.70 9.85
N ALA C 133 15.55 27.39 10.99
CA ALA C 133 16.27 28.66 11.14
C ALA C 133 17.76 28.43 10.93
N GLN C 134 18.39 29.33 10.17
N GLN C 134 18.38 29.34 10.19
CA GLN C 134 19.81 29.16 9.89
CA GLN C 134 19.78 29.18 9.85
C GLN C 134 20.52 30.49 9.94
C GLN C 134 20.51 30.51 9.96
N VAL C 135 21.80 30.41 10.26
CA VAL C 135 22.74 31.50 10.05
C VAL C 135 23.29 31.31 8.64
N GLN C 136 23.19 32.35 7.81
CA GLN C 136 23.57 32.21 6.42
C GLN C 136 25.08 32.22 6.26
N ASP C 137 25.58 31.49 5.27
CA ASP C 137 26.97 31.65 4.88
C ASP C 137 27.17 33.06 4.35
N VAL C 138 28.35 33.63 4.60
CA VAL C 138 28.74 34.91 4.03
C VAL C 138 30.12 34.76 3.40
N ASN C 139 30.24 35.22 2.16
CA ASN C 139 31.51 35.23 1.42
C ASN C 139 32.61 35.95 2.20
N THR C 140 33.83 35.43 2.07
CA THR C 140 34.98 36.03 2.73
C THR C 140 35.32 37.39 2.12
N LEU C 141 35.84 38.28 2.95
CA LEU C 141 36.35 39.57 2.51
C LEU C 141 37.69 39.82 3.18
N THR C 142 38.59 40.48 2.45
CA THR C 142 39.88 40.88 3.01
C THR C 142 39.71 41.43 4.42
N ALA C 143 40.57 40.97 5.33
CA ALA C 143 40.33 41.14 6.77
C ALA C 143 40.04 42.60 7.12
N ALA C 144 40.90 43.51 6.67
CA ALA C 144 40.77 44.92 7.04
C ALA C 144 39.42 45.51 6.63
N GLN C 145 38.83 45.01 5.54
CA GLN C 145 37.53 45.50 5.09
C GLN C 145 36.36 44.76 5.71
N ALA C 146 36.60 43.61 6.35
CA ALA C 146 35.51 42.78 6.86
C ALA C 146 34.95 43.27 8.18
N VAL C 147 35.56 44.27 8.81
CA VAL C 147 35.18 44.68 10.16
C VAL C 147 34.53 46.07 10.19
N THR C 148 34.23 46.65 9.03
CA THR C 148 33.62 47.97 9.02
C THR C 148 32.82 48.15 7.74
N THR C 149 32.01 49.21 7.72
CA THR C 149 31.27 49.56 6.53
C THR C 149 32.25 49.90 5.40
N PRO C 150 31.91 49.57 4.14
CA PRO C 150 30.69 48.93 3.67
C PRO C 150 30.72 47.40 3.64
N GLY C 151 31.87 46.78 3.86
CA GLY C 151 31.98 45.34 3.68
C GLY C 151 31.74 44.49 4.91
N ILE C 152 31.33 45.07 6.05
CA ILE C 152 31.38 44.35 7.31
C ILE C 152 30.67 43.00 7.18
N ILE C 153 31.30 41.97 7.74
CA ILE C 153 30.75 40.62 7.68
C ILE C 153 29.65 40.50 8.72
N GLN C 154 28.47 40.07 8.28
CA GLN C 154 27.30 40.00 9.13
C GLN C 154 26.95 38.57 9.51
N VAL C 155 26.43 38.41 10.72
CA VAL C 155 25.75 37.18 11.14
C VAL C 155 24.29 37.33 10.72
N LYS C 156 23.88 36.57 9.70
CA LYS C 156 22.60 36.83 9.06
C LYS C 156 21.58 35.78 9.45
N PRO C 157 20.62 36.08 10.34
CA PRO C 157 19.51 35.15 10.58
C PRO C 157 18.69 34.95 9.32
N LYS C 158 18.22 33.73 9.13
CA LYS C 158 17.32 33.42 8.03
C LYS C 158 16.29 32.41 8.50
N LEU C 159 15.05 32.59 8.07
CA LEU C 159 13.97 31.65 8.30
C LEU C 159 13.43 31.20 6.95
N THR C 160 12.83 30.02 6.94
CA THR C 160 12.11 29.50 5.78
C THR C 160 10.62 29.55 6.11
N ILE C 161 9.89 30.42 5.43
CA ILE C 161 8.49 30.69 5.73
C ILE C 161 7.61 29.91 4.76
N ALA C 162 6.65 29.16 5.28
CA ALA C 162 5.72 28.42 4.43
C ALA C 162 4.92 29.39 3.56
N SER C 163 4.68 29.00 2.31
CA SER C 163 3.86 29.81 1.40
C SER C 163 2.38 29.48 1.53
N THR C 164 2.04 28.55 2.41
CA THR C 164 0.67 28.18 2.75
C THR C 164 0.55 28.27 4.26
N ALA C 165 -0.66 28.02 4.77
CA ALA C 165 -0.80 27.74 6.19
C ALA C 165 0.12 26.59 6.57
N ALA C 166 0.93 26.79 7.61
CA ALA C 166 1.98 25.84 7.95
C ALA C 166 1.38 24.46 8.20
N CYS C 167 1.98 23.44 7.60
CA CYS C 167 1.62 22.02 7.66
C CYS C 167 0.41 21.69 6.79
N PHE C 168 -0.08 22.61 5.97
CA PHE C 168 -1.23 22.36 5.12
C PHE C 168 -0.91 22.73 3.69
N ASN C 169 -1.62 22.09 2.76
CA ASN C 169 -1.48 22.46 1.34
C ASN C 169 -2.45 23.61 1.08
N ASP C 170 -2.42 24.18 -0.12
CA ASP C 170 -3.30 25.34 -0.42
C ASP C 170 -4.77 24.92 -0.34
N ASP C 171 -5.08 23.68 -0.72
CA ASP C 171 -6.49 23.20 -0.74
C ASP C 171 -7.03 22.98 0.68
N GLY C 172 -6.16 23.10 1.70
CA GLY C 172 -6.59 22.87 3.05
C GLY C 172 -6.42 21.46 3.56
N SER C 173 -5.79 20.56 2.76
CA SER C 173 -5.49 19.19 3.18
C SER C 173 -4.14 19.13 3.88
N PRO C 174 -3.96 18.16 4.79
CA PRO C 174 -2.70 18.06 5.52
C PRO C 174 -1.52 17.75 4.61
N VAL C 175 -0.34 18.23 5.01
CA VAL C 175 0.91 17.95 4.31
C VAL C 175 1.63 16.79 5.01
N GLY C 186 0.72 -2.61 22.24
CA GLY C 186 -0.54 -2.20 21.65
C GLY C 186 -1.07 -0.89 22.22
N GLU C 187 -0.23 -0.22 22.98
CA GLU C 187 -0.56 1.05 23.62
C GLU C 187 -0.10 2.22 22.76
N PRO C 188 -0.78 3.36 22.84
CA PRO C 188 -0.40 4.50 21.99
C PRO C 188 0.83 5.24 22.49
N THR C 189 1.54 5.83 21.54
CA THR C 189 2.71 6.64 21.80
C THR C 189 2.45 8.07 21.35
N LEU C 190 2.63 9.03 22.25
CA LEU C 190 2.65 10.43 21.90
C LEU C 190 4.09 10.85 21.58
N LYS C 191 4.27 11.52 20.46
CA LYS C 191 5.60 11.91 19.98
C LYS C 191 5.62 13.38 19.62
N PHE C 192 6.57 14.13 20.18
CA PHE C 192 6.69 15.57 19.98
C PHE C 192 8.11 15.95 19.62
N PHE C 193 8.25 16.95 18.76
CA PHE C 193 9.57 17.46 18.40
C PHE C 193 9.85 18.74 19.18
N VAL C 194 11.09 18.87 19.65
CA VAL C 194 11.54 19.98 20.48
C VAL C 194 12.86 20.50 19.93
N VAL C 195 13.16 21.76 20.23
CA VAL C 195 14.35 22.40 19.69
C VAL C 195 15.25 22.88 20.82
N SER C 196 16.55 22.95 20.54
CA SER C 196 17.52 23.52 21.47
C SER C 196 18.60 24.24 20.66
N ALA C 197 19.42 25.03 21.35
CA ALA C 197 20.50 25.74 20.68
C ALA C 197 21.45 24.75 20.03
N ASN C 198 21.76 24.97 18.76
CA ASN C 198 22.70 24.10 18.08
C ASN C 198 24.12 24.32 18.62
N THR C 199 24.99 23.33 18.37
CA THR C 199 26.38 23.39 18.84
C THR C 199 27.30 23.79 17.70
N PRO C 200 28.08 24.85 17.83
CA PRO C 200 28.95 25.27 16.71
C PRO C 200 30.20 24.42 16.59
N GLY C 201 30.81 24.47 15.40
CA GLY C 201 32.01 23.72 15.13
C GLY C 201 33.21 24.19 15.96
N THR C 202 34.26 23.38 15.95
CA THR C 202 35.44 23.63 16.75
C THR C 202 36.73 23.79 15.95
N THR C 203 36.66 23.79 14.61
CA THR C 203 37.83 24.07 13.80
C THR C 203 37.36 24.66 12.47
N HIS C 204 38.31 25.02 11.60
CA HIS C 204 37.94 25.65 10.34
C HIS C 204 37.13 24.69 9.47
N ASN C 205 36.21 25.27 8.69
CA ASN C 205 35.35 24.53 7.77
C ASN C 205 34.32 23.68 8.49
N GLU C 206 33.97 24.05 9.72
CA GLU C 206 32.85 23.43 10.41
C GLU C 206 31.77 24.49 10.60
N LEU C 207 30.54 24.03 10.87
CA LEU C 207 29.40 24.93 10.91
C LEU C 207 29.57 26.02 11.98
N LEU C 208 28.94 27.17 11.74
CA LEU C 208 28.77 28.23 12.75
C LEU C 208 30.11 28.77 13.24
N THR C 209 30.98 29.14 12.30
CA THR C 209 32.30 29.64 12.63
C THR C 209 32.67 30.77 11.69
N ILE C 210 33.65 31.57 12.12
CA ILE C 210 34.27 32.50 11.18
C ILE C 210 35.07 31.69 10.16
N CYS C 211 34.90 32.02 8.89
CA CYS C 211 35.48 31.28 7.78
C CYS C 211 36.67 32.06 7.25
N GLY C 212 37.86 31.47 7.32
CA GLY C 212 39.06 32.08 6.78
C GLY C 212 39.42 31.50 5.43
N HIS C 213 39.97 32.34 4.55
CA HIS C 213 40.42 31.88 3.24
C HIS C 213 41.51 32.81 2.73
N GLY C 214 42.42 32.24 1.95
CA GLY C 214 43.45 33.03 1.31
C GLY C 214 42.93 33.97 0.25
N SER C 215 41.79 33.64 -0.37
CA SER C 215 41.22 34.41 -1.46
C SER C 215 39.95 35.14 -0.99
N THR C 216 39.99 36.46 -1.02
CA THR C 216 38.81 37.25 -0.72
C THR C 216 37.72 36.93 -1.73
N GLY C 217 36.48 36.97 -1.27
CA GLY C 217 35.34 36.69 -2.11
C GLY C 217 34.97 35.23 -2.24
N THR C 218 35.53 34.37 -1.40
CA THR C 218 35.28 32.93 -1.46
C THR C 218 34.02 32.57 -0.70
N ALA C 219 33.17 31.75 -1.31
CA ALA C 219 32.02 31.18 -0.62
C ALA C 219 32.50 30.11 0.36
N PRO C 220 32.05 30.15 1.62
CA PRO C 220 32.45 29.10 2.57
C PRO C 220 32.06 27.70 2.14
N SER C 221 31.00 27.54 1.33
CA SER C 221 30.61 26.22 0.86
C SER C 221 31.74 25.53 0.10
N THR C 222 32.72 26.28 -0.39
CA THR C 222 33.82 25.65 -1.12
C THR C 222 35.01 25.29 -0.23
N GLY C 223 34.97 25.64 1.06
CA GLY C 223 35.98 25.16 1.98
C GLY C 223 36.77 26.25 2.68
N CYS C 224 36.53 26.41 3.98
CA CYS C 224 37.27 27.37 4.80
C CYS C 224 38.65 26.82 5.15
N GLN C 225 39.62 27.72 5.31
CA GLN C 225 41.01 27.34 5.57
C GLN C 225 41.52 28.00 6.83
N ASN C 226 42.67 27.51 7.28
CA ASN C 226 43.45 28.14 8.36
C ASN C 226 44.27 29.27 7.74
N ASP C 227 43.57 30.38 7.45
CA ASP C 227 44.15 31.51 6.73
C ASP C 227 43.24 32.70 6.97
N ALA C 228 43.77 33.76 7.59
CA ALA C 228 42.96 34.95 7.90
C ALA C 228 43.20 36.11 6.94
N THR C 229 43.69 35.85 5.73
CA THR C 229 43.77 36.91 4.73
C THR C 229 42.40 37.51 4.47
N SER C 230 41.40 36.67 4.28
CA SER C 230 40.01 37.11 4.19
C SER C 230 39.18 36.28 5.15
N ILE C 231 38.10 36.88 5.67
CA ILE C 231 37.25 36.20 6.63
C ILE C 231 35.79 36.37 6.23
N GLY C 232 35.00 35.32 6.42
CA GLY C 232 33.57 35.37 6.23
C GLY C 232 32.90 34.56 7.33
N ILE C 233 31.69 34.08 7.10
CA ILE C 233 30.99 33.25 8.07
C ILE C 233 30.58 31.95 7.39
N LYS C 234 30.94 30.82 8.00
CA LYS C 234 30.35 29.53 7.66
C LYS C 234 29.13 29.36 8.56
N GLY C 235 27.95 29.33 7.98
CA GLY C 235 26.71 29.32 8.72
C GLY C 235 26.28 27.91 9.10
N GLY C 236 24.99 27.76 9.35
CA GLY C 236 24.44 26.46 9.68
C GLY C 236 23.12 26.61 10.40
N ASP C 237 22.58 25.46 10.80
CA ASP C 237 21.32 25.42 11.55
C ASP C 237 21.48 26.17 12.88
N PHE C 238 20.55 27.08 13.15
CA PHE C 238 20.58 27.75 14.45
C PHE C 238 20.13 26.79 15.56
N LEU C 239 19.27 25.85 15.22
CA LEU C 239 18.68 25.00 16.28
C LEU C 239 18.91 23.51 16.04
N LYS C 240 18.90 22.74 17.11
CA LYS C 240 18.97 21.25 17.03
C LYS C 240 17.56 20.75 17.32
N THR C 241 17.02 19.89 16.46
CA THR C 241 15.66 19.36 16.64
C THR C 241 15.72 17.88 17.04
N ALA C 242 14.97 17.50 18.08
CA ALA C 242 14.93 16.12 18.55
C ALA C 242 13.49 15.72 18.86
N ALA C 243 13.25 14.41 18.85
CA ALA C 243 11.94 13.87 19.20
C ALA C 243 11.97 13.37 20.64
N VAL C 244 10.88 13.60 21.35
CA VAL C 244 10.67 13.01 22.68
C VAL C 244 9.35 12.26 22.60
N THR C 245 9.26 11.15 23.32
CA THR C 245 8.11 10.27 23.22
C THR C 245 7.64 9.87 24.61
N THR C 246 6.36 9.55 24.70
CA THR C 246 5.83 8.88 25.89
C THR C 246 4.83 7.84 25.43
N THR C 247 5.01 6.60 25.91
CA THR C 247 4.16 5.48 25.54
C THR C 247 3.30 5.10 26.76
N ARG C 248 1.98 5.11 26.58
CA ARG C 248 1.07 4.80 27.68
C ARG C 248 1.32 3.40 28.21
N LEU C 249 1.16 3.23 29.53
CA LEU C 249 1.29 1.92 30.14
C LEU C 249 0.19 1.71 31.17
N ALA C 250 -0.06 0.44 31.48
CA ALA C 250 -1.05 0.06 32.46
C ALA C 250 -0.56 0.42 33.86
N SER C 251 -1.33 1.21 34.58
CA SER C 251 -1.00 1.62 35.93
C SER C 251 -1.94 0.91 36.90
N SER C 252 -1.66 1.03 38.21
CA SER C 252 -2.43 0.26 39.17
C SER C 252 -3.91 0.64 39.14
N ALA C 253 -4.21 1.88 38.76
CA ALA C 253 -5.59 2.38 38.67
C ALA C 253 -6.15 2.36 37.25
N GLY C 254 -5.32 2.15 36.24
CA GLY C 254 -5.79 2.17 34.87
C GLY C 254 -4.67 2.32 33.87
N LYS C 255 -4.60 3.47 33.21
CA LYS C 255 -3.53 3.77 32.28
C LYS C 255 -2.90 5.10 32.64
N THR C 256 -1.61 5.23 32.37
N THR C 256 -1.61 5.25 32.35
CA THR C 256 -0.90 6.48 32.61
CA THR C 256 -0.88 6.46 32.67
C THR C 256 0.22 6.62 31.58
C THR C 256 0.30 6.60 31.72
N TYR C 257 0.61 7.87 31.34
CA TYR C 257 1.76 8.15 30.46
C TYR C 257 3.00 8.43 31.29
N PRO C 258 4.14 7.80 31.01
CA PRO C 258 5.37 8.20 31.69
C PRO C 258 5.70 9.66 31.39
N ALA C 259 6.41 10.28 32.34
CA ALA C 259 6.80 11.67 32.21
C ALA C 259 7.79 11.82 31.05
N ILE C 260 7.66 12.91 30.32
CA ILE C 260 8.72 13.27 29.39
C ILE C 260 9.84 13.94 30.16
N THR C 261 11.09 13.65 29.79
CA THR C 261 12.27 14.28 30.39
C THR C 261 12.94 15.10 29.29
N SER C 262 12.86 16.42 29.40
CA SER C 262 13.42 17.34 28.41
C SER C 262 13.47 18.76 28.95
N THR C 263 14.50 19.07 29.73
CA THR C 263 14.52 20.30 30.51
C THR C 263 15.11 21.50 29.77
N THR C 264 15.86 21.27 28.69
CA THR C 264 16.59 22.35 28.04
C THR C 264 16.12 22.57 26.60
N THR C 265 14.82 22.41 26.37
CA THR C 265 14.28 22.45 25.01
C THR C 265 13.05 23.35 24.98
N ILE C 266 12.58 23.59 23.75
CA ILE C 266 11.36 24.35 23.50
C ILE C 266 10.47 23.50 22.62
N PRO C 267 9.27 23.08 23.07
CA PRO C 267 8.74 23.24 24.43
C PRO C 267 9.54 22.40 25.41
N ASN C 268 9.47 22.70 26.70
CA ASN C 268 10.18 21.91 27.70
C ASN C 268 9.26 20.80 28.24
N ASP C 269 9.80 19.98 29.14
CA ASP C 269 9.02 18.83 29.59
C ASP C 269 7.86 19.22 30.49
N LYS C 270 7.98 20.32 31.24
CA LYS C 270 6.87 20.75 32.08
C LYS C 270 5.67 21.15 31.21
N THR C 271 5.92 21.83 30.10
CA THR C 271 4.86 22.18 29.16
C THR C 271 4.22 20.92 28.57
N LEU C 272 5.04 19.98 28.12
CA LEU C 272 4.50 18.79 27.48
C LEU C 272 3.75 17.92 28.48
N ASN C 273 4.36 17.68 29.66
CA ASN C 273 3.73 16.81 30.65
C ASN C 273 2.39 17.35 31.09
N LYS C 274 2.26 18.68 31.16
CA LYS C 274 0.98 19.27 31.53
C LYS C 274 -0.09 18.94 30.49
N ALA C 275 0.25 19.04 29.21
CA ALA C 275 -0.73 18.73 28.17
C ALA C 275 -1.04 17.24 28.13
N VAL C 276 -0.04 16.38 28.29
CA VAL C 276 -0.26 14.94 28.24
C VAL C 276 -1.23 14.52 29.34
N THR C 277 -1.08 15.11 30.54
CA THR C 277 -2.00 14.80 31.63
C THR C 277 -3.43 15.11 31.23
N ALA C 278 -3.65 16.22 30.53
CA ALA C 278 -5.00 16.56 30.11
C ALA C 278 -5.48 15.65 28.98
N ILE C 279 -4.59 15.26 28.07
CA ILE C 279 -4.98 14.33 27.01
C ILE C 279 -5.48 13.04 27.62
N ARG C 280 -4.82 12.57 28.69
CA ARG C 280 -5.25 11.36 29.36
C ARG C 280 -6.67 11.48 29.87
N GLU C 281 -7.03 12.63 30.45
CA GLU C 281 -8.40 12.84 30.89
C GLU C 281 -9.36 12.82 29.71
N LEU C 282 -8.92 13.31 28.54
CA LEU C 282 -9.75 13.20 27.35
C LEU C 282 -10.02 11.74 27.01
N GLU C 283 -8.99 10.90 27.10
CA GLU C 283 -9.19 9.49 26.78
C GLU C 283 -10.24 8.86 27.68
N THR C 284 -10.18 9.13 28.98
CA THR C 284 -11.21 8.59 29.88
C THR C 284 -12.57 9.20 29.60
N ALA C 285 -12.61 10.50 29.25
CA ALA C 285 -13.89 11.12 28.92
C ALA C 285 -14.50 10.50 27.68
N VAL C 286 -13.68 10.22 26.66
CA VAL C 286 -14.17 9.60 25.44
C VAL C 286 -14.66 8.17 25.72
N ALA C 287 -13.99 7.47 26.64
CA ALA C 287 -14.44 6.13 27.00
C ALA C 287 -15.82 6.17 27.63
N ALA C 288 -16.06 7.15 28.52
CA ALA C 288 -17.37 7.27 29.14
C ALA C 288 -18.44 7.66 28.12
N LEU C 289 -18.08 8.50 27.15
CA LEU C 289 -19.01 8.84 26.08
C LEU C 289 -19.35 7.61 25.25
N ASP C 290 -18.35 6.78 24.95
CA ASP C 290 -18.59 5.60 24.13
C ASP C 290 -19.58 4.64 24.81
N ALA C 291 -19.50 4.53 26.14
CA ALA C 291 -20.39 3.65 26.87
C ALA C 291 -21.85 4.07 26.79
N ILE C 292 -22.12 5.32 26.41
CA ILE C 292 -23.50 5.77 26.24
C ILE C 292 -24.19 4.94 25.15
N SER C 293 -23.52 4.72 24.03
CA SER C 293 -24.10 4.04 22.88
C SER C 293 -23.76 2.56 22.84
N ASP C 294 -23.10 2.03 23.87
CA ASP C 294 -22.67 0.64 23.88
C ASP C 294 -23.23 -0.10 25.10
N THR D 23 -22.74 34.90 27.78
CA THR D 23 -21.36 34.48 27.92
C THR D 23 -20.43 35.34 27.06
N LEU D 24 -19.41 35.93 27.68
CA LEU D 24 -18.52 36.86 27.01
C LEU D 24 -17.15 36.19 26.84
N LEU D 25 -16.86 35.73 25.62
CA LEU D 25 -15.62 35.01 25.35
C LEU D 25 -14.39 35.90 25.47
N HIS D 26 -14.54 37.21 25.34
CA HIS D 26 -13.41 38.12 25.18
C HIS D 26 -13.20 38.91 26.47
N ASN D 27 -12.02 38.78 27.03
CA ASN D 27 -11.63 39.51 28.25
C ASN D 27 -11.44 40.98 27.89
N ALA D 28 -12.46 41.80 28.15
CA ALA D 28 -12.38 43.22 27.81
C ALA D 28 -11.34 43.95 28.65
N LYS D 29 -11.11 43.47 29.89
CA LYS D 29 -10.13 44.08 30.78
C LYS D 29 -8.75 43.43 30.67
N ALA D 30 -8.40 42.89 29.50
CA ALA D 30 -7.12 42.24 29.28
C ALA D 30 -6.27 43.10 28.35
N GLN D 31 -5.14 43.59 28.85
CA GLN D 31 -4.17 44.32 28.03
C GLN D 31 -3.10 43.32 27.62
N VAL D 32 -3.15 42.88 26.37
CA VAL D 32 -2.22 41.88 25.85
C VAL D 32 -0.98 42.59 25.30
N THR D 33 0.14 42.42 25.99
CA THR D 33 1.39 43.06 25.60
C THR D 33 2.55 42.09 25.36
N THR D 34 2.39 40.82 25.67
CA THR D 34 3.43 39.82 25.54
C THR D 34 2.85 38.55 24.91
N PRO D 35 3.70 37.70 24.34
CA PRO D 35 3.18 36.42 23.81
C PRO D 35 2.49 35.58 24.88
N CYS D 36 3.01 35.52 26.11
CA CYS D 36 2.31 34.76 27.14
C CYS D 36 0.94 35.38 27.43
N GLY D 37 0.86 36.71 27.46
CA GLY D 37 -0.44 37.35 27.61
C GLY D 37 -1.41 36.97 26.50
N ALA D 38 -0.90 36.86 25.28
CA ALA D 38 -1.74 36.45 24.15
C ALA D 38 -2.21 35.01 24.30
N SER D 39 -1.36 34.12 24.78
CA SER D 39 -1.82 32.74 24.95
C SER D 39 -2.88 32.65 26.05
N HIS D 40 -2.74 33.46 27.11
CA HIS D 40 -3.73 33.44 28.17
C HIS D 40 -5.06 34.02 27.71
N TYR D 41 -5.03 35.02 26.82
CA TYR D 41 -6.28 35.54 26.25
C TYR D 41 -7.02 34.43 25.50
N MET D 42 -6.28 33.66 24.71
CA MET D 42 -6.87 32.55 23.97
C MET D 42 -7.43 31.49 24.90
N ARG D 43 -6.74 31.23 26.02
CA ARG D 43 -7.25 30.24 26.96
C ARG D 43 -8.52 30.75 27.64
N HIS D 44 -8.59 32.06 27.90
CA HIS D 44 -9.80 32.64 28.46
C HIS D 44 -11.00 32.43 27.53
N ILE D 45 -10.77 32.50 26.22
CA ILE D 45 -11.82 32.19 25.26
C ILE D 45 -12.31 30.75 25.45
N THR D 46 -11.38 29.80 25.59
CA THR D 46 -11.82 28.41 25.73
C THR D 46 -12.60 28.20 27.03
N ARG D 47 -12.17 28.84 28.12
CA ARG D 47 -12.88 28.69 29.39
C ARG D 47 -14.28 29.27 29.31
N GLN D 48 -14.43 30.41 28.64
CA GLN D 48 -15.76 31.01 28.48
C GLN D 48 -16.62 30.16 27.55
N ALA D 49 -16.05 29.65 26.47
CA ALA D 49 -16.79 28.76 25.59
C ALA D 49 -17.29 27.53 26.35
N GLU D 50 -16.46 26.99 27.24
CA GLU D 50 -16.90 25.83 28.02
C GLU D 50 -18.05 26.19 28.95
N SER D 51 -18.06 27.41 29.49
CA SER D 51 -19.17 27.83 30.35
C SER D 51 -20.49 27.85 29.61
N ALA D 52 -20.47 28.18 28.31
CA ALA D 52 -21.70 28.22 27.54
C ALA D 52 -22.23 26.81 27.26
N LEU D 53 -21.33 25.88 26.96
CA LEU D 53 -21.75 24.50 26.78
C LEU D 53 -22.23 23.90 28.10
N GLN D 54 -21.55 24.20 29.20
CA GLN D 54 -22.00 23.69 30.49
C GLN D 54 -23.39 24.20 30.83
N ALA D 55 -23.66 25.49 30.58
CA ALA D 55 -24.99 26.03 30.83
C ALA D 55 -26.04 25.46 29.88
N GLY D 56 -25.65 25.18 28.63
CA GLY D 56 -26.58 24.56 27.71
C GLY D 56 -26.99 23.17 28.13
N LEU D 57 -26.05 22.42 28.70
CA LEU D 57 -26.36 21.05 29.12
C LEU D 57 -27.23 21.08 30.38
N LYS D 58 -27.01 22.06 31.25
CA LYS D 58 -27.77 22.15 32.52
C LYS D 58 -29.22 22.52 32.19
N THR D 59 -29.41 23.40 31.22
CA THR D 59 -30.79 23.76 30.77
C THR D 59 -31.46 22.51 30.19
N ALA D 60 -30.78 21.82 29.27
CA ALA D 60 -31.37 20.60 28.71
C ALA D 60 -31.67 19.59 29.80
N GLN D 61 -30.75 19.42 30.76
CA GLN D 61 -30.95 18.40 31.79
C GLN D 61 -32.05 18.80 32.77
N SER D 62 -32.16 20.08 33.10
CA SER D 62 -33.23 20.52 33.99
C SER D 62 -34.59 20.45 33.31
N ALA D 63 -34.63 20.46 31.97
CA ALA D 63 -35.89 20.28 31.27
C ALA D 63 -36.39 18.84 31.31
N LEU D 64 -35.68 17.95 32.00
CA LEU D 64 -36.09 16.56 32.10
C LEU D 64 -36.60 16.25 33.52
N SER D 94 -39.80 18.29 24.59
CA SER D 94 -39.62 19.18 23.42
C SER D 94 -38.71 20.35 23.82
N GLU D 95 -38.80 20.81 25.06
CA GLU D 95 -37.86 21.86 25.52
C GLU D 95 -36.46 21.26 25.45
N ALA D 96 -36.33 20.04 25.94
CA ALA D 96 -35.04 19.34 25.79
C ALA D 96 -34.79 19.09 24.31
N ALA D 97 -35.85 18.72 23.58
CA ALA D 97 -35.64 18.40 22.16
C ALA D 97 -35.04 19.59 21.41
N LYS D 98 -35.52 20.80 21.70
CA LYS D 98 -34.94 21.99 21.09
C LYS D 98 -33.52 22.24 21.62
N ALA D 99 -33.32 22.04 22.93
CA ALA D 99 -32.00 22.28 23.51
C ALA D 99 -30.97 21.28 23.01
N ILE D 100 -31.36 20.01 22.87
CA ILE D 100 -30.43 19.01 22.37
C ILE D 100 -30.14 19.23 20.91
N GLU D 101 -31.16 19.48 20.11
CA GLU D 101 -30.95 19.77 18.70
C GLU D 101 -30.01 20.96 18.53
N THR D 102 -30.14 21.97 19.39
CA THR D 102 -29.23 23.12 19.32
C THR D 102 -27.81 22.71 19.65
N ILE D 103 -27.61 22.01 20.78
CA ILE D 103 -26.26 21.62 21.17
C ILE D 103 -25.64 20.72 20.11
N LYS D 104 -26.40 19.74 19.61
CA LYS D 104 -25.87 18.86 18.58
C LYS D 104 -25.55 19.62 17.29
N THR D 105 -26.43 20.55 16.89
CA THR D 105 -26.23 21.29 15.66
C THR D 105 -25.01 22.21 15.73
N GLU D 106 -24.71 22.76 16.92
CA GLU D 106 -23.61 23.70 17.05
C GLU D 106 -22.27 23.04 17.36
N THR D 107 -22.26 21.74 17.65
CA THR D 107 -21.03 21.07 18.08
C THR D 107 -19.91 21.20 17.03
N LYS D 108 -20.23 21.06 15.74
CA LYS D 108 -19.23 21.18 14.68
C LYS D 108 -18.50 22.52 14.76
N ASN D 109 -19.25 23.62 14.73
CA ASN D 109 -18.65 24.94 14.78
C ASN D 109 -18.00 25.20 16.12
N PHE D 110 -18.63 24.74 17.20
CA PHE D 110 -18.08 24.95 18.53
C PHE D 110 -16.70 24.33 18.66
N LEU D 111 -16.57 23.06 18.27
CA LEU D 111 -15.31 22.36 18.48
C LEU D 111 -14.23 22.83 17.51
N ALA D 112 -14.60 23.27 16.32
CA ALA D 112 -13.57 23.77 15.40
C ALA D 112 -13.00 25.11 15.85
N GLY D 113 -13.85 25.98 16.40
CA GLY D 113 -13.37 27.27 16.90
C GLY D 113 -12.65 27.14 18.22
N PHE D 114 -13.17 26.24 19.06
CA PHE D 114 -12.50 25.88 20.31
C PHE D 114 -11.09 25.34 20.03
N ALA D 115 -10.98 24.46 19.04
CA ALA D 115 -9.66 23.92 18.69
C ALA D 115 -8.75 25.01 18.16
N ALA D 116 -9.28 25.93 17.36
CA ALA D 116 -8.42 26.99 16.80
C ALA D 116 -7.91 27.91 17.91
N ALA D 117 -8.74 28.20 18.90
CA ALA D 117 -8.29 29.08 19.98
C ALA D 117 -7.18 28.42 20.79
N ALA D 118 -7.35 27.14 21.12
CA ALA D 118 -6.31 26.41 21.83
C ALA D 118 -5.05 26.29 20.99
N GLU D 119 -5.21 26.04 19.68
CA GLU D 119 -4.07 25.98 18.78
C GLU D 119 -3.31 27.31 18.76
N LEU D 120 -4.05 28.42 18.69
CA LEU D 120 -3.40 29.72 18.78
C LEU D 120 -2.71 29.90 20.12
N ALA D 121 -3.28 29.36 21.21
CA ALA D 121 -2.63 29.50 22.51
C ALA D 121 -1.32 28.74 22.55
N GLY D 122 -1.28 27.56 21.90
CA GLY D 122 -0.04 26.80 21.86
C GLY D 122 1.02 27.45 20.98
N GLN D 123 0.62 28.02 19.85
CA GLN D 123 1.57 28.76 19.02
C GLN D 123 2.20 29.90 19.81
N GLN D 124 1.39 30.71 20.49
CA GLN D 124 1.92 31.85 21.24
C GLN D 124 2.86 31.40 22.36
N THR D 125 2.59 30.23 22.96
CA THR D 125 3.46 29.70 23.99
C THR D 125 4.87 29.47 23.46
N ILE D 126 4.99 28.90 22.27
CA ILE D 126 6.31 28.67 21.68
C ILE D 126 6.95 29.99 21.27
N VAL D 127 6.15 30.93 20.76
CA VAL D 127 6.70 32.24 20.41
C VAL D 127 7.32 32.89 21.64
N SER D 128 6.68 32.76 22.82
CA SER D 128 7.20 33.41 24.01
C SER D 128 8.55 32.84 24.42
N GLU D 129 8.83 31.59 24.07
CA GLU D 129 10.12 30.99 24.40
C GLU D 129 11.20 31.27 23.35
N ILE D 130 10.87 31.17 22.07
CA ILE D 130 11.88 31.33 20.98
C ILE D 130 12.30 32.79 20.79
N LYS D 131 11.54 33.75 21.30
CA LYS D 131 11.84 35.19 21.09
C LYS D 131 13.14 35.54 21.82
N SER D 132 13.54 34.74 22.80
CA SER D 132 14.76 34.97 23.58
C SER D 132 15.99 34.55 22.79
N ALA D 133 15.80 34.03 21.59
CA ALA D 133 16.93 33.44 20.90
C ALA D 133 17.96 34.51 20.53
N GLN D 134 19.23 34.20 20.76
CA GLN D 134 20.26 35.18 20.46
C GLN D 134 21.54 34.51 20.01
N VAL D 135 22.37 35.31 19.35
CA VAL D 135 23.76 34.99 19.06
C VAL D 135 24.59 35.62 20.17
N GLN D 136 25.45 34.84 20.82
CA GLN D 136 26.25 35.39 21.91
C GLN D 136 27.40 36.23 21.41
N ASP D 137 27.74 37.26 22.17
CA ASP D 137 29.01 37.95 21.99
C ASP D 137 30.16 36.96 22.18
N VAL D 138 31.26 37.21 21.51
CA VAL D 138 32.47 36.39 21.65
C VAL D 138 33.67 37.32 21.68
N ASN D 139 34.49 37.20 22.72
CA ASN D 139 35.71 37.99 22.84
C ASN D 139 36.56 37.88 21.59
N THR D 140 37.20 38.99 21.22
CA THR D 140 38.07 39.01 20.05
C THR D 140 39.32 38.19 20.30
N LEU D 141 39.90 37.69 19.20
CA LEU D 141 41.16 36.97 19.25
C LEU D 141 41.98 37.32 18.03
N THR D 142 43.30 37.38 18.21
CA THR D 142 44.26 37.62 17.13
C THR D 142 43.85 36.88 15.87
N ALA D 143 43.75 37.62 14.76
CA ALA D 143 43.10 37.11 13.56
C ALA D 143 43.62 35.75 13.14
N ALA D 144 44.95 35.57 13.13
CA ALA D 144 45.50 34.29 12.68
C ALA D 144 45.01 33.12 13.51
N GLN D 145 44.75 33.33 14.80
CA GLN D 145 44.26 32.25 15.66
C GLN D 145 42.73 32.13 15.67
N ALA D 146 42.03 33.11 15.10
CA ALA D 146 40.58 33.15 15.16
C ALA D 146 39.93 32.27 14.10
N VAL D 147 40.70 31.71 13.17
CA VAL D 147 40.14 30.98 12.04
C VAL D 147 40.38 29.48 12.15
N THR D 148 40.93 29.01 13.26
CA THR D 148 41.21 27.58 13.39
C THR D 148 41.25 27.16 14.86
N THR D 149 41.33 25.85 15.08
CA THR D 149 41.40 25.33 16.43
C THR D 149 42.73 25.73 17.08
N PRO D 150 42.72 26.02 18.40
CA PRO D 150 41.60 25.92 19.34
C PRO D 150 40.88 27.23 19.56
N GLY D 151 41.34 28.30 18.94
CA GLY D 151 40.79 29.62 19.19
C GLY D 151 39.65 30.04 18.29
N ILE D 152 39.17 29.17 17.40
CA ILE D 152 38.28 29.59 16.32
C ILE D 152 37.06 30.30 16.89
N ILE D 153 36.73 31.45 16.32
CA ILE D 153 35.58 32.24 16.75
C ILE D 153 34.31 31.58 16.25
N GLN D 154 33.40 31.26 17.16
CA GLN D 154 32.18 30.55 16.82
C GLN D 154 30.98 31.47 16.85
N VAL D 155 30.01 31.19 15.97
CA VAL D 155 28.69 31.79 16.03
C VAL D 155 27.87 30.93 16.98
N LYS D 156 27.54 31.47 18.16
CA LYS D 156 27.01 30.63 19.24
C LYS D 156 25.52 30.86 19.45
N PRO D 157 24.65 29.96 19.01
CA PRO D 157 23.21 30.11 19.33
C PRO D 157 22.98 29.99 20.82
N LYS D 158 21.95 30.70 21.30
CA LYS D 158 21.62 30.63 22.70
C LYS D 158 20.11 30.82 22.87
N LEU D 159 19.51 30.03 23.77
CA LEU D 159 18.11 30.13 24.12
C LEU D 159 17.97 30.32 25.63
N THR D 160 16.87 30.92 26.04
CA THR D 160 16.50 31.04 27.45
C THR D 160 15.29 30.15 27.67
N ILE D 161 15.48 29.07 28.42
CA ILE D 161 14.44 28.06 28.64
C ILE D 161 13.73 28.37 29.96
N ALA D 162 12.41 28.50 29.91
CA ALA D 162 11.64 28.66 31.14
C ALA D 162 11.92 27.50 32.09
N SER D 163 12.02 27.82 33.38
CA SER D 163 12.22 26.80 34.39
C SER D 163 10.90 26.23 34.90
N THR D 164 9.79 26.80 34.49
CA THR D 164 8.46 26.30 34.76
C THR D 164 7.84 25.89 33.43
N ALA D 165 6.60 25.41 33.49
CA ALA D 165 5.80 25.35 32.29
C ALA D 165 5.70 26.75 31.70
N ALA D 166 6.07 26.90 30.44
CA ALA D 166 6.12 28.22 29.81
C ALA D 166 4.79 28.95 29.97
N CYS D 167 4.87 30.22 30.36
CA CYS D 167 3.73 31.11 30.60
C CYS D 167 2.95 30.78 31.87
N PHE D 168 3.49 29.93 32.76
CA PHE D 168 2.81 29.58 34.00
C PHE D 168 3.81 29.59 35.15
N ASN D 169 3.32 29.87 36.34
CA ASN D 169 4.14 29.68 37.53
C ASN D 169 4.11 28.22 37.97
N ASP D 170 4.93 27.91 38.98
CA ASP D 170 5.03 26.53 39.47
C ASP D 170 3.67 26.01 39.96
N ASP D 171 2.90 26.88 40.62
CA ASP D 171 1.59 26.45 41.12
C ASP D 171 0.57 26.25 40.01
N GLY D 172 0.97 26.45 38.74
CA GLY D 172 0.05 26.35 37.63
C GLY D 172 -0.76 27.58 37.35
N SER D 173 -0.57 28.67 38.12
CA SER D 173 -1.28 29.90 37.87
C SER D 173 -0.63 30.67 36.72
N PRO D 174 -1.41 31.43 35.95
CA PRO D 174 -0.83 32.13 34.79
C PRO D 174 0.15 33.20 35.23
N VAL D 175 1.19 33.39 34.42
CA VAL D 175 2.18 34.42 34.68
C VAL D 175 1.55 35.81 34.62
N GLY D 186 -18.15 47.33 23.02
CA GLY D 186 -16.79 47.29 22.50
C GLY D 186 -16.52 46.07 21.64
N GLU D 187 -15.99 46.29 20.44
CA GLU D 187 -15.78 45.21 19.49
C GLU D 187 -14.42 44.55 19.75
N PRO D 188 -14.34 43.22 19.73
CA PRO D 188 -13.13 42.54 20.22
C PRO D 188 -11.97 42.60 19.24
N THR D 189 -10.77 42.56 19.80
CA THR D 189 -9.52 42.53 19.05
C THR D 189 -8.75 41.26 19.41
N LEU D 190 -8.34 40.50 18.39
CA LEU D 190 -7.46 39.36 18.58
C LEU D 190 -6.02 39.80 18.31
N LYS D 191 -5.13 39.54 19.27
CA LYS D 191 -3.75 39.99 19.19
C LYS D 191 -2.82 38.78 19.28
N PHE D 192 -1.83 38.73 18.37
CA PHE D 192 -0.86 37.64 18.33
C PHE D 192 0.52 38.22 18.09
N PHE D 193 1.52 37.56 18.64
CA PHE D 193 2.91 37.92 18.40
C PHE D 193 3.52 36.96 17.40
N VAL D 194 4.36 37.48 16.53
CA VAL D 194 4.97 36.72 15.44
C VAL D 194 6.45 37.08 15.37
N VAL D 195 7.27 36.13 14.92
CA VAL D 195 8.71 36.34 14.86
C VAL D 195 9.17 36.37 13.42
N SER D 196 10.26 37.09 13.18
CA SER D 196 10.90 37.11 11.87
C SER D 196 12.40 37.21 12.09
N ALA D 197 13.16 36.92 11.03
CA ALA D 197 14.60 37.03 11.10
C ALA D 197 15.01 38.45 11.44
N ASN D 198 15.95 38.62 12.37
CA ASN D 198 16.42 39.93 12.73
C ASN D 198 17.37 40.48 11.66
N THR D 199 17.51 41.80 11.63
N THR D 199 17.50 41.81 11.62
CA THR D 199 18.33 42.47 10.64
CA THR D 199 18.33 42.51 10.64
C THR D 199 19.69 42.80 11.23
C THR D 199 19.69 42.80 11.23
N PRO D 200 20.78 42.35 10.61
CA PRO D 200 22.12 42.66 11.14
C PRO D 200 22.51 44.12 10.93
N GLY D 201 23.46 44.58 11.74
CA GLY D 201 23.99 45.91 11.59
C GLY D 201 24.88 46.06 10.37
N THR D 202 25.14 47.31 10.00
CA THR D 202 25.83 47.65 8.75
C THR D 202 27.20 48.28 8.94
N THR D 203 27.68 48.41 10.17
CA THR D 203 29.02 48.93 10.42
C THR D 203 29.51 48.38 11.75
N HIS D 204 30.73 48.75 12.12
CA HIS D 204 31.33 48.21 13.33
C HIS D 204 30.57 48.68 14.57
N ASN D 205 30.56 47.80 15.57
CA ASN D 205 29.86 47.98 16.84
C ASN D 205 28.34 47.97 16.71
N GLU D 206 27.81 47.48 15.60
CA GLU D 206 26.38 47.22 15.51
C GLU D 206 26.14 45.73 15.66
N LEU D 207 24.89 45.38 15.94
CA LEU D 207 24.55 44.00 16.27
C LEU D 207 24.82 43.04 15.12
N LEU D 208 25.11 41.78 15.46
CA LEU D 208 25.20 40.67 14.50
C LEU D 208 26.24 40.93 13.42
N THR D 209 27.45 41.27 13.84
CA THR D 209 28.54 41.55 12.92
C THR D 209 29.83 40.96 13.49
N ILE D 210 30.82 40.81 12.62
CA ILE D 210 32.16 40.48 13.10
C ILE D 210 32.70 41.70 13.83
N CYS D 211 33.31 41.46 15.00
CA CYS D 211 33.80 42.53 15.86
C CYS D 211 35.31 42.63 15.75
N GLY D 212 35.80 43.75 15.24
CA GLY D 212 37.23 44.00 15.20
C GLY D 212 37.70 44.77 16.43
N HIS D 213 38.95 44.50 16.81
CA HIS D 213 39.55 45.28 17.88
C HIS D 213 41.06 45.21 17.78
N GLY D 214 41.71 46.32 18.17
CA GLY D 214 43.17 46.37 18.18
C GLY D 214 43.79 45.48 19.23
N SER D 215 43.08 45.22 20.33
CA SER D 215 43.60 44.45 21.45
C SER D 215 42.91 43.09 21.48
N THR D 216 43.71 42.03 21.41
CA THR D 216 43.14 40.69 21.50
C THR D 216 42.57 40.46 22.90
N GLY D 217 41.51 39.67 22.96
CA GLY D 217 40.88 39.35 24.23
C GLY D 217 39.87 40.35 24.73
N THR D 218 39.37 41.23 23.87
N THR D 218 39.36 41.22 23.86
CA THR D 218 38.45 42.28 24.30
CA THR D 218 38.44 42.27 24.26
C THR D 218 37.01 41.84 24.11
C THR D 218 37.00 41.80 24.12
N ALA D 219 36.19 42.10 25.13
CA ALA D 219 34.76 41.83 25.02
C ALA D 219 34.14 42.83 24.06
N PRO D 220 33.29 42.39 23.12
CA PRO D 220 32.64 43.35 22.22
C PRO D 220 31.82 44.42 22.93
N SER D 221 31.36 44.16 24.15
CA SER D 221 30.62 45.18 24.90
C SER D 221 31.50 46.38 25.24
N THR D 222 32.83 46.22 25.18
CA THR D 222 33.73 47.35 25.32
C THR D 222 33.72 48.26 24.10
N GLY D 223 33.18 47.81 22.97
CA GLY D 223 33.08 48.62 21.78
C GLY D 223 33.99 48.13 20.67
N CYS D 224 33.40 47.73 19.55
CA CYS D 224 34.20 47.26 18.42
C CYS D 224 34.84 48.44 17.69
N GLN D 225 35.91 48.13 16.94
CA GLN D 225 36.65 49.15 16.22
C GLN D 225 36.85 48.75 14.78
N ASN D 226 37.19 49.74 13.95
CA ASN D 226 37.63 49.52 12.59
C ASN D 226 39.09 49.04 12.63
N ASP D 227 39.26 47.81 13.10
CA ASP D 227 40.61 47.28 13.28
C ASP D 227 40.51 45.77 13.27
N ALA D 228 41.27 45.11 12.39
CA ALA D 228 41.16 43.65 12.24
C ALA D 228 42.32 42.92 12.89
N THR D 229 43.09 43.58 13.77
CA THR D 229 44.18 42.91 14.47
C THR D 229 43.67 41.69 15.21
N SER D 230 42.56 41.83 15.94
CA SER D 230 41.85 40.72 16.55
C SER D 230 40.39 40.78 16.11
N ILE D 231 39.72 39.62 16.19
N ILE D 231 39.72 39.62 16.09
CA ILE D 231 38.40 39.41 15.61
CA ILE D 231 38.35 39.57 15.62
C ILE D 231 37.52 38.67 16.61
C ILE D 231 37.51 38.72 16.56
N GLY D 232 36.32 39.21 16.86
CA GLY D 232 35.34 38.52 17.68
C GLY D 232 33.99 38.56 17.01
N ILE D 233 32.91 38.39 17.77
CA ILE D 233 31.56 38.47 17.23
C ILE D 233 30.74 39.38 18.15
N LYS D 234 30.09 40.37 17.56
CA LYS D 234 29.08 41.15 18.28
C LYS D 234 27.74 40.49 18.01
N GLY D 235 27.12 39.95 19.05
CA GLY D 235 25.90 39.18 18.90
C GLY D 235 24.67 40.06 18.84
N GLY D 236 23.54 39.48 19.24
CA GLY D 236 22.27 40.16 19.21
C GLY D 236 21.15 39.15 19.12
N ASP D 237 19.91 39.66 19.14
CA ASP D 237 18.75 38.80 19.02
C ASP D 237 18.70 38.18 17.63
N PHE D 238 18.46 36.86 17.57
CA PHE D 238 18.32 36.20 16.28
C PHE D 238 17.01 36.60 15.60
N LEU D 239 15.98 36.94 16.37
CA LEU D 239 14.63 37.20 15.88
C LEU D 239 14.15 38.58 16.28
N LYS D 240 13.26 39.12 15.45
CA LYS D 240 12.41 40.26 15.80
C LYS D 240 11.04 39.73 16.17
N THR D 241 10.41 40.33 17.17
CA THR D 241 9.09 39.92 17.62
C THR D 241 8.16 41.12 17.50
N ALA D 242 7.02 40.94 16.84
CA ALA D 242 6.08 42.03 16.62
C ALA D 242 4.67 41.51 16.84
N ALA D 243 3.76 42.42 17.14
CA ALA D 243 2.37 42.08 17.36
C ALA D 243 1.57 42.33 16.09
N VAL D 244 0.65 41.41 15.80
CA VAL D 244 -0.33 41.62 14.75
C VAL D 244 -1.70 41.55 15.39
N THR D 245 -2.67 42.26 14.80
CA THR D 245 -4.00 42.35 15.37
C THR D 245 -5.05 42.28 14.28
N THR D 246 -6.27 41.93 14.69
CA THR D 246 -7.43 42.04 13.83
C THR D 246 -8.62 42.31 14.73
N THR D 247 -9.42 43.30 14.37
CA THR D 247 -10.55 43.76 15.17
C THR D 247 -11.84 43.52 14.40
N ARG D 248 -12.79 42.82 15.02
CA ARG D 248 -14.01 42.45 14.31
C ARG D 248 -14.71 43.69 13.77
N LEU D 249 -15.24 43.56 12.55
CA LEU D 249 -15.84 44.67 11.83
C LEU D 249 -17.31 44.37 11.58
N ALA D 250 -18.17 45.16 12.20
CA ALA D 250 -19.63 44.96 12.04
C ALA D 250 -20.08 45.64 10.75
N SER D 251 -20.43 44.83 9.76
CA SER D 251 -20.98 45.38 8.49
C SER D 251 -22.47 45.05 8.44
N SER D 252 -23.16 45.46 7.38
CA SER D 252 -24.58 45.07 7.24
C SER D 252 -24.65 43.55 7.08
N ALA D 253 -23.73 42.99 6.29
CA ALA D 253 -23.77 41.56 6.03
C ALA D 253 -23.57 40.76 7.32
N GLY D 254 -22.70 41.24 8.20
CA GLY D 254 -22.46 40.56 9.46
C GLY D 254 -21.21 41.10 10.13
N LYS D 255 -20.66 40.28 11.01
CA LYS D 255 -19.44 40.62 11.74
C LYS D 255 -18.32 39.71 11.26
N THR D 256 -17.18 40.32 10.89
CA THR D 256 -16.07 39.57 10.31
C THR D 256 -14.76 40.20 10.73
N TYR D 257 -13.78 39.36 11.01
CA TYR D 257 -12.43 39.83 11.29
C TYR D 257 -11.69 40.10 9.99
N PRO D 258 -11.12 41.30 9.81
CA PRO D 258 -10.32 41.57 8.61
C PRO D 258 -9.08 40.67 8.56
N ALA D 259 -8.61 40.45 7.33
CA ALA D 259 -7.42 39.64 7.11
C ALA D 259 -6.16 40.32 7.63
N ILE D 260 -5.30 39.55 8.27
CA ILE D 260 -3.96 39.99 8.66
C ILE D 260 -3.03 39.79 7.47
N THR D 261 -2.10 40.73 7.27
CA THR D 261 -1.04 40.56 6.26
C THR D 261 0.30 40.43 6.97
N SER D 262 0.95 39.28 6.76
CA SER D 262 2.22 38.97 7.42
C SER D 262 2.84 37.73 6.80
N THR D 263 3.59 37.91 5.72
CA THR D 263 4.05 36.80 4.90
C THR D 263 5.46 36.33 5.22
N THR D 264 6.16 37.00 6.12
CA THR D 264 7.56 36.70 6.40
C THR D 264 7.78 36.27 7.85
N THR D 265 6.72 35.87 8.54
CA THR D 265 6.77 35.67 9.98
C THR D 265 6.34 34.25 10.34
N ILE D 266 6.64 33.88 11.59
CA ILE D 266 6.18 32.64 12.19
C ILE D 266 5.38 32.99 13.44
N PRO D 267 4.07 32.71 13.47
CA PRO D 267 3.30 32.18 12.33
C PRO D 267 3.05 33.21 11.23
N ASN D 268 2.65 32.76 10.05
CA ASN D 268 2.35 33.66 8.95
C ASN D 268 0.86 33.99 8.95
N ASP D 269 0.45 34.84 8.00
CA ASP D 269 -0.94 35.30 8.01
C ASP D 269 -1.90 34.18 7.60
N LYS D 270 -1.49 33.29 6.69
CA LYS D 270 -2.36 32.20 6.26
C LYS D 270 -2.73 31.31 7.43
N THR D 271 -1.75 31.00 8.28
CA THR D 271 -2.03 30.24 9.50
C THR D 271 -2.95 31.01 10.43
N LEU D 272 -2.64 32.29 10.66
CA LEU D 272 -3.46 33.08 11.59
C LEU D 272 -4.86 33.28 11.04
N ASN D 273 -4.98 33.66 9.77
CA ASN D 273 -6.30 34.00 9.23
C ASN D 273 -7.24 32.80 9.24
N LYS D 274 -6.72 31.62 8.94
CA LYS D 274 -7.52 30.41 9.01
C LYS D 274 -8.06 30.19 10.42
N ALA D 275 -7.20 30.33 11.43
CA ALA D 275 -7.64 30.14 12.81
C ALA D 275 -8.66 31.20 13.22
N VAL D 276 -8.44 32.45 12.85
CA VAL D 276 -9.38 33.51 13.25
C VAL D 276 -10.76 33.24 12.65
N THR D 277 -10.80 32.76 11.42
CA THR D 277 -12.08 32.42 10.79
C THR D 277 -12.82 31.36 11.60
N ALA D 278 -12.09 30.39 12.16
CA ALA D 278 -12.73 29.38 13.01
C ALA D 278 -13.21 29.98 14.31
N ILE D 279 -12.53 31.00 14.82
CA ILE D 279 -12.93 31.65 16.10
C ILE D 279 -14.31 32.32 15.94
N ARG D 280 -14.56 32.93 14.79
CA ARG D 280 -15.90 33.55 14.55
C ARG D 280 -16.95 32.45 14.65
N GLU D 281 -16.69 31.29 14.05
CA GLU D 281 -17.63 30.14 14.16
C GLU D 281 -17.87 29.81 15.64
N LEU D 282 -16.82 29.81 16.46
CA LEU D 282 -17.04 29.58 17.89
C LEU D 282 -17.93 30.67 18.49
N GLU D 283 -17.70 31.93 18.11
CA GLU D 283 -18.49 33.03 18.64
C GLU D 283 -19.96 32.86 18.30
N THR D 284 -20.27 32.55 17.04
CA THR D 284 -21.66 32.35 16.67
C THR D 284 -22.23 31.09 17.31
N ALA D 285 -21.41 30.06 17.50
CA ALA D 285 -21.87 28.86 18.18
C ALA D 285 -22.19 29.14 19.65
N VAL D 286 -21.34 29.95 20.30
CA VAL D 286 -21.59 30.30 21.70
C VAL D 286 -22.85 31.14 21.81
N ALA D 287 -23.11 32.00 20.83
CA ALA D 287 -24.34 32.80 20.86
C ALA D 287 -25.57 31.90 20.72
N ALA D 288 -25.47 30.83 19.93
CA ALA D 288 -26.59 29.91 19.82
C ALA D 288 -26.79 29.13 21.12
N LEU D 289 -25.69 28.71 21.76
CA LEU D 289 -25.79 28.00 23.03
C LEU D 289 -26.42 28.87 24.11
N ASP D 290 -26.11 30.17 24.10
CA ASP D 290 -26.71 31.08 25.08
C ASP D 290 -28.19 31.28 24.82
N ALA D 291 -28.62 31.21 23.55
CA ALA D 291 -30.03 31.39 23.22
C ALA D 291 -30.91 30.30 23.82
N ILE D 292 -30.32 29.17 24.25
CA ILE D 292 -31.10 28.18 25.00
C ILE D 292 -31.44 28.67 26.41
N SER D 293 -30.77 29.74 26.87
CA SER D 293 -30.89 30.27 28.22
C SER D 293 -30.54 29.21 29.26
N THR E 22 15.08 -7.20 25.66
CA THR E 22 13.89 -7.96 25.30
C THR E 22 13.97 -8.43 23.85
N THR E 23 13.65 -9.70 23.62
CA THR E 23 13.69 -10.31 22.30
C THR E 23 12.30 -10.24 21.66
N LEU E 24 12.22 -9.63 20.49
CA LEU E 24 10.95 -9.45 19.78
C LEU E 24 10.79 -10.60 18.79
N LEU E 25 9.83 -11.49 19.07
CA LEU E 25 9.60 -12.64 18.21
C LEU E 25 8.94 -12.27 16.89
N HIS E 26 8.25 -11.13 16.83
CA HIS E 26 7.47 -10.76 15.67
C HIS E 26 8.19 -9.66 14.90
N ASN E 27 8.41 -9.90 13.61
CA ASN E 27 9.05 -8.91 12.75
C ASN E 27 8.10 -7.76 12.46
N ALA E 28 8.57 -6.53 12.70
CA ALA E 28 7.72 -5.36 12.50
C ALA E 28 7.73 -4.87 11.06
N LYS E 29 8.85 -5.03 10.35
CA LYS E 29 8.95 -4.61 8.95
C LYS E 29 8.47 -5.69 7.98
N ALA E 30 8.02 -6.84 8.48
CA ALA E 30 7.59 -7.91 7.59
C ALA E 30 6.25 -7.57 6.96
N GLN E 31 6.17 -7.70 5.64
CA GLN E 31 4.94 -7.48 4.89
C GLN E 31 4.57 -8.83 4.26
N VAL E 32 3.83 -9.63 5.02
CA VAL E 32 3.44 -10.96 4.56
C VAL E 32 2.38 -10.80 3.48
N THR E 33 2.74 -11.15 2.24
CA THR E 33 1.79 -11.10 1.13
C THR E 33 1.74 -12.38 0.32
N THR E 34 2.55 -13.39 0.64
CA THR E 34 2.58 -14.66 -0.05
C THR E 34 2.70 -15.78 0.98
N PRO E 35 2.33 -17.01 0.61
CA PRO E 35 2.56 -18.13 1.52
C PRO E 35 4.03 -18.31 1.88
N CYS E 36 4.95 -18.05 0.96
CA CYS E 36 6.36 -18.17 1.32
C CYS E 36 6.76 -17.11 2.34
N GLY E 37 6.29 -15.86 2.16
CA GLY E 37 6.53 -14.84 3.17
C GLY E 37 5.95 -15.21 4.52
N ALA E 38 4.76 -15.84 4.53
CA ALA E 38 4.20 -16.31 5.80
C ALA E 38 5.10 -17.36 6.43
N SER E 39 5.61 -18.30 5.63
CA SER E 39 6.47 -19.34 6.19
C SER E 39 7.74 -18.74 6.76
N HIS E 40 8.27 -17.67 6.14
CA HIS E 40 9.48 -17.03 6.66
C HIS E 40 9.20 -16.21 7.93
N TYR E 41 8.01 -15.60 8.00
CA TYR E 41 7.64 -14.92 9.24
C TYR E 41 7.60 -15.90 10.40
N MET E 42 7.11 -17.12 10.17
CA MET E 42 7.11 -18.14 11.21
C MET E 42 8.52 -18.57 11.56
N ARG E 43 9.40 -18.68 10.56
CA ARG E 43 10.78 -19.04 10.86
C ARG E 43 11.49 -17.94 11.63
N HIS E 44 11.12 -16.68 11.40
CA HIS E 44 11.70 -15.59 12.17
C HIS E 44 11.33 -15.70 13.64
N ILE E 45 10.10 -16.14 13.93
CA ILE E 45 9.70 -16.38 15.32
C ILE E 45 10.62 -17.40 15.97
N THR E 46 10.86 -18.53 15.29
CA THR E 46 11.69 -19.57 15.88
C THR E 46 13.13 -19.10 16.09
N ARG E 47 13.65 -18.30 15.16
CA ARG E 47 15.01 -17.78 15.33
C ARG E 47 15.09 -16.87 16.55
N GLN E 48 14.05 -16.07 16.78
CA GLN E 48 14.07 -15.17 17.93
C GLN E 48 13.87 -15.92 19.24
N ALA E 49 13.04 -16.98 19.23
CA ALA E 49 12.91 -17.81 20.40
C ALA E 49 14.23 -18.50 20.73
N GLU E 50 14.96 -18.94 19.70
CA GLU E 50 16.27 -19.54 19.93
C GLU E 50 17.23 -18.55 20.59
N SER E 51 17.23 -17.30 20.11
CA SER E 51 18.13 -16.31 20.67
C SER E 51 17.80 -16.00 22.13
N ALA E 52 16.54 -16.18 22.53
CA ALA E 52 16.18 -15.93 23.92
C ALA E 52 16.65 -17.05 24.83
N LEU E 53 16.49 -18.31 24.40
CA LEU E 53 16.95 -19.43 25.22
C LEU E 53 18.46 -19.41 25.40
N GLN E 54 19.20 -19.01 24.38
CA GLN E 54 20.65 -18.93 24.51
C GLN E 54 21.06 -17.83 25.48
N ALA E 55 20.34 -16.71 25.48
CA ALA E 55 20.68 -15.61 26.40
C ALA E 55 20.44 -16.03 27.85
N GLY E 56 19.32 -16.69 28.13
CA GLY E 56 19.10 -17.19 29.48
C GLY E 56 20.09 -18.27 29.88
N LEU E 57 20.51 -19.09 28.92
CA LEU E 57 21.53 -20.10 29.20
C LEU E 57 22.88 -19.45 29.48
N LYS E 58 23.23 -18.42 28.70
CA LYS E 58 24.48 -17.70 28.93
C LYS E 58 24.49 -17.03 30.30
N THR E 59 23.36 -16.46 30.71
CA THR E 59 23.28 -15.84 32.03
C THR E 59 23.40 -16.88 33.14
N ALA E 60 22.72 -18.02 32.98
CA ALA E 60 22.85 -19.11 33.95
C ALA E 60 24.29 -19.61 34.00
N GLN E 61 24.96 -19.65 32.85
CA GLN E 61 26.36 -20.07 32.81
C GLN E 61 27.27 -19.04 33.47
N SER E 62 27.09 -17.77 33.12
CA SER E 62 27.93 -16.72 33.70
C SER E 62 27.75 -16.61 35.21
N ALA E 63 26.53 -16.87 35.70
CA ALA E 63 26.31 -16.85 37.14
C ALA E 63 26.99 -18.04 37.82
N LEU E 64 27.10 -19.17 37.12
CA LEU E 64 27.70 -20.36 37.72
C LEU E 64 29.19 -20.16 37.98
N GLU E 65 29.91 -19.59 37.01
CA GLU E 65 31.34 -19.36 37.20
C GLU E 65 31.60 -18.30 38.26
N THR E 66 30.79 -17.25 38.29
CA THR E 66 30.94 -16.18 39.26
C THR E 66 30.39 -16.59 40.63
N SER E 94 22.96 -19.84 43.65
CA SER E 94 21.98 -18.84 44.08
C SER E 94 21.13 -18.39 42.90
N GLU E 95 21.57 -17.35 42.21
CA GLU E 95 20.84 -16.88 41.04
C GLU E 95 20.92 -17.88 39.88
N ALA E 96 22.02 -18.64 39.82
CA ALA E 96 22.12 -19.69 38.80
C ALA E 96 21.05 -20.76 39.01
N ALA E 97 20.75 -21.08 40.27
CA ALA E 97 19.71 -22.07 40.54
C ALA E 97 18.34 -21.56 40.13
N LYS E 98 18.08 -20.26 40.33
CA LYS E 98 16.80 -19.70 39.91
C LYS E 98 16.70 -19.59 38.40
N ALA E 99 17.82 -19.28 37.73
CA ALA E 99 17.81 -19.20 36.27
C ALA E 99 17.53 -20.57 35.65
N ILE E 100 18.02 -21.64 36.26
CA ILE E 100 17.78 -22.97 35.73
C ILE E 100 16.34 -23.38 35.95
N GLU E 101 15.83 -23.15 37.17
CA GLU E 101 14.44 -23.45 37.44
C GLU E 101 13.53 -22.75 36.42
N THR E 102 13.88 -21.53 36.04
CA THR E 102 13.08 -20.80 35.08
C THR E 102 13.16 -21.44 33.69
N ILE E 103 14.34 -21.90 33.29
CA ILE E 103 14.46 -22.60 32.00
C ILE E 103 13.56 -23.84 31.98
N LYS E 104 13.78 -24.74 32.93
CA LYS E 104 13.08 -26.03 32.91
C LYS E 104 11.58 -25.84 32.98
N THR E 105 11.11 -24.86 33.75
CA THR E 105 9.68 -24.63 33.86
C THR E 105 9.08 -24.14 32.54
N GLU E 106 9.84 -23.35 31.78
CA GLU E 106 9.33 -22.78 30.55
C GLU E 106 9.54 -23.68 29.33
N THR E 107 10.36 -24.73 29.44
CA THR E 107 10.69 -25.53 28.26
C THR E 107 9.45 -26.12 27.61
N LYS E 108 8.48 -26.57 28.42
CA LYS E 108 7.27 -27.17 27.87
C LYS E 108 6.51 -26.18 26.99
N ASN E 109 6.17 -25.01 27.54
CA ASN E 109 5.53 -23.97 26.74
C ASN E 109 6.43 -23.48 25.62
N PHE E 110 7.74 -23.40 25.89
CA PHE E 110 8.67 -22.93 24.87
C PHE E 110 8.68 -23.88 23.68
N LEU E 111 8.85 -25.17 23.93
CA LEU E 111 8.99 -26.12 22.84
C LEU E 111 7.66 -26.38 22.14
N ALA E 112 6.56 -26.38 22.88
CA ALA E 112 5.25 -26.56 22.25
C ALA E 112 4.97 -25.44 21.25
N GLY E 113 5.31 -24.21 21.61
CA GLY E 113 5.11 -23.07 20.72
C GLY E 113 6.15 -22.97 19.64
N PHE E 114 7.40 -23.30 19.99
CA PHE E 114 8.43 -23.43 18.98
C PHE E 114 8.04 -24.46 17.92
N ALA E 115 7.53 -25.62 18.35
CA ALA E 115 7.12 -26.64 17.38
C ALA E 115 5.92 -26.17 16.57
N ALA E 116 5.00 -25.43 17.17
CA ALA E 116 3.82 -24.98 16.44
C ALA E 116 4.19 -23.99 15.34
N ALA E 117 5.04 -23.02 15.65
CA ALA E 117 5.47 -22.06 14.63
C ALA E 117 6.23 -22.74 13.51
N ALA E 118 6.99 -23.80 13.80
CA ALA E 118 7.67 -24.54 12.76
C ALA E 118 6.70 -25.36 11.91
N GLU E 119 5.68 -25.95 12.55
CA GLU E 119 4.66 -26.68 11.78
C GLU E 119 3.92 -25.73 10.84
N LEU E 120 3.62 -24.52 11.32
CA LEU E 120 2.97 -23.53 10.46
C LEU E 120 3.87 -23.11 9.30
N ALA E 121 5.17 -22.96 9.54
CA ALA E 121 6.08 -22.67 8.44
C ALA E 121 6.08 -23.81 7.43
N GLY E 122 6.04 -25.06 7.90
CA GLY E 122 5.97 -26.19 6.98
C GLY E 122 4.66 -26.23 6.21
N GLN E 123 3.56 -25.89 6.86
CA GLN E 123 2.26 -25.89 6.17
C GLN E 123 2.26 -24.87 5.04
N GLN E 124 2.75 -23.65 5.32
CA GLN E 124 2.75 -22.59 4.33
C GLN E 124 3.71 -22.88 3.19
N THR E 125 4.79 -23.60 3.46
CA THR E 125 5.67 -24.07 2.40
C THR E 125 4.90 -24.87 1.37
N ILE E 126 4.13 -25.88 1.81
CA ILE E 126 3.36 -26.72 0.90
C ILE E 126 2.27 -25.90 0.21
N VAL E 127 1.59 -25.04 0.96
CA VAL E 127 0.60 -24.17 0.37
C VAL E 127 1.20 -23.38 -0.79
N SER E 128 2.43 -22.87 -0.62
CA SER E 128 3.00 -22.04 -1.69
C SER E 128 3.28 -22.85 -2.94
N GLU E 129 3.51 -24.17 -2.77
CA GLU E 129 3.73 -25.02 -3.93
C GLU E 129 2.42 -25.47 -4.55
N ILE E 130 1.44 -25.84 -3.73
CA ILE E 130 0.23 -26.43 -4.31
C ILE E 130 -0.69 -25.39 -4.93
N LYS E 131 -0.59 -24.12 -4.53
CA LYS E 131 -1.51 -23.11 -5.06
C LYS E 131 -1.36 -22.91 -6.56
N SER E 132 -0.23 -23.31 -7.13
CA SER E 132 -0.03 -23.22 -8.58
C SER E 132 -0.79 -24.29 -9.37
N ALA E 133 -1.46 -25.23 -8.69
CA ALA E 133 -2.09 -26.36 -9.38
C ALA E 133 -3.09 -25.90 -10.43
N GLN E 134 -3.01 -26.49 -11.62
CA GLN E 134 -3.80 -26.05 -12.76
C GLN E 134 -4.39 -27.23 -13.50
N VAL E 135 -5.51 -26.98 -14.15
CA VAL E 135 -6.03 -27.82 -15.23
C VAL E 135 -5.62 -27.14 -16.53
N GLN E 136 -4.92 -27.87 -17.40
CA GLN E 136 -4.37 -27.31 -18.63
C GLN E 136 -5.45 -27.07 -19.69
N ASP E 137 -5.32 -25.98 -20.45
CA ASP E 137 -6.06 -25.88 -21.70
C ASP E 137 -5.70 -27.03 -22.63
N VAL E 138 -6.67 -27.50 -23.40
CA VAL E 138 -6.43 -28.47 -24.47
C VAL E 138 -7.09 -27.98 -25.74
N ASN E 139 -6.33 -27.95 -26.83
CA ASN E 139 -6.86 -27.54 -28.14
C ASN E 139 -8.08 -28.38 -28.52
N THR E 140 -9.04 -27.74 -29.18
CA THR E 140 -10.22 -28.48 -29.60
C THR E 140 -9.88 -29.52 -30.66
N LEU E 141 -10.77 -30.50 -30.79
CA LEU E 141 -10.65 -31.53 -31.81
C LEU E 141 -12.07 -31.94 -32.22
N THR E 142 -12.25 -32.21 -33.52
CA THR E 142 -13.50 -32.71 -34.06
C THR E 142 -14.15 -33.69 -33.10
N ALA E 143 -15.45 -33.48 -32.83
CA ALA E 143 -16.08 -34.09 -31.66
C ALA E 143 -16.02 -35.61 -31.71
N ALA E 144 -16.19 -36.20 -32.90
CA ALA E 144 -16.16 -37.66 -32.99
C ALA E 144 -14.79 -38.22 -32.64
N GLN E 145 -13.72 -37.48 -32.91
CA GLN E 145 -12.39 -37.92 -32.54
C GLN E 145 -11.99 -37.53 -31.13
N ALA E 146 -12.71 -36.61 -30.50
CA ALA E 146 -12.35 -36.13 -29.17
C ALA E 146 -12.75 -37.08 -28.04
N VAL E 147 -13.48 -38.16 -28.31
CA VAL E 147 -14.00 -39.02 -27.25
C VAL E 147 -13.32 -40.39 -27.20
N THR E 148 -12.27 -40.61 -28.01
CA THR E 148 -11.62 -41.91 -27.99
C THR E 148 -10.18 -41.78 -28.47
N THR E 149 -9.42 -42.86 -28.29
CA THR E 149 -8.02 -42.87 -28.71
C THR E 149 -7.96 -42.67 -30.23
N PRO E 150 -6.91 -41.99 -30.74
CA PRO E 150 -5.80 -41.36 -30.01
C PRO E 150 -6.00 -39.88 -29.70
N GLY E 151 -7.12 -39.28 -30.12
CA GLY E 151 -7.27 -37.87 -29.90
C GLY E 151 -8.02 -37.47 -28.65
N ILE E 152 -8.36 -38.41 -27.77
CA ILE E 152 -9.28 -38.14 -26.67
C ILE E 152 -8.84 -36.91 -25.88
N ILE E 153 -9.78 -36.03 -25.59
CA ILE E 153 -9.47 -34.81 -24.86
C ILE E 153 -9.33 -35.13 -23.38
N GLN E 154 -8.21 -34.74 -22.79
CA GLN E 154 -7.89 -35.09 -21.42
C GLN E 154 -8.03 -33.90 -20.48
N VAL E 155 -8.43 -34.21 -19.24
CA VAL E 155 -8.34 -33.26 -18.13
C VAL E 155 -6.93 -33.42 -17.55
N LYS E 156 -6.07 -32.43 -17.81
CA LYS E 156 -4.64 -32.58 -17.55
C LYS E 156 -4.22 -31.81 -16.32
N PRO E 157 -3.95 -32.48 -15.19
CA PRO E 157 -3.44 -31.77 -14.01
C PRO E 157 -2.02 -31.28 -14.25
N LYS E 158 -1.69 -30.15 -13.63
CA LYS E 158 -0.38 -29.55 -13.81
C LYS E 158 0.04 -28.88 -12.52
N LEU E 159 1.27 -29.15 -12.09
CA LEU E 159 1.87 -28.48 -10.95
C LEU E 159 3.09 -27.69 -11.43
N THR E 160 3.35 -26.58 -10.76
CA THR E 160 4.63 -25.87 -10.90
C THR E 160 5.49 -26.25 -9.71
N ILE E 161 6.57 -26.97 -9.97
CA ILE E 161 7.47 -27.48 -8.93
C ILE E 161 8.68 -26.57 -8.85
N ALA E 162 8.99 -26.10 -7.64
CA ALA E 162 10.18 -25.28 -7.44
C ALA E 162 11.43 -26.06 -7.82
N SER E 163 12.36 -25.39 -8.50
CA SER E 163 13.65 -25.98 -8.85
C SER E 163 14.65 -25.91 -7.71
N THR E 164 14.32 -25.19 -6.65
CA THR E 164 15.08 -25.08 -5.42
C THR E 164 14.26 -25.70 -4.30
N ALA E 165 14.81 -25.68 -3.08
CA ALA E 165 13.99 -25.95 -1.91
C ALA E 165 12.91 -24.88 -1.80
N ALA E 166 11.66 -25.30 -1.70
CA ALA E 166 10.53 -24.37 -1.75
C ALA E 166 10.71 -23.22 -0.78
N CYS E 167 10.53 -22.00 -1.28
CA CYS E 167 10.62 -20.73 -0.55
C CYS E 167 12.05 -20.28 -0.30
N PHE E 168 13.06 -20.99 -0.83
CA PHE E 168 14.46 -20.62 -0.64
C PHE E 168 15.18 -20.55 -1.96
N ASN E 169 16.16 -19.66 -2.05
CA ASN E 169 16.98 -19.55 -3.27
C ASN E 169 18.04 -20.66 -3.22
N ASP E 170 18.76 -20.84 -4.32
CA ASP E 170 19.78 -21.93 -4.36
C ASP E 170 20.79 -21.70 -3.24
N ASP E 171 21.18 -20.44 -3.02
CA ASP E 171 22.21 -20.15 -1.99
C ASP E 171 21.66 -20.50 -0.62
N GLY E 172 20.41 -20.95 -0.56
CA GLY E 172 19.84 -21.21 0.75
C GLY E 172 19.20 -20.01 1.42
N SER E 173 19.33 -18.83 0.84
CA SER E 173 18.76 -17.63 1.43
C SER E 173 17.25 -17.60 1.20
N PRO E 174 16.49 -17.07 2.17
CA PRO E 174 15.04 -16.94 1.98
C PRO E 174 14.71 -16.13 0.74
N VAL E 175 13.61 -16.48 0.09
CA VAL E 175 13.12 -15.74 -1.05
C VAL E 175 12.17 -14.63 -0.59
N GLY E 186 1.70 -1.68 16.50
CA GLY E 186 0.67 -2.21 17.38
C GLY E 186 0.90 -3.65 17.83
N GLU E 187 -0.19 -4.43 17.88
CA GLU E 187 -0.10 -5.82 18.33
C GLU E 187 0.28 -6.73 17.18
N PRO E 188 0.93 -7.86 17.48
CA PRO E 188 1.32 -8.79 16.40
C PRO E 188 0.11 -9.32 15.63
N THR E 189 0.33 -9.52 14.34
CA THR E 189 -0.63 -10.16 13.45
C THR E 189 0.01 -11.41 12.85
N LEU E 190 -0.68 -12.54 12.99
CA LEU E 190 -0.28 -13.78 12.34
C LEU E 190 -1.12 -13.94 11.07
N LYS E 191 -0.44 -14.10 9.94
CA LYS E 191 -1.11 -14.18 8.64
C LYS E 191 -0.75 -15.49 7.96
N PHE E 192 -1.76 -16.25 7.54
CA PHE E 192 -1.58 -17.52 6.87
C PHE E 192 -2.42 -17.55 5.61
N PHE E 193 -1.96 -18.32 4.62
CA PHE E 193 -2.68 -18.51 3.37
C PHE E 193 -3.28 -19.91 3.30
N VAL E 194 -4.51 -20.02 2.80
CA VAL E 194 -5.27 -21.25 2.80
C VAL E 194 -5.86 -21.44 1.42
N VAL E 195 -6.08 -22.70 1.04
CA VAL E 195 -6.58 -23.05 -0.28
C VAL E 195 -7.91 -23.77 -0.17
N SER E 196 -8.74 -23.59 -1.21
CA SER E 196 -9.98 -24.32 -1.35
C SER E 196 -10.21 -24.58 -2.84
N ALA E 197 -11.22 -25.40 -3.13
CA ALA E 197 -11.51 -25.76 -4.52
C ALA E 197 -11.97 -24.54 -5.31
N ASN E 198 -11.45 -24.39 -6.53
CA ASN E 198 -11.88 -23.27 -7.36
C ASN E 198 -13.28 -23.53 -7.90
N THR E 199 -13.93 -22.45 -8.33
CA THR E 199 -15.30 -22.52 -8.84
C THR E 199 -15.28 -22.48 -10.36
N PRO E 200 -15.87 -23.46 -11.04
CA PRO E 200 -15.84 -23.44 -12.51
C PRO E 200 -16.75 -22.35 -13.08
N GLY E 201 -16.57 -22.06 -14.37
CA GLY E 201 -17.41 -21.11 -15.05
C GLY E 201 -18.77 -21.70 -15.42
N THR E 202 -19.66 -20.84 -15.88
CA THR E 202 -21.05 -21.25 -16.12
C THR E 202 -21.50 -20.99 -17.55
N THR E 203 -20.59 -20.61 -18.46
CA THR E 203 -20.92 -20.48 -19.87
C THR E 203 -19.62 -20.57 -20.66
N HIS E 204 -19.76 -20.56 -21.98
CA HIS E 204 -18.58 -20.80 -22.81
C HIS E 204 -17.56 -19.70 -22.60
N ASN E 205 -16.29 -20.09 -22.72
CA ASN E 205 -15.13 -19.23 -22.59
C ASN E 205 -14.89 -18.75 -21.16
N GLU E 206 -15.47 -19.40 -20.17
CA GLU E 206 -15.08 -19.20 -18.78
C GLU E 206 -14.24 -20.39 -18.33
N LEU E 207 -13.56 -20.21 -17.20
CA LEU E 207 -12.58 -21.18 -16.74
C LEU E 207 -13.22 -22.54 -16.42
N LEU E 208 -12.41 -23.59 -16.56
CA LEU E 208 -12.76 -24.96 -16.15
C LEU E 208 -14.06 -25.44 -16.79
N THR E 209 -14.08 -25.44 -18.12
CA THR E 209 -15.24 -25.84 -18.90
C THR E 209 -14.78 -26.56 -20.15
N ILE E 210 -15.67 -27.37 -20.72
CA ILE E 210 -15.45 -27.89 -22.06
C ILE E 210 -15.50 -26.74 -23.05
N CYS E 211 -14.54 -26.70 -23.96
CA CYS E 211 -14.38 -25.59 -24.91
C CYS E 211 -14.91 -26.01 -26.28
N GLY E 212 -15.98 -25.36 -26.73
CA GLY E 212 -16.47 -25.59 -28.08
C GLY E 212 -15.87 -24.64 -29.09
N HIS E 213 -15.69 -25.12 -30.32
CA HIS E 213 -15.27 -24.21 -31.39
C HIS E 213 -15.65 -24.80 -32.73
N GLY E 214 -15.95 -23.92 -33.69
CA GLY E 214 -16.27 -24.35 -35.04
C GLY E 214 -15.10 -24.96 -35.79
N SER E 215 -13.87 -24.68 -35.36
CA SER E 215 -12.67 -25.06 -36.10
C SER E 215 -11.83 -25.99 -35.26
N THR E 216 -11.68 -27.23 -35.71
CA THR E 216 -10.86 -28.19 -34.99
C THR E 216 -9.42 -27.69 -34.91
N GLY E 217 -8.76 -28.00 -33.80
CA GLY E 217 -7.39 -27.57 -33.57
C GLY E 217 -7.23 -26.18 -33.00
N THR E 218 -8.31 -25.58 -32.48
CA THR E 218 -8.25 -24.20 -31.98
C THR E 218 -7.87 -24.21 -30.51
N ALA E 219 -6.90 -23.38 -30.15
CA ALA E 219 -6.55 -23.20 -28.74
C ALA E 219 -7.68 -22.47 -28.01
N PRO E 220 -8.03 -22.90 -26.80
CA PRO E 220 -9.09 -22.19 -26.06
C PRO E 220 -8.77 -20.73 -25.77
N SER E 221 -7.49 -20.34 -25.69
CA SER E 221 -7.14 -18.93 -25.53
C SER E 221 -7.55 -18.09 -26.74
N THR E 222 -7.82 -18.71 -27.89
CA THR E 222 -8.39 -17.98 -29.02
C THR E 222 -9.88 -17.68 -28.82
N GLY E 223 -10.52 -18.37 -27.87
CA GLY E 223 -11.90 -18.05 -27.57
C GLY E 223 -12.85 -19.18 -27.88
N CYS E 224 -13.51 -19.71 -26.85
CA CYS E 224 -14.46 -20.78 -27.06
C CYS E 224 -15.77 -20.22 -27.57
N GLN E 225 -16.54 -21.06 -28.27
CA GLN E 225 -17.77 -20.60 -28.90
C GLN E 225 -18.92 -21.50 -28.50
N ASN E 226 -20.12 -21.04 -28.82
CA ASN E 226 -21.32 -21.87 -28.74
C ASN E 226 -21.43 -22.71 -30.01
N ASP E 227 -20.56 -23.71 -30.09
CA ASP E 227 -20.42 -24.53 -31.28
C ASP E 227 -19.74 -25.82 -30.85
N ALA E 228 -20.35 -26.96 -31.20
CA ALA E 228 -19.85 -28.26 -30.75
C ALA E 228 -19.17 -29.05 -31.85
N THR E 229 -18.83 -28.41 -32.96
CA THR E 229 -18.15 -29.11 -34.05
C THR E 229 -16.83 -29.70 -33.58
N SER E 230 -16.06 -28.92 -32.81
N SER E 230 -16.06 -28.94 -32.81
CA SER E 230 -14.84 -29.38 -32.18
CA SER E 230 -14.86 -29.43 -32.16
C SER E 230 -14.91 -29.10 -30.69
C SER E 230 -14.95 -29.09 -30.68
N ILE E 231 -14.14 -29.88 -29.91
N ILE E 231 -14.30 -29.90 -29.86
CA ILE E 231 -14.26 -29.88 -28.46
CA ILE E 231 -14.35 -29.70 -28.41
C ILE E 231 -12.86 -29.89 -27.85
C ILE E 231 -12.96 -29.87 -27.82
N GLY E 232 -12.63 -29.01 -26.88
CA GLY E 232 -11.39 -29.05 -26.13
C GLY E 232 -11.70 -28.76 -24.69
N ILE E 233 -10.71 -28.31 -23.92
CA ILE E 233 -10.92 -27.99 -22.52
C ILE E 233 -10.36 -26.60 -22.24
N LYS E 234 -11.18 -25.75 -21.66
CA LYS E 234 -10.73 -24.46 -21.15
C LYS E 234 -10.35 -24.67 -19.69
N GLY E 235 -9.06 -24.52 -19.38
CA GLY E 235 -8.54 -24.86 -18.07
C GLY E 235 -8.69 -23.75 -17.04
N GLY E 236 -7.77 -23.73 -16.10
CA GLY E 236 -7.79 -22.73 -15.04
C GLY E 236 -7.16 -23.27 -13.78
N ASP E 237 -7.09 -22.39 -12.78
CA ASP E 237 -6.56 -22.78 -11.47
C ASP E 237 -7.48 -23.80 -10.83
N PHE E 238 -6.88 -24.87 -10.28
CA PHE E 238 -7.66 -25.88 -9.57
C PHE E 238 -8.10 -25.38 -8.19
N LEU E 239 -7.33 -24.47 -7.59
CA LEU E 239 -7.57 -23.99 -6.23
C LEU E 239 -7.77 -22.47 -6.19
N LYS E 240 -8.49 -22.03 -5.17
CA LYS E 240 -8.51 -20.64 -4.73
C LYS E 240 -7.60 -20.51 -3.52
N THR E 241 -6.80 -19.45 -3.48
CA THR E 241 -5.97 -19.15 -2.33
C THR E 241 -6.44 -17.85 -1.69
N ALA E 242 -6.33 -17.79 -0.36
CA ALA E 242 -6.80 -16.63 0.38
C ALA E 242 -6.01 -16.48 1.66
N ALA E 243 -5.92 -15.26 2.15
CA ALA E 243 -5.23 -14.97 3.41
C ALA E 243 -6.22 -14.98 4.57
N VAL E 244 -5.76 -15.45 5.72
CA VAL E 244 -6.50 -15.32 6.97
C VAL E 244 -5.54 -14.73 7.99
N THR E 245 -6.09 -13.97 8.95
CA THR E 245 -5.28 -13.26 9.93
C THR E 245 -5.91 -13.35 11.31
N THR E 246 -5.06 -13.22 12.33
CA THR E 246 -5.51 -13.03 13.69
C THR E 246 -4.54 -12.06 14.36
N THR E 247 -5.08 -11.04 15.01
CA THR E 247 -4.29 -9.99 15.65
C THR E 247 -4.52 -10.07 17.15
N ARG E 248 -3.44 -10.21 17.91
CA ARG E 248 -3.53 -10.37 19.35
C ARG E 248 -4.35 -9.25 19.99
N LEU E 249 -5.31 -9.64 20.83
CA LEU E 249 -6.24 -8.71 21.46
C LEU E 249 -6.00 -8.71 22.97
N ALA E 250 -5.94 -7.52 23.55
CA ALA E 250 -5.80 -7.39 25.00
C ALA E 250 -7.10 -7.83 25.65
N SER E 251 -7.13 -9.06 26.16
CA SER E 251 -8.31 -9.62 26.81
C SER E 251 -8.18 -9.46 28.32
N SER E 252 -9.18 -9.96 29.05
CA SER E 252 -9.18 -9.86 30.50
C SER E 252 -8.08 -10.74 31.11
N ALA E 253 -7.87 -11.92 30.55
CA ALA E 253 -6.78 -12.78 30.98
C ALA E 253 -5.41 -12.21 30.64
N GLY E 254 -5.36 -11.22 29.75
CA GLY E 254 -4.09 -10.63 29.32
C GLY E 254 -4.10 -10.28 27.85
N LYS E 255 -3.50 -11.14 27.03
CA LYS E 255 -3.49 -10.97 25.59
C LYS E 255 -3.78 -12.30 24.93
N THR E 256 -4.72 -12.32 23.99
CA THR E 256 -5.17 -13.54 23.35
C THR E 256 -5.40 -13.29 21.87
N TYR E 257 -5.04 -14.27 21.05
CA TYR E 257 -5.32 -14.18 19.63
C TYR E 257 -6.77 -14.59 19.36
N PRO E 258 -7.53 -13.78 18.65
CA PRO E 258 -8.90 -14.17 18.27
C PRO E 258 -8.88 -15.41 17.39
N ALA E 259 -10.03 -16.06 17.32
CA ALA E 259 -10.16 -17.28 16.54
C ALA E 259 -10.36 -16.96 15.08
N ILE E 260 -9.63 -17.68 14.23
CA ILE E 260 -9.88 -17.64 12.80
C ILE E 260 -11.10 -18.50 12.49
N THR E 261 -11.95 -18.00 11.60
CA THR E 261 -13.05 -18.80 11.06
C THR E 261 -12.73 -19.16 9.62
N SER E 262 -12.60 -20.46 9.35
CA SER E 262 -12.28 -20.97 8.02
C SER E 262 -12.45 -22.48 7.98
N THR E 263 -13.66 -22.97 7.67
CA THR E 263 -13.99 -24.38 7.82
C THR E 263 -13.84 -25.19 6.55
N THR E 264 -13.73 -24.57 5.38
CA THR E 264 -13.73 -25.27 4.10
C THR E 264 -12.40 -25.15 3.37
N THR E 265 -11.31 -24.97 4.10
CA THR E 265 -10.02 -24.70 3.48
C THR E 265 -8.96 -25.66 4.02
N ILE E 266 -7.79 -25.59 3.39
CA ILE E 266 -6.62 -26.33 3.82
C ILE E 266 -5.48 -25.34 3.94
N PRO E 267 -4.88 -25.17 5.14
CA PRO E 267 -5.35 -25.78 6.39
C PRO E 267 -6.66 -25.16 6.85
N ASN E 268 -7.43 -25.87 7.67
CA ASN E 268 -8.69 -25.32 8.15
C ASN E 268 -8.45 -24.54 9.44
N ASP E 269 -9.52 -23.98 10.00
CA ASP E 269 -9.36 -23.12 11.16
C ASP E 269 -9.04 -23.91 12.43
N LYS E 270 -9.48 -25.17 12.50
CA LYS E 270 -9.14 -25.95 13.69
C LYS E 270 -7.63 -26.16 13.76
N THR E 271 -7.01 -26.52 12.64
CA THR E 271 -5.56 -26.67 12.61
C THR E 271 -4.85 -25.35 12.95
N LEU E 272 -5.28 -24.25 12.34
CA LEU E 272 -4.63 -22.96 12.58
C LEU E 272 -4.82 -22.52 14.03
N ASN E 273 -6.08 -22.48 14.50
CA ASN E 273 -6.35 -21.93 15.83
C ASN E 273 -5.60 -22.69 16.91
N LYS E 274 -5.48 -24.01 16.76
CA LYS E 274 -4.73 -24.81 17.73
C LYS E 274 -3.26 -24.41 17.76
N ALA E 275 -2.64 -24.26 16.59
CA ALA E 275 -1.25 -23.84 16.53
C ALA E 275 -1.06 -22.44 17.10
N VAL E 276 -2.01 -21.55 16.84
CA VAL E 276 -1.87 -20.17 17.31
C VAL E 276 -1.92 -20.12 18.83
N THR E 277 -2.78 -20.92 19.46
CA THR E 277 -2.80 -21.00 20.91
C THR E 277 -1.43 -21.36 21.46
N ALA E 278 -0.72 -22.27 20.77
CA ALA E 278 0.60 -22.66 21.25
C ALA E 278 1.63 -21.56 21.05
N ILE E 279 1.50 -20.77 19.98
CA ILE E 279 2.43 -19.67 19.76
C ILE E 279 2.33 -18.66 20.89
N ARG E 280 1.11 -18.38 21.36
CA ARG E 280 0.95 -17.50 22.51
C ARG E 280 1.68 -18.06 23.73
N GLU E 281 1.68 -19.39 23.90
CA GLU E 281 2.44 -20.01 24.98
C GLU E 281 3.93 -19.78 24.81
N LEU E 282 4.42 -19.78 23.57
CA LEU E 282 5.82 -19.46 23.34
C LEU E 282 6.12 -18.00 23.67
N GLU E 283 5.19 -17.10 23.37
CA GLU E 283 5.37 -15.70 23.71
C GLU E 283 5.54 -15.50 25.20
N THR E 284 4.71 -16.18 26.01
CA THR E 284 4.84 -16.06 27.46
C THR E 284 6.10 -16.76 27.97
N ALA E 285 6.50 -17.86 27.32
CA ALA E 285 7.74 -18.51 27.71
C ALA E 285 8.94 -17.63 27.45
N VAL E 286 8.98 -16.99 26.27
CA VAL E 286 10.13 -16.15 25.92
C VAL E 286 10.19 -14.92 26.82
N ALA E 287 9.04 -14.36 27.18
CA ALA E 287 9.04 -13.21 28.09
C ALA E 287 9.60 -13.58 29.45
N ALA E 288 9.25 -14.77 29.95
CA ALA E 288 9.83 -15.23 31.21
C ALA E 288 11.30 -15.56 31.05
N LEU E 289 11.72 -15.99 29.86
CA LEU E 289 13.14 -16.23 29.60
C LEU E 289 13.92 -14.93 29.58
N ASP E 290 13.32 -13.85 29.08
CA ASP E 290 14.01 -12.57 29.01
C ASP E 290 14.21 -11.97 30.40
N ALA E 291 13.29 -12.25 31.33
CA ALA E 291 13.40 -11.73 32.68
C ALA E 291 14.60 -12.29 33.43
N ILE E 292 15.26 -13.32 32.91
CA ILE E 292 16.43 -13.87 33.57
C ILE E 292 17.60 -12.89 33.46
N SER E 293 17.75 -12.25 32.31
CA SER E 293 18.85 -11.31 32.09
C SER E 293 18.59 -10.00 32.82
N THR F 23 17.93 -41.94 25.13
CA THR F 23 16.69 -41.47 24.51
C THR F 23 16.55 -42.01 23.09
N LEU F 24 15.41 -42.59 22.78
CA LEU F 24 15.12 -43.16 21.46
C LEU F 24 14.19 -42.20 20.73
N LEU F 25 14.76 -41.37 19.86
CA LEU F 25 13.95 -40.40 19.10
C LEU F 25 12.99 -41.10 18.15
N HIS F 26 13.35 -42.28 17.66
CA HIS F 26 12.60 -42.94 16.60
C HIS F 26 11.72 -44.04 17.17
N ASN F 27 10.47 -44.07 16.73
CA ASN F 27 9.51 -45.08 17.17
C ASN F 27 9.69 -46.33 16.32
N ALA F 28 10.48 -47.28 16.83
CA ALA F 28 10.68 -48.54 16.09
C ALA F 28 9.35 -49.28 15.97
N LYS F 29 8.37 -48.94 16.81
CA LYS F 29 7.06 -49.65 16.79
C LYS F 29 6.13 -48.96 15.80
N ALA F 30 6.64 -48.01 15.02
CA ALA F 30 5.76 -47.25 14.12
C ALA F 30 5.79 -47.77 12.68
N GLN F 31 4.64 -48.13 12.15
CA GLN F 31 4.51 -48.51 10.74
C GLN F 31 3.87 -47.34 10.02
N VAL F 32 4.69 -46.50 9.40
CA VAL F 32 4.21 -45.32 8.70
C VAL F 32 3.64 -45.77 7.36
N THR F 33 2.33 -45.55 7.15
CA THR F 33 1.69 -45.91 5.89
C THR F 33 0.83 -44.81 5.30
N THR F 34 0.69 -43.67 5.98
CA THR F 34 -0.13 -42.55 5.52
C THR F 34 0.57 -41.25 5.84
N PRO F 35 0.23 -40.16 5.15
CA PRO F 35 0.79 -38.86 5.53
C PRO F 35 0.51 -38.48 6.98
N CYS F 36 -0.67 -38.77 7.50
CA CYS F 36 -0.94 -38.44 8.90
C CYS F 36 -0.02 -39.25 9.82
N GLY F 37 0.12 -40.56 9.54
CA GLY F 37 1.09 -41.36 10.28
C GLY F 37 2.49 -40.78 10.20
N ALA F 38 2.88 -40.25 9.05
CA ALA F 38 4.21 -39.65 8.92
C ALA F 38 4.32 -38.39 9.75
N SER F 39 3.26 -37.57 9.78
CA SER F 39 3.30 -36.39 10.63
C SER F 39 3.42 -36.77 12.09
N HIS F 40 2.70 -37.82 12.52
CA HIS F 40 2.77 -38.22 13.92
C HIS F 40 4.12 -38.82 14.26
N TYR F 41 4.76 -39.49 13.29
CA TYR F 41 6.11 -39.99 13.54
C TYR F 41 7.07 -38.83 13.79
N MET F 42 6.95 -37.76 13.00
CA MET F 42 7.78 -36.58 13.22
C MET F 42 7.48 -35.94 14.56
N ARG F 43 6.20 -35.94 14.98
CA ARG F 43 5.86 -35.34 16.27
C ARG F 43 6.39 -36.19 17.42
N HIS F 44 6.50 -37.50 17.23
CA HIS F 44 7.13 -38.33 18.24
C HIS F 44 8.58 -37.90 18.46
N ILE F 45 9.28 -37.56 17.38
CA ILE F 45 10.67 -37.11 17.50
C ILE F 45 10.76 -35.87 18.37
N THR F 46 9.86 -34.90 18.16
CA THR F 46 9.94 -33.68 18.95
C THR F 46 9.63 -33.95 20.42
N ARG F 47 8.74 -34.89 20.72
CA ARG F 47 8.43 -35.23 22.11
C ARG F 47 9.61 -35.94 22.77
N GLN F 48 10.30 -36.81 22.04
CA GLN F 48 11.47 -37.47 22.60
C GLN F 48 12.61 -36.48 22.77
N ALA F 49 12.76 -35.55 21.84
CA ALA F 49 13.78 -34.51 21.97
C ALA F 49 13.55 -33.69 23.23
N GLU F 50 12.30 -33.30 23.49
CA GLU F 50 11.99 -32.56 24.71
C GLU F 50 12.36 -33.36 25.95
N SER F 51 12.02 -34.65 25.96
CA SER F 51 12.34 -35.49 27.12
C SER F 51 13.83 -35.51 27.38
N ALA F 52 14.65 -35.51 26.33
CA ALA F 52 16.11 -35.50 26.51
C ALA F 52 16.58 -34.18 27.11
N LEU F 53 16.03 -33.05 26.65
CA LEU F 53 16.41 -31.77 27.23
C LEU F 53 15.93 -31.65 28.67
N GLN F 54 14.74 -32.19 28.96
CA GLN F 54 14.24 -32.19 30.34
C GLN F 54 15.18 -32.91 31.27
N ALA F 55 15.65 -34.10 30.87
CA ALA F 55 16.56 -34.87 31.72
C ALA F 55 17.90 -34.17 31.88
N GLY F 56 18.37 -33.48 30.84
CA GLY F 56 19.62 -32.74 30.96
C GLY F 56 19.51 -31.57 31.90
N LEU F 57 18.40 -30.84 31.84
CA LEU F 57 18.19 -29.74 32.77
C LEU F 57 18.05 -30.26 34.20
N LYS F 58 17.36 -31.38 34.38
CA LYS F 58 17.19 -31.96 35.71
C LYS F 58 18.53 -32.34 36.32
N THR F 59 19.46 -32.84 35.50
CA THR F 59 20.78 -33.21 36.00
C THR F 59 21.56 -31.98 36.46
N ALA F 60 21.46 -30.87 35.71
CA ALA F 60 22.16 -29.66 36.09
C ALA F 60 21.57 -29.05 37.35
N GLN F 61 20.23 -28.96 37.41
CA GLN F 61 19.59 -28.39 38.61
C GLN F 61 19.88 -29.23 39.84
N SER F 62 19.85 -30.56 39.71
CA SER F 62 20.14 -31.42 40.85
C SER F 62 21.59 -31.27 41.31
N ALA F 63 22.50 -30.92 40.40
CA ALA F 63 23.89 -30.72 40.75
C ALA F 63 24.18 -29.35 41.34
N LEU F 64 23.18 -28.48 41.44
CA LEU F 64 23.36 -27.16 42.03
C LEU F 64 22.98 -27.16 43.50
N SER F 94 31.52 -28.24 40.04
CA SER F 94 31.31 -27.66 38.72
C SER F 94 30.71 -28.69 37.77
N GLU F 95 30.22 -29.80 38.32
CA GLU F 95 29.50 -30.78 37.50
C GLU F 95 28.33 -30.14 36.78
N ALA F 96 27.71 -29.13 37.40
CA ALA F 96 26.63 -28.40 36.73
C ALA F 96 27.18 -27.46 35.67
N ALA F 97 28.39 -26.91 35.87
CA ALA F 97 28.96 -26.01 34.90
C ALA F 97 29.26 -26.73 33.58
N LYS F 98 29.70 -27.99 33.65
CA LYS F 98 29.91 -28.77 32.45
C LYS F 98 28.58 -29.17 31.80
N ALA F 99 27.54 -29.37 32.61
CA ALA F 99 26.22 -29.67 32.07
C ALA F 99 25.66 -28.49 31.27
N ILE F 100 25.78 -27.28 31.83
CA ILE F 100 25.31 -26.09 31.13
C ILE F 100 26.10 -25.86 29.86
N GLU F 101 27.41 -26.12 29.90
CA GLU F 101 28.22 -26.02 28.69
C GLU F 101 27.65 -26.89 27.58
N THR F 102 27.45 -28.18 27.85
CA THR F 102 26.94 -29.09 26.82
C THR F 102 25.54 -28.69 26.38
N ILE F 103 24.70 -28.32 27.34
CA ILE F 103 23.30 -27.92 27.00
C ILE F 103 23.38 -26.72 26.07
N LYS F 104 24.23 -25.74 26.37
CA LYS F 104 24.25 -24.52 25.54
C LYS F 104 24.90 -24.83 24.19
N THR F 105 25.99 -25.61 24.20
CA THR F 105 26.72 -25.86 22.93
C THR F 105 25.82 -26.64 21.98
N GLU F 106 24.87 -27.39 22.51
CA GLU F 106 24.00 -28.24 21.70
C GLU F 106 22.68 -27.56 21.34
N THR F 107 22.41 -26.37 21.89
CA THR F 107 21.13 -25.70 21.65
C THR F 107 20.94 -25.39 20.17
N LYS F 108 22.01 -24.99 19.49
CA LYS F 108 21.91 -24.64 18.07
C LYS F 108 21.48 -25.83 17.23
N ASN F 109 22.18 -26.95 17.36
CA ASN F 109 21.82 -28.15 16.60
C ASN F 109 20.49 -28.72 17.07
N PHE F 110 20.22 -28.68 18.38
CA PHE F 110 18.98 -29.23 18.91
C PHE F 110 17.77 -28.51 18.32
N LEU F 111 17.75 -27.18 18.44
CA LEU F 111 16.61 -26.40 17.99
C LEU F 111 16.48 -26.42 16.46
N ALA F 112 17.60 -26.53 15.74
CA ALA F 112 17.51 -26.61 14.29
C ALA F 112 16.86 -27.92 13.86
N GLY F 113 17.26 -29.03 14.49
CA GLY F 113 16.65 -30.31 14.16
C GLY F 113 15.24 -30.41 14.68
N PHE F 114 14.99 -29.86 15.87
CA PHE F 114 13.63 -29.77 16.40
C PHE F 114 12.71 -29.06 15.42
N ALA F 115 13.13 -27.89 14.92
CA ALA F 115 12.32 -27.14 13.99
C ALA F 115 12.09 -27.92 12.70
N ALA F 116 13.15 -28.55 12.17
CA ALA F 116 13.01 -29.31 10.93
C ALA F 116 12.03 -30.46 11.10
N ALA F 117 12.05 -31.12 12.26
CA ALA F 117 11.09 -32.20 12.51
C ALA F 117 9.67 -31.66 12.54
N ALA F 118 9.45 -30.54 13.24
CA ALA F 118 8.12 -29.96 13.28
C ALA F 118 7.70 -29.45 11.90
N GLU F 119 8.63 -28.87 11.14
CA GLU F 119 8.30 -28.40 9.80
C GLU F 119 7.83 -29.56 8.92
N LEU F 120 8.51 -30.70 8.99
CA LEU F 120 8.10 -31.85 8.18
C LEU F 120 6.73 -32.36 8.61
N ALA F 121 6.46 -32.36 9.91
CA ALA F 121 5.12 -32.71 10.40
C ALA F 121 4.07 -31.83 9.75
N GLY F 122 4.33 -30.51 9.72
CA GLY F 122 3.37 -29.60 9.11
C GLY F 122 3.21 -29.85 7.62
N GLN F 123 4.31 -30.13 6.93
CA GLN F 123 4.24 -30.50 5.52
C GLN F 123 3.35 -31.72 5.32
N GLN F 124 3.58 -32.77 6.09
CA GLN F 124 2.80 -34.00 5.92
C GLN F 124 1.33 -33.78 6.26
N THR F 125 1.03 -32.89 7.19
CA THR F 125 -0.37 -32.58 7.48
C THR F 125 -1.08 -32.03 6.25
N ILE F 126 -0.44 -31.11 5.53
CA ILE F 126 -1.08 -30.56 4.34
C ILE F 126 -1.17 -31.61 3.23
N VAL F 127 -0.11 -32.40 3.06
CA VAL F 127 -0.18 -33.51 2.11
C VAL F 127 -1.39 -34.40 2.40
N SER F 128 -1.63 -34.71 3.66
CA SER F 128 -2.71 -35.64 3.99
C SER F 128 -4.07 -35.08 3.61
N GLU F 129 -4.20 -33.75 3.57
CA GLU F 129 -5.47 -33.14 3.21
C GLU F 129 -5.59 -32.95 1.70
N ILE F 130 -4.50 -32.54 1.06
CA ILE F 130 -4.55 -32.21 -0.35
C ILE F 130 -4.60 -33.45 -1.24
N LYS F 131 -4.15 -34.61 -0.75
CA LYS F 131 -4.18 -35.81 -1.57
C LYS F 131 -5.60 -36.22 -1.95
N SER F 132 -6.60 -35.72 -1.24
CA SER F 132 -8.00 -36.01 -1.55
C SER F 132 -8.49 -35.28 -2.80
N ALA F 133 -7.68 -34.39 -3.39
CA ALA F 133 -8.12 -33.55 -4.49
C ALA F 133 -8.59 -34.41 -5.67
N GLN F 134 -9.77 -34.07 -6.21
N GLN F 134 -9.76 -34.06 -6.21
CA GLN F 134 -10.29 -34.84 -7.33
CA GLN F 134 -10.34 -34.84 -7.29
C GLN F 134 -11.00 -33.91 -8.31
C GLN F 134 -11.00 -33.91 -8.30
N VAL F 135 -11.11 -34.41 -9.54
CA VAL F 135 -11.98 -33.84 -10.56
C VAL F 135 -13.24 -34.70 -10.57
N GLN F 136 -14.40 -34.06 -10.47
CA GLN F 136 -15.65 -34.80 -10.32
C GLN F 136 -16.14 -35.32 -11.68
N ASP F 137 -16.78 -36.50 -11.65
CA ASP F 137 -17.58 -36.98 -12.77
C ASP F 137 -18.73 -36.03 -13.06
N VAL F 138 -19.05 -35.84 -14.34
CA VAL F 138 -20.20 -35.03 -14.77
C VAL F 138 -20.97 -35.81 -15.83
N ASN F 139 -22.29 -35.96 -15.62
CA ASN F 139 -23.13 -36.72 -16.52
C ASN F 139 -23.08 -36.13 -17.93
N THR F 140 -23.17 -37.01 -18.94
CA THR F 140 -23.15 -36.53 -20.32
C THR F 140 -24.37 -35.66 -20.63
N LEU F 141 -24.21 -34.81 -21.64
CA LEU F 141 -25.26 -33.94 -22.16
C LEU F 141 -25.09 -33.81 -23.67
N THR F 142 -26.21 -33.82 -24.39
CA THR F 142 -26.24 -33.59 -25.83
C THR F 142 -25.22 -32.53 -26.22
N ALA F 143 -24.33 -32.89 -27.16
CA ALA F 143 -23.13 -32.11 -27.42
C ALA F 143 -23.42 -30.62 -27.66
N ALA F 144 -24.48 -30.32 -28.42
CA ALA F 144 -24.79 -28.93 -28.74
C ALA F 144 -25.11 -28.12 -27.49
N GLN F 145 -25.66 -28.75 -26.45
CA GLN F 145 -25.94 -28.05 -25.21
C GLN F 145 -24.81 -28.15 -24.20
N ALA F 146 -23.83 -29.03 -24.42
CA ALA F 146 -22.74 -29.21 -23.49
C ALA F 146 -21.70 -28.10 -23.54
N VAL F 147 -21.76 -27.17 -24.50
CA VAL F 147 -20.69 -26.21 -24.69
C VAL F 147 -21.09 -24.79 -24.33
N THR F 148 -22.28 -24.59 -23.75
CA THR F 148 -22.70 -23.23 -23.42
C THR F 148 -23.73 -23.28 -22.29
N THR F 149 -24.01 -22.11 -21.73
CA THR F 149 -25.00 -22.01 -20.66
C THR F 149 -26.38 -22.41 -21.20
N PRO F 150 -27.22 -23.05 -20.37
CA PRO F 150 -27.03 -23.41 -18.96
C PRO F 150 -26.42 -24.79 -18.74
N GLY F 151 -26.29 -25.59 -19.79
CA GLY F 151 -25.85 -26.97 -19.63
C GLY F 151 -24.36 -27.21 -19.67
N ILE F 152 -23.53 -26.16 -19.75
CA ILE F 152 -22.11 -26.34 -20.08
C ILE F 152 -21.47 -27.33 -19.12
N ILE F 153 -20.70 -28.26 -19.67
CA ILE F 153 -20.01 -29.26 -18.87
C ILE F 153 -18.79 -28.64 -18.21
N GLN F 154 -18.71 -28.75 -16.89
CA GLN F 154 -17.68 -28.10 -16.10
C GLN F 154 -16.63 -29.08 -15.61
N VAL F 155 -15.40 -28.59 -15.50
CA VAL F 155 -14.34 -29.33 -14.82
C VAL F 155 -14.39 -28.89 -13.35
N LYS F 156 -14.78 -29.80 -12.46
CA LYS F 156 -15.20 -29.45 -11.11
C LYS F 156 -14.19 -29.89 -10.08
N PRO F 157 -13.35 -29.00 -9.56
CA PRO F 157 -12.44 -29.39 -8.48
C PRO F 157 -13.22 -29.77 -7.23
N LYS F 158 -12.66 -30.70 -6.47
CA LYS F 158 -13.27 -31.16 -5.23
C LYS F 158 -12.18 -31.49 -4.23
N LEU F 159 -12.39 -31.08 -2.99
CA LEU F 159 -11.50 -31.41 -1.88
C LEU F 159 -12.32 -32.04 -0.78
N THR F 160 -11.65 -32.81 0.06
CA THR F 160 -12.23 -33.36 1.28
C THR F 160 -11.58 -32.66 2.46
N ILE F 161 -12.34 -31.80 3.13
CA ILE F 161 -11.83 -31.01 4.24
C ILE F 161 -12.10 -31.75 5.53
N ALA F 162 -11.06 -31.95 6.34
CA ALA F 162 -11.24 -32.59 7.63
C ALA F 162 -12.19 -31.77 8.49
N SER F 163 -13.08 -32.44 9.23
CA SER F 163 -13.98 -31.75 10.13
C SER F 163 -13.32 -31.44 11.47
N THR F 164 -12.10 -31.90 11.67
CA THR F 164 -11.31 -31.68 12.88
C THR F 164 -10.01 -31.02 12.47
N ALA F 165 -9.15 -30.80 13.45
CA ALA F 165 -7.75 -30.49 13.12
C ALA F 165 -7.16 -31.69 12.40
N ALA F 166 -6.68 -31.46 11.17
CA ALA F 166 -6.18 -32.54 10.34
C ALA F 166 -5.19 -33.41 11.11
N CYS F 167 -5.39 -34.73 11.02
CA CYS F 167 -4.59 -35.77 11.67
C CYS F 167 -4.88 -35.91 13.16
N PHE F 168 -5.91 -35.26 13.68
CA PHE F 168 -6.24 -35.36 15.09
C PHE F 168 -7.73 -35.61 15.25
N ASN F 169 -8.07 -36.32 16.33
CA ASN F 169 -9.50 -36.51 16.67
C ASN F 169 -9.96 -35.24 17.37
N ASP F 170 -11.27 -35.07 17.52
CA ASP F 170 -11.77 -33.80 18.12
C ASP F 170 -11.24 -33.67 19.54
N ASP F 171 -10.85 -34.79 20.17
CA ASP F 171 -10.38 -34.76 21.58
C ASP F 171 -8.92 -34.31 21.68
N GLY F 172 -8.21 -34.22 20.55
CA GLY F 172 -6.80 -33.80 20.56
C GLY F 172 -5.86 -34.98 20.42
N SER F 173 -6.40 -36.19 20.46
CA SER F 173 -5.58 -37.39 20.29
C SER F 173 -5.24 -37.61 18.82
N PRO F 174 -4.08 -38.19 18.53
CA PRO F 174 -3.71 -38.44 17.13
C PRO F 174 -4.62 -39.47 16.49
N VAL F 175 -4.83 -39.32 15.18
CA VAL F 175 -5.64 -40.28 14.44
C VAL F 175 -4.76 -41.44 13.99
N GLY F 186 18.04 -51.67 15.09
CA GLY F 186 18.28 -51.39 13.69
C GLY F 186 18.26 -49.91 13.35
N GLU F 187 18.78 -49.58 12.17
CA GLU F 187 18.89 -48.19 11.76
C GLU F 187 17.50 -47.60 11.50
N PRO F 188 17.32 -46.31 11.77
CA PRO F 188 15.99 -45.70 11.58
C PRO F 188 15.74 -45.29 10.14
N THR F 189 14.47 -45.39 9.75
CA THR F 189 14.00 -45.00 8.42
C THR F 189 13.03 -43.84 8.56
N LEU F 190 13.34 -42.73 7.90
CA LEU F 190 12.41 -41.62 7.78
C LEU F 190 11.58 -41.81 6.51
N LYS F 191 10.25 -41.72 6.66
CA LYS F 191 9.32 -41.91 5.57
C LYS F 191 8.46 -40.65 5.39
N PHE F 192 8.28 -40.23 4.13
CA PHE F 192 7.48 -39.04 3.83
C PHE F 192 6.63 -39.32 2.61
N PHE F 193 5.48 -38.65 2.54
CA PHE F 193 4.60 -38.75 1.40
C PHE F 193 4.65 -37.46 0.60
N VAL F 194 4.60 -37.61 -0.72
CA VAL F 194 4.77 -36.49 -1.64
C VAL F 194 3.71 -36.63 -2.72
N VAL F 195 3.33 -35.50 -3.31
CA VAL F 195 2.28 -35.51 -4.31
C VAL F 195 2.84 -35.02 -5.65
N SER F 196 2.23 -35.49 -6.73
CA SER F 196 2.58 -35.05 -8.07
C SER F 196 1.32 -35.08 -8.93
N ALA F 197 1.39 -34.41 -10.07
CA ALA F 197 0.24 -34.34 -10.97
C ALA F 197 -0.13 -35.73 -11.47
N ASN F 198 -1.42 -36.06 -11.34
CA ASN F 198 -1.89 -37.35 -11.83
C ASN F 198 -1.83 -37.40 -13.36
N THR F 199 -1.72 -38.64 -13.91
CA THR F 199 -1.66 -38.87 -15.35
C THR F 199 -3.03 -39.21 -15.91
N PRO F 200 -3.54 -38.50 -16.92
CA PRO F 200 -4.86 -38.81 -17.44
C PRO F 200 -4.84 -40.03 -18.35
N GLY F 201 -6.03 -40.62 -18.51
CA GLY F 201 -6.19 -41.75 -19.40
C GLY F 201 -5.99 -41.36 -20.86
N THR F 202 -5.89 -42.38 -21.71
CA THR F 202 -5.56 -42.17 -23.12
C THR F 202 -6.58 -42.77 -24.08
N THR F 203 -7.74 -43.21 -23.57
CA THR F 203 -8.84 -43.62 -24.44
C THR F 203 -10.12 -43.55 -23.61
N HIS F 204 -11.24 -43.82 -24.27
CA HIS F 204 -12.53 -43.66 -23.61
C HIS F 204 -12.63 -44.56 -22.38
N ASN F 205 -13.38 -44.07 -21.39
CA ASN F 205 -13.64 -44.76 -20.13
C ASN F 205 -12.40 -44.94 -19.27
N GLU F 206 -11.38 -44.12 -19.47
CA GLU F 206 -10.28 -44.03 -18.53
C GLU F 206 -10.36 -42.69 -17.81
N LEU F 207 -9.59 -42.57 -16.73
CA LEU F 207 -9.72 -41.43 -15.84
C LEU F 207 -9.34 -40.12 -16.52
N LEU F 208 -9.96 -39.02 -16.07
CA LEU F 208 -9.59 -37.65 -16.43
C LEU F 208 -9.65 -37.43 -17.94
N THR F 209 -10.79 -37.74 -18.52
CA THR F 209 -11.02 -37.58 -19.94
C THR F 209 -12.43 -37.09 -20.16
N ILE F 210 -12.70 -36.57 -21.36
CA ILE F 210 -14.06 -36.30 -21.77
C ILE F 210 -14.78 -37.62 -22.03
N CYS F 211 -16.03 -37.73 -21.56
CA CYS F 211 -16.79 -38.98 -21.60
C CYS F 211 -17.88 -38.88 -22.67
N GLY F 212 -17.74 -39.66 -23.74
CA GLY F 212 -18.78 -39.72 -24.76
C GLY F 212 -19.81 -40.78 -24.44
N HIS F 213 -21.04 -40.55 -24.90
CA HIS F 213 -22.09 -41.55 -24.76
C HIS F 213 -23.20 -41.28 -25.77
N GLY F 214 -23.77 -42.35 -26.31
CA GLY F 214 -24.88 -42.21 -27.22
C GLY F 214 -26.14 -41.62 -26.60
N SER F 215 -26.34 -41.78 -25.30
N SER F 215 -26.34 -41.78 -25.30
CA SER F 215 -27.56 -41.35 -24.61
CA SER F 215 -27.56 -41.34 -24.63
C SER F 215 -27.22 -40.20 -23.67
C SER F 215 -27.24 -40.21 -23.67
N THR F 216 -27.81 -39.03 -23.92
CA THR F 216 -27.63 -37.89 -23.04
C THR F 216 -28.15 -38.19 -21.63
N GLY F 217 -27.46 -37.65 -20.63
CA GLY F 217 -27.85 -37.86 -19.26
C GLY F 217 -27.20 -39.03 -18.58
N THR F 218 -26.20 -39.65 -19.20
CA THR F 218 -25.58 -40.87 -18.67
C THR F 218 -24.45 -40.53 -17.72
N ALA F 219 -24.47 -41.13 -16.53
CA ALA F 219 -23.34 -40.98 -15.62
C ALA F 219 -22.12 -41.69 -16.19
N PRO F 220 -20.93 -41.08 -16.09
CA PRO F 220 -19.74 -41.74 -16.61
C PRO F 220 -19.47 -43.10 -15.97
N SER F 221 -20.01 -43.37 -14.77
CA SER F 221 -19.79 -44.67 -14.14
C SER F 221 -20.56 -45.79 -14.83
N THR F 222 -21.53 -45.46 -15.69
CA THR F 222 -22.19 -46.46 -16.52
C THR F 222 -21.31 -46.91 -17.68
N GLY F 223 -20.27 -46.15 -17.99
CA GLY F 223 -19.35 -46.59 -19.02
C GLY F 223 -19.33 -45.65 -20.21
N CYS F 224 -18.22 -44.94 -20.40
CA CYS F 224 -18.08 -44.07 -21.55
C CYS F 224 -17.93 -44.88 -22.84
N GLN F 225 -18.38 -44.28 -23.94
CA GLN F 225 -18.40 -44.94 -25.22
C GLN F 225 -17.68 -44.10 -26.26
N ASN F 226 -17.30 -44.76 -27.35
CA ASN F 226 -16.78 -44.09 -28.54
C ASN F 226 -17.96 -43.49 -29.32
N ASP F 227 -18.50 -42.41 -28.77
CA ASP F 227 -19.74 -41.84 -29.27
C ASP F 227 -19.84 -40.42 -28.76
N ALA F 228 -19.92 -39.44 -29.68
CA ALA F 228 -19.95 -38.05 -29.29
C ALA F 228 -21.36 -37.44 -29.32
N THR F 229 -22.41 -38.27 -29.37
CA THR F 229 -23.77 -37.75 -29.30
C THR F 229 -23.97 -36.89 -28.05
N SER F 230 -23.43 -37.35 -26.93
CA SER F 230 -23.46 -36.59 -25.69
C SER F 230 -22.08 -36.67 -25.07
N ILE F 231 -21.79 -35.66 -24.26
CA ILE F 231 -20.45 -35.40 -23.72
C ILE F 231 -20.57 -35.12 -22.24
N GLY F 232 -19.66 -35.69 -21.46
CA GLY F 232 -19.57 -35.40 -20.04
C GLY F 232 -18.12 -35.45 -19.61
N ILE F 233 -17.84 -35.61 -18.32
CA ILE F 233 -16.47 -35.67 -17.84
C ILE F 233 -16.33 -36.94 -17.00
N LYS F 234 -15.31 -37.73 -17.31
CA LYS F 234 -14.88 -38.82 -16.44
C LYS F 234 -13.74 -38.28 -15.60
N GLY F 235 -13.95 -38.16 -14.30
CA GLY F 235 -13.00 -37.53 -13.40
C GLY F 235 -11.93 -38.47 -12.88
N GLY F 236 -11.44 -38.18 -11.69
CA GLY F 236 -10.39 -38.97 -11.07
C GLY F 236 -9.61 -38.14 -10.09
N ASP F 237 -8.62 -38.78 -9.49
CA ASP F 237 -7.72 -38.06 -8.58
C ASP F 237 -6.90 -37.03 -9.36
N PHE F 238 -6.82 -35.81 -8.83
CA PHE F 238 -5.99 -34.78 -9.47
C PHE F 238 -4.50 -35.05 -9.24
N LEU F 239 -4.20 -35.69 -8.12
CA LEU F 239 -2.80 -35.90 -7.74
C LEU F 239 -2.48 -37.37 -7.53
N LYS F 240 -1.21 -37.73 -7.70
CA LYS F 240 -0.75 -39.08 -7.38
C LYS F 240 0.08 -38.94 -6.10
N THR F 241 -0.08 -39.86 -5.16
CA THR F 241 0.65 -39.79 -3.88
C THR F 241 1.53 -41.04 -3.74
N ALA F 242 2.79 -40.85 -3.36
CA ALA F 242 3.68 -41.98 -3.14
C ALA F 242 4.57 -41.68 -1.95
N ALA F 243 5.25 -42.71 -1.46
CA ALA F 243 6.15 -42.59 -0.33
C ALA F 243 7.59 -42.48 -0.81
N VAL F 244 8.37 -41.64 -0.13
CA VAL F 244 9.82 -41.64 -0.28
C VAL F 244 10.41 -41.93 1.09
N THR F 245 11.59 -42.55 1.09
CA THR F 245 12.21 -43.01 2.31
C THR F 245 13.71 -42.80 2.23
N THR F 246 14.32 -42.58 3.39
CA THR F 246 15.76 -42.62 3.52
C THR F 246 16.09 -43.34 4.82
N THR F 247 17.04 -44.26 4.76
CA THR F 247 17.40 -45.09 5.90
C THR F 247 18.85 -44.79 6.29
N ARG F 248 19.05 -44.40 7.55
CA ARG F 248 20.38 -43.99 8.00
C ARG F 248 21.41 -45.08 7.70
N LEU F 249 22.48 -44.66 7.02
CA LEU F 249 23.55 -45.55 6.61
C LEU F 249 24.75 -45.35 7.52
N ALA F 250 25.23 -46.44 8.10
CA ALA F 250 26.35 -46.35 9.07
C ALA F 250 27.69 -46.56 8.38
N SER F 251 28.36 -45.48 7.95
CA SER F 251 29.73 -45.60 7.40
C SER F 251 30.72 -45.35 8.54
N SER F 252 31.95 -45.82 8.40
CA SER F 252 32.90 -45.67 9.54
C SER F 252 33.18 -44.19 9.77
N ALA F 253 32.96 -43.34 8.76
CA ALA F 253 33.12 -41.91 8.96
C ALA F 253 31.95 -41.27 9.69
N GLY F 254 30.89 -42.03 9.97
CA GLY F 254 29.73 -41.49 10.66
C GLY F 254 28.42 -42.00 10.09
N LYS F 255 27.32 -41.70 10.77
CA LYS F 255 25.99 -42.10 10.32
C LYS F 255 25.36 -40.97 9.52
N THR F 256 24.84 -41.30 8.34
CA THR F 256 24.29 -40.30 7.44
C THR F 256 23.10 -40.88 6.70
N TYR F 257 22.08 -40.05 6.50
CA TYR F 257 20.94 -40.45 5.68
C TYR F 257 21.26 -40.25 4.21
N PRO F 258 21.01 -41.24 3.36
CA PRO F 258 21.17 -41.03 1.92
C PRO F 258 20.19 -39.99 1.39
N ALA F 259 20.58 -39.36 0.28
CA ALA F 259 19.77 -38.33 -0.35
C ALA F 259 18.56 -38.93 -1.05
N ILE F 260 17.43 -38.27 -0.90
CA ILE F 260 16.23 -38.63 -1.66
C ILE F 260 16.29 -37.97 -3.03
N THR F 261 15.85 -38.69 -4.06
CA THR F 261 15.71 -38.14 -5.40
C THR F 261 14.22 -38.07 -5.73
N SER F 262 13.70 -36.84 -5.84
CA SER F 262 12.29 -36.61 -6.14
C SER F 262 12.15 -35.16 -6.62
N THR F 263 12.31 -34.96 -7.92
CA THR F 263 12.36 -33.60 -8.47
C THR F 263 11.01 -33.09 -8.96
N THR F 264 9.99 -33.93 -9.04
CA THR F 264 8.72 -33.54 -9.65
C THR F 264 7.56 -33.58 -8.66
N THR F 265 7.83 -33.44 -7.35
CA THR F 265 6.81 -33.68 -6.34
C THR F 265 6.73 -32.52 -5.36
N ILE F 266 5.69 -32.56 -4.53
CA ILE F 266 5.48 -31.61 -3.45
C ILE F 266 5.34 -32.40 -2.16
N PRO F 267 6.25 -32.25 -1.18
CA PRO F 267 7.50 -31.49 -1.27
C PRO F 267 8.48 -32.17 -2.21
N ASN F 268 9.52 -31.47 -2.63
CA ASN F 268 10.54 -32.03 -3.50
C ASN F 268 11.75 -32.47 -2.68
N ASP F 269 12.73 -33.08 -3.36
CA ASP F 269 13.85 -33.67 -2.65
C ASP F 269 14.69 -32.62 -1.93
N LYS F 270 14.89 -31.45 -2.55
CA LYS F 270 15.70 -30.42 -1.93
C LYS F 270 15.10 -30.01 -0.59
N THR F 271 13.77 -29.82 -0.55
CA THR F 271 13.11 -29.51 0.70
C THR F 271 13.28 -30.63 1.71
N LEU F 272 13.04 -31.88 1.30
CA LEU F 272 13.18 -33.00 2.22
C LEU F 272 14.61 -33.17 2.69
N ASN F 273 15.58 -33.18 1.76
CA ASN F 273 16.95 -33.45 2.13
C ASN F 273 17.52 -32.39 3.07
N LYS F 274 17.15 -31.13 2.86
CA LYS F 274 17.60 -30.09 3.78
C LYS F 274 17.09 -30.37 5.19
N ALA F 275 15.82 -30.73 5.31
CA ALA F 275 15.26 -31.01 6.63
C ALA F 275 15.87 -32.26 7.25
N VAL F 276 16.17 -33.27 6.44
CA VAL F 276 16.70 -34.51 6.99
C VAL F 276 18.10 -34.28 7.56
N THR F 277 18.90 -33.44 6.90
CA THR F 277 20.21 -33.10 7.42
C THR F 277 20.11 -32.52 8.84
N ALA F 278 19.08 -31.70 9.09
CA ALA F 278 18.92 -31.13 10.42
C ALA F 278 18.39 -32.17 11.42
N ILE F 279 17.65 -33.17 10.94
CA ILE F 279 17.23 -34.25 11.83
C ILE F 279 18.44 -34.97 12.42
N ARG F 280 19.44 -35.25 11.58
CA ARG F 280 20.65 -35.90 12.05
C ARG F 280 21.37 -35.04 13.08
N GLU F 281 21.33 -33.72 12.91
CA GLU F 281 21.92 -32.83 13.90
C GLU F 281 21.16 -32.91 15.23
N LEU F 282 19.83 -33.07 15.15
CA LEU F 282 19.04 -33.28 16.35
C LEU F 282 19.45 -34.56 17.06
N GLU F 283 19.59 -35.66 16.31
CA GLU F 283 20.04 -36.91 16.90
C GLU F 283 21.40 -36.76 17.55
N THR F 284 22.31 -36.06 16.88
CA THR F 284 23.63 -35.81 17.45
C THR F 284 23.52 -34.98 18.73
N ALA F 285 22.70 -33.93 18.70
CA ALA F 285 22.53 -33.09 19.90
C ALA F 285 21.87 -33.87 21.02
N VAL F 286 20.94 -34.77 20.69
CA VAL F 286 20.24 -35.52 21.72
C VAL F 286 21.19 -36.51 22.40
N ALA F 287 22.06 -37.16 21.62
CA ALA F 287 23.04 -38.06 22.20
C ALA F 287 23.95 -37.32 23.18
N ALA F 288 24.34 -36.09 22.85
CA ALA F 288 25.18 -35.31 23.76
C ALA F 288 24.42 -34.94 25.02
N LEU F 289 23.12 -34.67 24.90
CA LEU F 289 22.31 -34.39 26.08
C LEU F 289 22.18 -35.64 26.95
N ASP F 290 22.04 -36.82 26.34
CA ASP F 290 21.98 -38.07 27.09
C ASP F 290 23.28 -38.37 27.81
N ALA F 291 24.37 -37.75 27.36
CA ALA F 291 25.68 -38.07 27.96
C ALA F 291 25.77 -37.43 29.35
N ILE F 292 25.31 -36.19 29.47
CA ILE F 292 25.45 -35.46 30.76
C ILE F 292 24.85 -36.32 31.88
N SER F 293 23.83 -37.11 31.57
CA SER F 293 23.24 -38.01 32.60
C SER F 293 23.74 -39.43 32.36
#